data_5JXX
#
_entry.id   5JXX
#
_cell.length_a   79.611
_cell.length_b   136.897
_cell.length_c   90.585
_cell.angle_alpha   90.00
_cell.angle_beta   91.64
_cell.angle_gamma   90.00
#
_symmetry.space_group_name_H-M   'P 1 21 1'
#
loop_
_entity.id
_entity.type
_entity.pdbx_description
1 polymer 'Acyl-[acyl-carrier-protein]--UDP-N-acetylglucosamine O-acyltransferase'
2 non-polymer GLYCEROL
3 non-polymer 'CITRATE ANION'
4 water water
#
_entity_poly.entity_id   1
_entity_poly.type   'polypeptide(L)'
_entity_poly.pdbx_seq_one_letter_code
;MTIHPTAIIDKSAMIADSAIIGPYCIVGKNSQIGAHTVLRSHVIIGENTKIGVHNDIYQFASIGENPQDLKYAGEQTYLE
IGDHNRIREACTIHRGTVQDRGITRIGNQNLLMVNVHIAHDCVVGDDNVLANNVGVAGHAHIGNHVIIGGQSGVHQFCRI
DDYSMVGGASLIVKDVAAYVMASGNPAKAHGLNKEGMRRKGWSKDTIKALDEAYRLVFRSGLLRDEALDELTKLVEKEPK
IQLLIDSINNSKRGLVR
;
_entity_poly.pdbx_strand_id   A,B,C,D,E,F
#
loop_
_chem_comp.id
_chem_comp.type
_chem_comp.name
_chem_comp.formula
FLC non-polymer 'CITRATE ANION' 'C6 H5 O7 -3'
GOL non-polymer GLYCEROL 'C3 H8 O3'
#
# COMPACT_ATOMS: atom_id res chain seq x y z
N MET A 1 4.42 24.37 -14.74
CA MET A 1 5.41 25.26 -14.13
C MET A 1 6.39 24.47 -13.24
N THR A 2 5.87 23.63 -12.35
CA THR A 2 6.70 22.64 -11.67
C THR A 2 6.98 21.41 -12.53
N ILE A 3 6.27 21.24 -13.64
CA ILE A 3 6.45 20.11 -14.54
C ILE A 3 7.08 20.63 -15.82
N HIS A 4 8.19 20.02 -16.24
CA HIS A 4 8.91 20.46 -17.41
C HIS A 4 8.10 20.13 -18.67
N PRO A 5 8.10 21.01 -19.67
CA PRO A 5 7.33 20.73 -20.89
C PRO A 5 7.68 19.40 -21.56
N THR A 6 8.96 19.06 -21.62
CA THR A 6 9.39 17.84 -22.29
C THR A 6 9.07 16.57 -21.50
N ALA A 7 8.42 16.68 -20.35
CA ALA A 7 8.02 15.50 -19.59
C ALA A 7 6.74 14.91 -20.17
N ILE A 8 6.69 13.58 -20.22
CA ILE A 8 5.53 12.85 -20.74
C ILE A 8 4.79 12.25 -19.56
N ILE A 9 3.55 12.68 -19.34
CA ILE A 9 2.74 12.21 -18.22
C ILE A 9 1.41 11.68 -18.76
N ASP A 10 1.07 10.47 -18.36
CA ASP A 10 -0.23 9.92 -18.71
C ASP A 10 -1.33 10.72 -18.04
N LYS A 11 -2.48 10.77 -18.71
CA LYS A 11 -3.62 11.52 -18.18
C LYS A 11 -4.11 10.96 -16.85
N SER A 12 -4.03 9.64 -16.68
CA SER A 12 -4.55 9.01 -15.48
C SER A 12 -3.66 9.19 -14.26
N ALA A 13 -2.44 9.70 -14.43
CA ALA A 13 -1.53 9.90 -13.32
C ALA A 13 -1.89 11.17 -12.54
N MET A 14 -1.71 11.13 -11.23
CA MET A 14 -1.99 12.26 -10.36
C MET A 14 -0.68 12.81 -9.81
N ILE A 15 -0.46 14.11 -10.00
CA ILE A 15 0.73 14.80 -9.52
C ILE A 15 0.28 15.94 -8.62
N ALA A 16 0.88 16.03 -7.44
CA ALA A 16 0.58 17.12 -6.53
C ALA A 16 1.09 18.45 -7.09
N ASP A 17 0.53 19.54 -6.56
CA ASP A 17 0.92 20.88 -7.03
C ASP A 17 2.38 21.17 -6.71
N SER A 18 2.84 20.80 -5.52
CA SER A 18 4.20 21.12 -5.08
C SER A 18 5.25 20.13 -5.60
N ALA A 19 4.84 19.09 -6.32
CA ALA A 19 5.80 18.14 -6.87
C ALA A 19 6.41 18.70 -8.16
N ILE A 20 7.73 18.60 -8.25
CA ILE A 20 8.49 19.11 -9.40
C ILE A 20 9.02 17.93 -10.20
N ILE A 21 8.71 17.91 -11.50
CA ILE A 21 9.17 16.88 -12.41
C ILE A 21 10.04 17.54 -13.47
N GLY A 22 11.29 17.10 -13.57
CA GLY A 22 12.26 17.71 -14.44
C GLY A 22 12.11 17.26 -15.88
N PRO A 23 13.13 17.55 -16.70
CA PRO A 23 13.02 17.26 -18.13
C PRO A 23 13.12 15.77 -18.44
N TYR A 24 12.41 15.37 -19.49
CA TYR A 24 12.54 14.05 -20.10
C TYR A 24 12.12 12.92 -19.16
N CYS A 25 11.19 13.20 -18.25
CA CYS A 25 10.63 12.17 -17.39
C CYS A 25 9.35 11.61 -17.99
N ILE A 26 9.06 10.35 -17.65
CA ILE A 26 7.87 9.66 -18.15
C ILE A 26 7.15 9.04 -16.97
N VAL A 27 5.85 9.32 -16.83
CA VAL A 27 5.00 8.77 -15.80
C VAL A 27 3.91 7.94 -16.45
N GLY A 28 3.66 6.75 -15.91
CA GLY A 28 2.79 5.78 -16.53
C GLY A 28 1.35 5.85 -16.08
N LYS A 29 0.61 4.78 -16.38
CA LYS A 29 -0.81 4.72 -16.10
C LYS A 29 -1.08 4.45 -14.63
N ASN A 30 -2.04 5.20 -14.06
CA ASN A 30 -2.53 4.99 -12.71
C ASN A 30 -1.41 5.07 -11.68
N SER A 31 -0.58 6.11 -11.80
CA SER A 31 0.49 6.37 -10.85
C SER A 31 0.22 7.68 -10.12
N GLN A 32 0.82 7.81 -8.94
CA GLN A 32 0.62 8.98 -8.09
C GLN A 32 1.95 9.46 -7.53
N ILE A 33 2.13 10.78 -7.50
CA ILE A 33 3.32 11.42 -6.94
C ILE A 33 2.87 12.41 -5.89
N GLY A 34 3.45 12.31 -4.68
CA GLY A 34 3.04 13.13 -3.57
C GLY A 34 3.56 14.56 -3.65
N ALA A 35 3.27 15.31 -2.60
CA ALA A 35 3.68 16.70 -2.52
C ALA A 35 5.18 16.82 -2.26
N HIS A 36 5.76 17.92 -2.76
CA HIS A 36 7.14 18.31 -2.45
C HIS A 36 8.15 17.23 -2.88
N THR A 37 7.79 16.44 -3.89
CA THR A 37 8.63 15.36 -4.39
C THR A 37 9.36 15.81 -5.66
N VAL A 38 10.65 15.51 -5.73
CA VAL A 38 11.52 15.99 -6.81
C VAL A 38 11.91 14.82 -7.69
N LEU A 39 11.58 14.92 -8.99
CA LEU A 39 12.07 14.02 -10.02
C LEU A 39 13.01 14.84 -10.89
N ARG A 40 14.32 14.59 -10.74
CA ARG A 40 15.31 15.52 -11.25
C ARG A 40 15.31 15.58 -12.78
N SER A 41 15.52 14.43 -13.42
CA SER A 41 15.48 14.33 -14.87
C SER A 41 15.64 12.86 -15.23
N HIS A 42 15.21 12.49 -16.44
CA HIS A 42 15.37 11.13 -16.95
C HIS A 42 14.94 10.09 -15.92
N VAL A 43 13.71 10.23 -15.41
CA VAL A 43 13.15 9.30 -14.46
C VAL A 43 11.97 8.58 -15.10
N ILE A 44 11.92 7.26 -14.95
CA ILE A 44 10.83 6.46 -15.46
C ILE A 44 9.95 6.07 -14.28
N ILE A 45 8.67 6.44 -14.36
CA ILE A 45 7.68 6.02 -13.37
C ILE A 45 6.73 5.08 -14.09
N GLY A 46 6.78 3.80 -13.73
CA GLY A 46 5.95 2.81 -14.38
C GLY A 46 4.50 2.92 -13.98
N GLU A 47 3.69 2.07 -14.60
CA GLU A 47 2.27 2.03 -14.25
C GLU A 47 2.09 1.52 -12.82
N ASN A 48 0.97 1.91 -12.22
CA ASN A 48 0.56 1.41 -10.92
C ASN A 48 1.66 1.61 -9.87
N THR A 49 2.03 2.86 -9.67
CA THR A 49 3.13 3.20 -8.77
C THR A 49 2.72 4.37 -7.90
N LYS A 50 2.82 4.19 -6.59
CA LYS A 50 2.50 5.25 -5.62
C LYS A 50 3.78 5.75 -4.98
N ILE A 51 3.96 7.06 -4.97
CA ILE A 51 5.14 7.70 -4.42
C ILE A 51 4.70 8.76 -3.41
N GLY A 52 5.30 8.71 -2.22
CA GLY A 52 4.93 9.61 -1.14
C GLY A 52 5.43 11.02 -1.32
N VAL A 53 5.70 11.69 -0.20
CA VAL A 53 6.05 13.11 -0.21
C VAL A 53 7.53 13.28 0.12
N HIS A 54 8.08 14.40 -0.35
CA HIS A 54 9.46 14.80 -0.05
C HIS A 54 10.47 13.75 -0.50
N ASN A 55 10.17 13.02 -1.57
CA ASN A 55 11.10 12.06 -2.14
C ASN A 55 12.00 12.76 -3.15
N ASP A 56 13.23 12.26 -3.25
CA ASP A 56 14.24 12.80 -4.16
C ASP A 56 14.76 11.65 -5.01
N ILE A 57 14.36 11.62 -6.28
CA ILE A 57 14.71 10.53 -7.19
C ILE A 57 15.62 11.10 -8.27
N TYR A 58 16.81 10.52 -8.39
CA TYR A 58 17.82 11.03 -9.31
C TYR A 58 17.64 10.45 -10.70
N GLN A 59 18.54 10.85 -11.61
CA GLN A 59 18.38 10.55 -13.02
C GLN A 59 18.58 9.08 -13.33
N PHE A 60 17.97 8.64 -14.43
CA PHE A 60 18.14 7.30 -14.98
C PHE A 60 17.62 6.21 -14.05
N ALA A 61 16.74 6.58 -13.11
CA ALA A 61 16.15 5.62 -12.19
C ALA A 61 14.83 5.12 -12.75
N SER A 62 14.63 3.81 -12.71
CA SER A 62 13.40 3.17 -13.17
C SER A 62 12.57 2.77 -11.96
N ILE A 63 11.51 3.53 -11.69
CA ILE A 63 10.66 3.33 -10.52
C ILE A 63 9.35 2.73 -10.99
N GLY A 64 9.12 1.46 -10.67
CA GLY A 64 7.86 0.82 -10.99
C GLY A 64 7.81 0.09 -12.32
N GLU A 65 8.93 -0.44 -12.78
CA GLU A 65 8.96 -1.16 -14.05
C GLU A 65 8.50 -2.61 -13.84
N ASN A 66 8.22 -3.28 -14.95
CA ASN A 66 7.72 -4.65 -14.91
C ASN A 66 8.73 -5.58 -14.24
N PRO A 67 8.25 -6.60 -13.53
CA PRO A 67 9.16 -7.55 -12.89
C PRO A 67 10.01 -8.30 -13.91
N GLN A 68 11.08 -8.91 -13.41
CA GLN A 68 11.93 -9.79 -14.21
C GLN A 68 11.63 -11.26 -14.00
N ASP A 69 10.54 -11.58 -13.31
CA ASP A 69 10.17 -12.97 -13.10
C ASP A 69 9.75 -13.61 -14.42
N LEU A 70 10.30 -14.78 -14.71
CA LEU A 70 10.01 -15.45 -15.98
C LEU A 70 8.54 -15.82 -16.11
N LYS A 71 7.85 -16.02 -14.99
CA LYS A 71 6.45 -16.40 -15.01
C LYS A 71 5.49 -15.22 -15.03
N TYR A 72 5.96 -14.01 -14.72
CA TYR A 72 5.11 -12.83 -14.80
C TYR A 72 4.61 -12.65 -16.24
N ALA A 73 3.30 -12.61 -16.40
CA ALA A 73 2.67 -12.55 -17.71
C ALA A 73 1.93 -11.24 -17.95
N GLY A 74 2.42 -10.14 -17.38
CA GLY A 74 1.84 -8.84 -17.66
C GLY A 74 0.57 -8.53 -16.91
N GLU A 75 0.39 -9.07 -15.71
CA GLU A 75 -0.82 -8.82 -14.94
C GLU A 75 -0.76 -7.43 -14.32
N GLN A 76 -1.70 -7.14 -13.43
CA GLN A 76 -1.81 -5.85 -12.77
C GLN A 76 -1.16 -5.94 -11.39
N THR A 77 -0.02 -5.26 -11.24
CA THR A 77 0.75 -5.28 -10.00
C THR A 77 1.22 -3.87 -9.69
N TYR A 78 1.63 -3.66 -8.44
CA TYR A 78 1.79 -2.32 -7.90
C TYR A 78 3.11 -2.18 -7.16
N LEU A 79 3.54 -0.91 -7.00
CA LEU A 79 4.70 -0.54 -6.20
C LEU A 79 4.33 0.64 -5.32
N GLU A 80 4.75 0.58 -4.06
CA GLU A 80 4.47 1.63 -3.09
C GLU A 80 5.78 2.17 -2.51
N ILE A 81 5.92 3.48 -2.46
CA ILE A 81 7.09 4.15 -1.91
C ILE A 81 6.63 5.17 -0.88
N GLY A 82 7.29 5.18 0.28
CA GLY A 82 6.94 6.10 1.35
C GLY A 82 7.45 7.51 1.15
N ASP A 83 7.85 8.15 2.24
CA ASP A 83 8.24 9.56 2.23
C ASP A 83 9.72 9.73 2.54
N HIS A 84 10.24 10.90 2.16
CA HIS A 84 11.59 11.34 2.52
C HIS A 84 12.66 10.33 2.10
N ASN A 85 12.53 9.81 0.89
CA ASN A 85 13.48 8.85 0.35
C ASN A 85 14.37 9.52 -0.69
N ARG A 86 15.67 9.21 -0.64
CA ARG A 86 16.64 9.66 -1.62
C ARG A 86 17.05 8.46 -2.46
N ILE A 87 16.59 8.43 -3.70
CA ILE A 87 16.85 7.33 -4.62
C ILE A 87 17.82 7.85 -5.67
N ARG A 88 19.03 7.30 -5.69
CA ARG A 88 20.11 7.82 -6.52
C ARG A 88 20.03 7.27 -7.94
N GLU A 89 21.05 7.58 -8.73
CA GLU A 89 21.04 7.28 -10.16
C GLU A 89 20.94 5.79 -10.42
N ALA A 90 20.33 5.44 -11.55
CA ALA A 90 20.29 4.09 -12.11
C ALA A 90 19.56 3.09 -11.23
N CYS A 91 18.87 3.54 -10.18
CA CYS A 91 18.15 2.62 -9.32
C CYS A 91 16.98 2.00 -10.08
N THR A 92 16.78 0.70 -9.88
CA THR A 92 15.70 -0.03 -10.51
C THR A 92 14.86 -0.70 -9.42
N ILE A 93 13.60 -0.30 -9.33
CA ILE A 93 12.63 -0.90 -8.42
C ILE A 93 11.47 -1.42 -9.24
N HIS A 94 11.18 -2.70 -9.12
CA HIS A 94 10.18 -3.37 -9.94
C HIS A 94 8.94 -3.70 -9.12
N ARG A 95 7.80 -3.73 -9.81
CA ARG A 95 6.53 -4.03 -9.16
C ARG A 95 6.45 -5.51 -8.81
N GLY A 96 5.46 -5.85 -7.98
CA GLY A 96 5.30 -7.22 -7.53
C GLY A 96 4.82 -8.16 -8.62
N THR A 97 4.62 -9.42 -8.24
CA THR A 97 4.01 -10.43 -9.08
C THR A 97 2.77 -10.97 -8.37
N VAL A 98 1.73 -11.28 -9.15
CA VAL A 98 0.46 -11.72 -8.58
C VAL A 98 0.59 -13.01 -7.78
N GLN A 99 1.67 -13.77 -7.99
CA GLN A 99 1.88 -15.00 -7.24
C GLN A 99 2.23 -14.76 -5.78
N ASP A 100 2.57 -13.52 -5.39
CA ASP A 100 2.93 -13.19 -4.00
C ASP A 100 2.40 -11.78 -3.70
N ARG A 101 1.11 -11.70 -3.36
CA ARG A 101 0.46 -10.45 -2.95
C ARG A 101 0.43 -9.40 -4.05
N GLY A 102 1.36 -9.46 -5.00
CA GLY A 102 1.36 -8.56 -6.14
C GLY A 102 1.69 -7.12 -5.81
N ILE A 103 2.60 -6.89 -4.88
CA ILE A 103 2.98 -5.54 -4.47
C ILE A 103 4.44 -5.55 -4.04
N THR A 104 5.14 -4.45 -4.32
CA THR A 104 6.47 -4.17 -3.79
C THR A 104 6.38 -2.93 -2.92
N ARG A 105 6.99 -2.97 -1.74
CA ARG A 105 6.88 -1.91 -0.75
C ARG A 105 8.25 -1.46 -0.27
N ILE A 106 8.45 -0.14 -0.19
CA ILE A 106 9.59 0.45 0.49
C ILE A 106 9.08 1.55 1.41
N GLY A 107 9.78 1.75 2.52
CA GLY A 107 9.31 2.64 3.58
C GLY A 107 9.72 4.09 3.45
N ASN A 108 10.22 4.66 4.56
CA ASN A 108 10.52 6.09 4.66
C ASN A 108 11.98 6.29 5.05
N GLN A 109 12.50 7.48 4.76
CA GLN A 109 13.85 7.89 5.17
C GLN A 109 14.93 6.94 4.67
N ASN A 110 14.73 6.39 3.48
CA ASN A 110 15.69 5.43 2.92
C ASN A 110 16.67 6.13 1.99
N LEU A 111 17.89 5.60 1.94
CA LEU A 111 18.92 6.05 1.03
C LEU A 111 19.30 4.88 0.13
N LEU A 112 19.00 4.99 -1.16
CA LEU A 112 19.34 3.98 -2.15
C LEU A 112 20.40 4.58 -3.07
N MET A 113 21.64 4.13 -2.93
CA MET A 113 22.76 4.71 -3.66
C MET A 113 22.70 4.26 -5.13
N VAL A 114 23.78 4.54 -5.86
CA VAL A 114 23.78 4.35 -7.32
C VAL A 114 23.53 2.89 -7.65
N ASN A 115 22.62 2.65 -8.59
CA ASN A 115 22.34 1.32 -9.14
C ASN A 115 21.96 0.32 -8.05
N VAL A 116 20.98 0.69 -7.24
CA VAL A 116 20.39 -0.22 -6.25
C VAL A 116 19.17 -0.88 -6.88
N HIS A 117 19.20 -2.20 -6.99
CA HIS A 117 18.12 -2.96 -7.58
C HIS A 117 17.21 -3.51 -6.48
N ILE A 118 15.91 -3.26 -6.61
CA ILE A 118 14.90 -3.79 -5.70
C ILE A 118 13.94 -4.60 -6.55
N ALA A 119 14.07 -5.92 -6.50
CA ALA A 119 13.32 -6.79 -7.40
C ALA A 119 11.85 -6.87 -6.98
N HIS A 120 11.08 -7.61 -7.76
CA HIS A 120 9.64 -7.77 -7.52
C HIS A 120 9.36 -8.31 -6.13
N ASP A 121 8.28 -7.81 -5.53
CA ASP A 121 7.70 -8.33 -4.29
C ASP A 121 8.58 -8.11 -3.07
N CYS A 122 9.54 -7.19 -3.13
CA CYS A 122 10.35 -6.91 -1.97
C CYS A 122 9.59 -6.03 -0.98
N VAL A 123 10.00 -6.11 0.29
CA VAL A 123 9.45 -5.27 1.34
C VAL A 123 10.61 -4.62 2.09
N VAL A 124 10.65 -3.29 2.09
CA VAL A 124 11.73 -2.52 2.70
C VAL A 124 11.14 -1.58 3.73
N GLY A 125 11.73 -1.56 4.92
CA GLY A 125 11.25 -0.72 6.01
C GLY A 125 11.74 0.72 5.93
N ASP A 126 12.03 1.31 7.08
CA ASP A 126 12.42 2.72 7.16
C ASP A 126 13.88 2.86 7.58
N ASP A 127 14.43 4.05 7.32
CA ASP A 127 15.76 4.45 7.78
C ASP A 127 16.84 3.46 7.31
N ASN A 128 16.69 2.96 6.09
CA ASN A 128 17.65 2.01 5.54
C ASN A 128 18.62 2.73 4.62
N VAL A 129 19.83 2.17 4.52
CA VAL A 129 20.90 2.74 3.70
C VAL A 129 21.46 1.60 2.85
N LEU A 130 21.12 1.59 1.57
CA LEU A 130 21.66 0.61 0.63
C LEU A 130 22.74 1.30 -0.20
N ALA A 131 23.94 0.75 -0.18
CA ALA A 131 25.08 1.39 -0.82
C ALA A 131 25.08 1.10 -2.31
N ASN A 132 26.15 1.51 -2.99
CA ASN A 132 26.23 1.39 -4.44
C ASN A 132 26.12 -0.07 -4.89
N ASN A 133 25.48 -0.27 -6.04
CA ASN A 133 25.48 -1.56 -6.75
C ASN A 133 24.92 -2.69 -5.89
N VAL A 134 24.03 -2.38 -4.96
CA VAL A 134 23.40 -3.41 -4.14
C VAL A 134 22.24 -4.01 -4.92
N GLY A 135 22.26 -5.34 -5.07
CA GLY A 135 21.17 -6.02 -5.73
C GLY A 135 20.38 -6.89 -4.78
N VAL A 136 19.08 -6.65 -4.69
CA VAL A 136 18.20 -7.37 -3.78
C VAL A 136 17.19 -8.13 -4.62
N ALA A 137 17.25 -9.47 -4.54
CA ALA A 137 16.41 -10.31 -5.36
C ALA A 137 14.96 -10.30 -4.84
N GLY A 138 14.09 -10.96 -5.60
CA GLY A 138 12.67 -10.87 -5.32
C GLY A 138 12.30 -11.48 -3.99
N HIS A 139 11.20 -10.99 -3.42
CA HIS A 139 10.56 -11.50 -2.21
C HIS A 139 11.38 -11.27 -0.95
N ALA A 140 12.42 -10.43 -1.01
CA ALA A 140 13.25 -10.21 0.16
C ALA A 140 12.59 -9.22 1.11
N HIS A 141 13.06 -9.24 2.36
CA HIS A 141 12.55 -8.36 3.41
C HIS A 141 13.72 -7.58 4.01
N ILE A 142 13.64 -6.26 3.94
CA ILE A 142 14.58 -5.36 4.62
C ILE A 142 13.85 -4.71 5.78
N GLY A 143 14.42 -4.82 6.98
CA GLY A 143 13.80 -4.26 8.16
C GLY A 143 13.95 -2.76 8.27
N ASN A 144 14.24 -2.27 9.47
CA ASN A 144 14.41 -0.86 9.73
C ASN A 144 15.81 -0.58 10.26
N HIS A 145 16.33 0.60 9.91
CA HIS A 145 17.66 1.03 10.35
C HIS A 145 18.75 0.04 9.94
N VAL A 146 18.59 -0.52 8.73
CA VAL A 146 19.51 -1.52 8.21
C VAL A 146 20.50 -0.83 7.27
N ILE A 147 21.75 -1.31 7.28
CA ILE A 147 22.78 -0.84 6.37
C ILE A 147 23.31 -2.05 5.60
N ILE A 148 23.39 -1.94 4.28
CA ILE A 148 23.92 -3.00 3.43
C ILE A 148 25.06 -2.42 2.60
N GLY A 149 26.23 -3.03 2.69
CA GLY A 149 27.42 -2.50 2.05
C GLY A 149 27.36 -2.59 0.54
N GLY A 150 28.27 -1.85 -0.10
CA GLY A 150 28.25 -1.73 -1.55
C GLY A 150 28.53 -3.04 -2.25
N GLN A 151 27.93 -3.18 -3.44
CA GLN A 151 28.13 -4.34 -4.31
C GLN A 151 27.76 -5.65 -3.63
N SER A 152 26.83 -5.60 -2.69
CA SER A 152 26.36 -6.79 -2.00
C SER A 152 25.13 -7.35 -2.70
N GLY A 153 24.93 -8.66 -2.55
CA GLY A 153 23.81 -9.32 -3.19
C GLY A 153 22.96 -10.11 -2.21
N VAL A 154 21.68 -9.77 -2.13
CA VAL A 154 20.72 -10.48 -1.28
C VAL A 154 19.97 -11.47 -2.14
N HIS A 155 19.99 -12.74 -1.75
CA HIS A 155 19.26 -13.75 -2.50
C HIS A 155 17.76 -13.62 -2.23
N GLN A 156 16.97 -14.16 -3.15
CA GLN A 156 15.52 -14.10 -3.03
C GLN A 156 15.05 -14.72 -1.72
N PHE A 157 13.95 -14.18 -1.19
CA PHE A 157 13.24 -14.65 0.00
C PHE A 157 14.00 -14.42 1.29
N CYS A 158 15.19 -13.81 1.24
CA CYS A 158 16.02 -13.65 2.43
C CYS A 158 15.48 -12.53 3.31
N ARG A 159 15.63 -12.72 4.63
CA ARG A 159 15.19 -11.76 5.62
C ARG A 159 16.39 -10.97 6.12
N ILE A 160 16.28 -9.64 6.11
CA ILE A 160 17.30 -8.75 6.67
C ILE A 160 16.61 -7.91 7.72
N ASP A 161 16.62 -8.38 8.96
CA ASP A 161 15.85 -7.77 10.03
C ASP A 161 16.53 -6.50 10.54
N ASP A 162 15.88 -5.85 11.50
CA ASP A 162 16.22 -4.47 11.87
C ASP A 162 17.60 -4.37 12.49
N TYR A 163 18.20 -3.19 12.34
CA TYR A 163 19.46 -2.81 12.97
C TYR A 163 20.61 -3.75 12.61
N SER A 164 20.49 -4.50 11.52
CA SER A 164 21.58 -5.33 11.05
C SER A 164 22.50 -4.51 10.15
N MET A 165 23.65 -5.09 9.81
CA MET A 165 24.60 -4.41 8.93
C MET A 165 25.33 -5.44 8.11
N VAL A 166 25.15 -5.38 6.79
CA VAL A 166 25.80 -6.29 5.86
C VAL A 166 27.02 -5.59 5.28
N GLY A 167 28.17 -6.27 5.33
CA GLY A 167 29.39 -5.70 4.82
C GLY A 167 29.39 -5.60 3.29
N GLY A 168 30.34 -4.82 2.78
CA GLY A 168 30.46 -4.65 1.35
C GLY A 168 30.86 -5.94 0.66
N ALA A 169 30.38 -6.08 -0.58
CA ALA A 169 30.69 -7.24 -1.42
C ALA A 169 30.32 -8.56 -0.73
N SER A 170 29.19 -8.56 -0.04
CA SER A 170 28.72 -9.74 0.68
C SER A 170 27.61 -10.42 -0.13
N LEU A 171 27.53 -11.74 0.00
CA LEU A 171 26.51 -12.52 -0.69
C LEU A 171 25.64 -13.18 0.37
N ILE A 172 24.39 -12.72 0.47
CA ILE A 172 23.45 -13.17 1.49
C ILE A 172 22.56 -14.27 0.91
N VAL A 173 22.73 -15.51 1.40
CA VAL A 173 21.93 -16.64 0.96
C VAL A 173 20.88 -17.00 2.00
N LYS A 174 21.15 -16.70 3.26
CA LYS A 174 20.25 -17.04 4.36
C LYS A 174 19.71 -15.76 4.99
N ASP A 175 18.94 -15.94 6.06
CA ASP A 175 18.29 -14.83 6.74
C ASP A 175 19.21 -14.22 7.78
N VAL A 176 19.32 -12.90 7.77
CA VAL A 176 20.14 -12.16 8.72
C VAL A 176 19.24 -11.70 9.85
N ALA A 177 19.53 -12.17 11.07
CA ALA A 177 18.75 -11.79 12.23
C ALA A 177 18.99 -10.32 12.59
N ALA A 178 18.18 -9.82 13.53
CA ALA A 178 18.29 -8.44 13.96
C ALA A 178 19.62 -8.19 14.68
N TYR A 179 20.14 -6.98 14.50
CA TYR A 179 21.37 -6.47 15.12
C TYR A 179 22.62 -7.21 14.65
N VAL A 180 22.51 -8.14 13.70
CA VAL A 180 23.64 -8.98 13.32
C VAL A 180 24.53 -8.25 12.33
N MET A 181 25.83 -8.51 12.42
CA MET A 181 26.83 -8.01 11.48
C MET A 181 27.31 -9.18 10.64
N ALA A 182 26.99 -9.16 9.35
CA ALA A 182 27.36 -10.23 8.42
C ALA A 182 28.16 -9.65 7.26
N SER A 183 29.13 -10.43 6.78
CA SER A 183 29.98 -10.02 5.67
C SER A 183 30.74 -11.23 5.15
N GLY A 184 31.13 -11.15 3.88
CA GLY A 184 31.95 -12.17 3.25
C GLY A 184 31.22 -12.87 2.12
N ASN A 185 31.94 -13.78 1.48
CA ASN A 185 31.39 -14.58 0.39
C ASN A 185 31.90 -16.02 0.51
N PRO A 186 31.06 -16.93 1.04
CA PRO A 186 29.72 -16.68 1.57
C PRO A 186 29.74 -15.92 2.90
N ALA A 187 28.73 -15.08 3.13
CA ALA A 187 28.72 -14.22 4.30
C ALA A 187 28.64 -15.05 5.58
N LYS A 188 29.18 -14.48 6.66
CA LYS A 188 29.24 -15.14 7.95
C LYS A 188 28.99 -14.13 9.05
N ALA A 189 28.37 -14.59 10.14
CA ALA A 189 28.06 -13.71 11.25
C ALA A 189 29.32 -13.32 12.01
N HIS A 190 29.53 -12.03 12.22
CA HIS A 190 30.74 -11.49 12.83
C HIS A 190 30.42 -10.56 13.99
N GLY A 191 29.62 -11.04 14.94
CA GLY A 191 29.34 -10.27 16.13
C GLY A 191 28.07 -9.44 16.03
N LEU A 192 28.02 -8.42 16.90
CA LEU A 192 26.84 -7.58 17.04
C LEU A 192 27.15 -6.16 16.60
N ASN A 193 26.13 -5.47 16.12
CA ASN A 193 26.25 -4.09 15.64
C ASN A 193 26.23 -3.11 16.82
N LYS A 194 27.27 -3.20 17.65
CA LYS A 194 27.35 -2.28 18.78
C LYS A 194 27.56 -0.85 18.32
N GLU A 195 28.31 -0.64 17.24
CA GLU A 195 28.57 0.72 16.74
C GLU A 195 27.27 1.49 16.51
N GLY A 196 26.26 0.83 15.93
CA GLY A 196 25.02 1.53 15.61
C GLY A 196 24.27 2.00 16.84
N MET A 197 24.06 1.10 17.80
CA MET A 197 23.33 1.49 19.01
C MET A 197 24.16 2.36 19.95
N ARG A 198 25.50 2.41 19.78
CA ARG A 198 26.26 3.44 20.48
C ARG A 198 26.09 4.80 19.83
N ARG A 199 26.04 4.84 18.49
CA ARG A 199 25.78 6.12 17.81
C ARG A 199 24.38 6.63 18.14
N LYS A 200 23.42 5.72 18.30
CA LYS A 200 22.04 6.10 18.58
C LYS A 200 21.79 6.33 20.07
N GLY A 201 22.82 6.23 20.92
CA GLY A 201 22.68 6.55 22.32
C GLY A 201 21.78 5.62 23.11
N TRP A 202 22.17 4.35 23.21
CA TRP A 202 21.45 3.36 23.98
C TRP A 202 22.21 3.07 25.28
N SER A 203 21.47 2.66 26.30
CA SER A 203 22.08 2.40 27.60
C SER A 203 23.07 1.24 27.49
N LYS A 204 24.24 1.41 28.13
CA LYS A 204 25.29 0.40 28.04
C LYS A 204 24.82 -0.94 28.58
N ASP A 205 23.94 -0.93 29.58
CA ASP A 205 23.36 -2.18 30.08
C ASP A 205 22.55 -2.87 29.00
N THR A 206 21.75 -2.10 28.25
CA THR A 206 20.96 -2.67 27.17
C THR A 206 21.84 -3.31 26.10
N ILE A 207 22.93 -2.64 25.74
CA ILE A 207 23.84 -3.18 24.73
C ILE A 207 24.53 -4.44 25.24
N LYS A 208 24.96 -4.44 26.50
CA LYS A 208 25.60 -5.62 27.06
C LYS A 208 24.63 -6.80 27.11
N ALA A 209 23.37 -6.54 27.46
CA ALA A 209 22.37 -7.60 27.49
C ALA A 209 22.11 -8.15 26.09
N LEU A 210 21.96 -7.25 25.11
CA LEU A 210 21.75 -7.69 23.74
C LEU A 210 22.93 -8.52 23.24
N ASP A 211 24.15 -8.11 23.59
CA ASP A 211 25.33 -8.91 23.22
C ASP A 211 25.26 -10.29 23.85
N GLU A 212 24.87 -10.37 25.12
CA GLU A 212 24.70 -11.68 25.75
C GLU A 212 23.66 -12.52 25.01
N ALA A 213 22.60 -11.87 24.51
CA ALA A 213 21.62 -12.59 23.70
C ALA A 213 22.24 -13.14 22.43
N TYR A 214 23.05 -12.32 21.74
CA TYR A 214 23.76 -12.80 20.57
C TYR A 214 24.63 -14.01 20.91
N ARG A 215 25.32 -13.95 22.06
CA ARG A 215 26.12 -15.10 22.49
C ARG A 215 25.25 -16.33 22.68
N LEU A 216 24.05 -16.15 23.24
CA LEU A 216 23.12 -17.27 23.37
C LEU A 216 22.77 -17.88 22.02
N VAL A 217 22.35 -17.05 21.07
CA VAL A 217 21.86 -17.58 19.80
C VAL A 217 22.99 -18.22 19.00
N PHE A 218 24.07 -17.47 18.78
CA PHE A 218 25.12 -17.89 17.85
C PHE A 218 26.31 -18.55 18.53
N ARG A 219 26.75 -18.03 19.68
CA ARG A 219 28.01 -18.40 20.28
C ARG A 219 27.82 -19.30 21.50
N SER A 220 26.78 -20.13 21.51
CA SER A 220 26.49 -20.99 22.63
C SER A 220 26.10 -22.40 22.21
N GLY A 221 26.34 -22.77 20.95
CA GLY A 221 25.98 -24.07 20.40
C GLY A 221 24.65 -24.61 20.90
N LEU A 222 23.57 -23.89 20.57
CA LEU A 222 22.22 -24.26 20.94
C LEU A 222 21.36 -24.29 19.68
N LEU A 223 20.50 -25.30 19.56
CA LEU A 223 19.57 -25.28 18.43
C LEU A 223 18.51 -24.19 18.65
N ARG A 224 17.68 -24.00 17.63
CA ARG A 224 16.81 -22.83 17.60
C ARG A 224 15.79 -22.83 18.73
N ASP A 225 15.27 -24.01 19.09
CA ASP A 225 14.20 -24.07 20.08
C ASP A 225 14.73 -23.79 21.48
N GLU A 226 15.82 -24.44 21.88
CA GLU A 226 16.38 -24.21 23.21
C GLU A 226 16.90 -22.78 23.33
N ALA A 227 17.52 -22.26 22.28
CA ALA A 227 17.89 -20.84 22.30
C ALA A 227 16.66 -19.98 22.53
N LEU A 228 15.62 -20.18 21.72
CA LEU A 228 14.38 -19.42 21.84
C LEU A 228 13.85 -19.41 23.27
N ASP A 229 13.68 -20.60 23.88
CA ASP A 229 13.16 -20.63 25.23
C ASP A 229 14.13 -20.00 26.22
N GLU A 230 15.42 -19.93 25.88
CA GLU A 230 16.35 -19.22 26.75
C GLU A 230 16.26 -17.70 26.59
N LEU A 231 15.87 -17.19 25.42
CA LEU A 231 15.68 -15.75 25.30
C LEU A 231 14.32 -15.29 25.83
N THR A 232 13.35 -16.20 25.92
CA THR A 232 12.05 -15.81 26.48
C THR A 232 12.15 -15.46 27.95
N LYS A 233 13.18 -15.95 28.65
CA LYS A 233 13.45 -15.51 30.01
C LYS A 233 14.08 -14.12 30.03
N LEU A 234 14.91 -13.81 29.03
CA LEU A 234 15.64 -12.56 29.00
C LEU A 234 14.81 -11.40 28.45
N VAL A 235 13.68 -11.68 27.80
CA VAL A 235 12.90 -10.61 27.17
C VAL A 235 12.35 -9.63 28.20
N GLU A 236 12.08 -10.07 29.43
CA GLU A 236 11.46 -9.17 30.40
C GLU A 236 12.46 -8.18 30.99
N LYS A 237 13.64 -8.66 31.38
CA LYS A 237 14.66 -7.79 31.94
C LYS A 237 15.19 -6.79 30.91
N GLU A 238 15.03 -7.08 29.63
CA GLU A 238 15.39 -6.17 28.54
C GLU A 238 14.49 -6.45 27.36
N PRO A 239 13.65 -5.48 26.95
CA PRO A 239 12.61 -5.80 25.96
C PRO A 239 13.12 -5.98 24.54
N LYS A 240 14.21 -5.30 24.15
CA LYS A 240 14.64 -5.30 22.75
C LYS A 240 14.91 -6.71 22.23
N ILE A 241 15.24 -7.65 23.13
CA ILE A 241 15.45 -9.05 22.74
C ILE A 241 14.29 -9.58 21.92
N GLN A 242 13.09 -9.03 22.11
CA GLN A 242 11.94 -9.44 21.32
C GLN A 242 12.24 -9.40 19.83
N LEU A 243 12.82 -8.29 19.35
CA LEU A 243 13.13 -8.17 17.93
C LEU A 243 14.00 -9.32 17.44
N LEU A 244 14.88 -9.84 18.30
CA LEU A 244 15.68 -11.00 17.92
C LEU A 244 14.83 -12.27 17.85
N ILE A 245 13.95 -12.47 18.84
CA ILE A 245 13.11 -13.67 18.84
C ILE A 245 12.30 -13.75 17.56
N ASP A 246 11.70 -12.62 17.16
CA ASP A 246 11.00 -12.55 15.88
C ASP A 246 11.88 -13.07 14.75
N SER A 247 13.13 -12.61 14.71
CA SER A 247 14.07 -13.05 13.68
C SER A 247 14.15 -14.57 13.59
N ILE A 248 14.13 -15.25 14.74
CA ILE A 248 14.20 -16.71 14.71
C ILE A 248 12.87 -17.30 14.25
N ASN A 249 11.76 -16.71 14.67
CA ASN A 249 10.46 -17.26 14.29
C ASN A 249 10.08 -16.92 12.86
N ASN A 250 10.55 -15.79 12.35
CA ASN A 250 10.27 -15.37 10.99
C ASN A 250 11.24 -15.96 9.97
N SER A 251 12.22 -16.75 10.41
CA SER A 251 13.23 -17.30 9.50
C SER A 251 12.68 -18.53 8.81
N LYS A 252 12.54 -18.45 7.49
CA LYS A 252 12.10 -19.59 6.68
C LYS A 252 13.25 -20.25 5.92
N ARG A 253 14.37 -19.56 5.75
CA ARG A 253 15.50 -20.07 4.99
C ARG A 253 16.68 -20.46 5.87
N GLY A 254 16.56 -20.36 7.18
CA GLY A 254 17.67 -20.57 8.08
C GLY A 254 18.25 -19.29 8.60
N LEU A 255 19.45 -19.38 9.13
CA LEU A 255 20.11 -18.26 9.77
C LEU A 255 21.56 -18.17 9.31
N VAL A 256 22.03 -16.93 9.12
CA VAL A 256 23.43 -16.69 8.75
C VAL A 256 24.26 -16.87 10.02
N ARG A 257 24.92 -18.00 10.15
CA ARG A 257 25.70 -18.31 11.34
C ARG A 257 27.19 -18.36 11.01
N MET B 1 -23.03 30.64 -15.04
CA MET B 1 -22.09 30.11 -14.07
C MET B 1 -22.56 28.76 -13.53
N THR B 2 -21.61 27.90 -13.20
CA THR B 2 -21.91 26.57 -12.68
C THR B 2 -21.41 26.33 -11.26
N ILE B 3 -20.58 27.22 -10.72
CA ILE B 3 -20.05 27.09 -9.36
C ILE B 3 -20.67 28.18 -8.50
N HIS B 4 -21.25 27.77 -7.37
CA HIS B 4 -21.93 28.70 -6.50
C HIS B 4 -20.90 29.58 -5.77
N PRO B 5 -21.21 30.87 -5.57
CA PRO B 5 -20.25 31.75 -4.89
C PRO B 5 -19.84 31.26 -3.50
N THR B 6 -20.80 30.77 -2.70
CA THR B 6 -20.49 30.33 -1.34
C THR B 6 -19.72 29.03 -1.28
N ALA B 7 -19.39 28.42 -2.41
CA ALA B 7 -18.58 27.21 -2.41
C ALA B 7 -17.11 27.56 -2.25
N ILE B 8 -16.40 26.77 -1.46
CA ILE B 8 -14.97 26.97 -1.21
C ILE B 8 -14.21 25.90 -1.97
N ILE B 9 -13.38 26.32 -2.92
CA ILE B 9 -12.59 25.42 -3.74
C ILE B 9 -11.13 25.82 -3.63
N ASP B 10 -10.28 24.87 -3.28
CA ASP B 10 -8.85 25.12 -3.24
C ASP B 10 -8.34 25.41 -4.65
N LYS B 11 -7.30 26.26 -4.73
CA LYS B 11 -6.73 26.63 -6.02
C LYS B 11 -6.20 25.41 -6.77
N SER B 12 -5.66 24.43 -6.05
CA SER B 12 -5.09 23.24 -6.66
C SER B 12 -6.14 22.30 -7.25
N ALA B 13 -7.42 22.54 -6.96
CA ALA B 13 -8.47 21.68 -7.48
C ALA B 13 -8.78 22.04 -8.94
N MET B 14 -9.11 21.02 -9.72
CA MET B 14 -9.45 21.18 -11.13
C MET B 14 -10.94 20.90 -11.28
N ILE B 15 -11.66 21.85 -11.88
CA ILE B 15 -13.10 21.74 -12.08
C ILE B 15 -13.39 21.86 -13.57
N ALA B 16 -14.17 20.92 -14.09
CA ALA B 16 -14.59 20.99 -15.47
C ALA B 16 -15.59 22.12 -15.67
N ASP B 17 -15.72 22.56 -16.93
CA ASP B 17 -16.66 23.63 -17.23
C ASP B 17 -18.10 23.20 -16.99
N SER B 18 -18.44 21.96 -17.38
CA SER B 18 -19.80 21.46 -17.28
C SER B 18 -20.14 20.92 -15.89
N ALA B 19 -19.18 20.92 -14.96
CA ALA B 19 -19.43 20.44 -13.61
C ALA B 19 -20.14 21.52 -12.79
N ILE B 20 -21.19 21.12 -12.09
CA ILE B 20 -22.03 22.03 -11.30
C ILE B 20 -21.76 21.76 -9.83
N ILE B 21 -21.36 22.79 -9.10
CA ILE B 21 -21.11 22.71 -7.66
C ILE B 21 -22.05 23.67 -6.97
N GLY B 22 -22.90 23.15 -6.08
CA GLY B 22 -23.92 23.95 -5.43
C GLY B 22 -23.37 24.76 -4.27
N PRO B 23 -24.27 25.30 -3.45
CA PRO B 23 -23.84 26.17 -2.35
C PRO B 23 -23.20 25.40 -1.22
N TYR B 24 -22.25 26.04 -0.56
CA TYR B 24 -21.67 25.55 0.70
C TYR B 24 -20.92 24.24 0.51
N CYS B 25 -20.38 24.01 -0.68
CA CYS B 25 -19.53 22.83 -0.92
CA CYS B 25 -19.53 22.83 -0.92
C CYS B 25 -18.06 23.21 -0.70
N ILE B 26 -17.26 22.20 -0.35
CA ILE B 26 -15.84 22.39 -0.12
C ILE B 26 -15.07 21.33 -0.89
N VAL B 27 -14.11 21.75 -1.69
CA VAL B 27 -13.24 20.87 -2.45
C VAL B 27 -11.81 21.06 -1.96
N GLY B 28 -11.12 19.94 -1.76
CA GLY B 28 -9.83 19.96 -1.10
C GLY B 28 -8.66 20.09 -2.05
N LYS B 29 -7.47 19.82 -1.51
CA LYS B 29 -6.22 20.00 -2.23
C LYS B 29 -6.01 18.87 -3.23
N ASN B 30 -5.61 19.23 -4.45
CA ASN B 30 -5.21 18.27 -5.48
C ASN B 30 -6.34 17.29 -5.80
N SER B 31 -7.54 17.83 -5.99
CA SER B 31 -8.70 17.04 -6.38
C SER B 31 -9.17 17.43 -7.77
N GLN B 32 -9.90 16.52 -8.42
CA GLN B 32 -10.40 16.74 -9.76
C GLN B 32 -11.85 16.28 -9.84
N ILE B 33 -12.71 17.12 -10.43
CA ILE B 33 -14.10 16.79 -10.67
C ILE B 33 -14.33 16.78 -12.17
N GLY B 34 -14.91 15.69 -12.66
CA GLY B 34 -15.11 15.52 -14.09
C GLY B 34 -16.25 16.34 -14.64
N ALA B 35 -16.52 16.13 -15.92
CA ALA B 35 -17.57 16.87 -16.59
C ALA B 35 -18.96 16.41 -16.13
N HIS B 36 -19.90 17.34 -16.16
CA HIS B 36 -21.32 17.04 -15.95
C HIS B 36 -21.59 16.39 -14.60
N THR B 37 -20.73 16.66 -13.61
CA THR B 37 -20.86 16.10 -12.28
C THR B 37 -21.51 17.13 -11.35
N VAL B 38 -22.48 16.69 -10.57
CA VAL B 38 -23.31 17.58 -9.75
C VAL B 38 -22.99 17.33 -8.28
N LEU B 39 -22.53 18.38 -7.60
CA LEU B 39 -22.38 18.41 -6.15
C LEU B 39 -23.40 19.40 -5.62
N ARG B 40 -24.54 18.90 -5.15
CA ARG B 40 -25.66 19.74 -4.76
C ARG B 40 -25.64 19.98 -3.25
N SER B 41 -25.06 21.11 -2.84
CA SER B 41 -25.12 21.66 -1.48
C SER B 41 -24.46 20.79 -0.41
N HIS B 42 -23.66 21.44 0.45
CA HIS B 42 -23.04 20.83 1.61
C HIS B 42 -22.38 19.49 1.28
N VAL B 43 -21.48 19.51 0.29
CA VAL B 43 -20.71 18.34 -0.10
C VAL B 43 -19.24 18.63 0.20
N ILE B 44 -18.58 17.68 0.87
CA ILE B 44 -17.17 17.80 1.19
C ILE B 44 -16.38 16.88 0.27
N ILE B 45 -15.44 17.46 -0.46
CA ILE B 45 -14.49 16.70 -1.28
C ILE B 45 -13.13 16.86 -0.63
N GLY B 46 -12.61 15.77 -0.09
CA GLY B 46 -11.33 15.80 0.59
C GLY B 46 -10.19 15.96 -0.40
N GLU B 47 -8.99 16.06 0.15
CA GLU B 47 -7.80 16.14 -0.68
C GLU B 47 -7.60 14.84 -1.47
N ASN B 48 -6.90 14.97 -2.59
CA ASN B 48 -6.46 13.83 -3.40
C ASN B 48 -7.63 12.92 -3.76
N THR B 49 -8.59 13.50 -4.49
CA THR B 49 -9.83 12.81 -4.85
C THR B 49 -10.12 13.04 -6.33
N LYS B 50 -10.21 11.97 -7.09
CA LYS B 50 -10.54 12.01 -8.51
C LYS B 50 -11.97 11.54 -8.71
N ILE B 51 -12.79 12.38 -9.33
CA ILE B 51 -14.20 12.08 -9.56
C ILE B 51 -14.46 12.16 -11.06
N GLY B 52 -15.11 11.12 -11.59
CA GLY B 52 -15.36 11.02 -13.01
C GLY B 52 -16.45 11.96 -13.49
N VAL B 53 -17.15 11.53 -14.53
CA VAL B 53 -18.13 12.35 -15.20
C VAL B 53 -19.55 11.86 -14.90
N HIS B 54 -20.49 12.78 -15.02
CA HIS B 54 -21.93 12.50 -14.85
C HIS B 54 -22.24 11.88 -13.50
N ASN B 55 -21.48 12.24 -12.47
CA ASN B 55 -21.76 11.79 -11.11
C ASN B 55 -22.73 12.74 -10.43
N ASP B 56 -23.57 12.18 -9.55
CA ASP B 56 -24.56 12.94 -8.82
C ASP B 56 -24.36 12.67 -7.33
N ILE B 57 -23.83 13.65 -6.61
CA ILE B 57 -23.49 13.51 -5.20
C ILE B 57 -24.40 14.42 -4.40
N TYR B 58 -25.14 13.85 -3.45
CA TYR B 58 -26.14 14.59 -2.70
C TYR B 58 -25.53 15.25 -1.47
N GLN B 59 -26.39 15.93 -0.71
CA GLN B 59 -25.95 16.80 0.38
C GLN B 59 -25.38 15.99 1.54
N PHE B 60 -24.51 16.64 2.31
CA PHE B 60 -23.95 16.10 3.55
C PHE B 60 -23.11 14.86 3.32
N ALA B 61 -22.64 14.66 2.08
CA ALA B 61 -21.79 13.52 1.75
C ALA B 61 -20.33 13.92 1.87
N SER B 62 -19.54 13.07 2.53
CA SER B 62 -18.10 13.29 2.70
C SER B 62 -17.36 12.37 1.74
N ILE B 63 -16.84 12.94 0.66
CA ILE B 63 -16.16 12.18 -0.38
C ILE B 63 -14.67 12.48 -0.27
N GLY B 64 -13.90 11.48 0.15
CA GLY B 64 -12.46 11.61 0.22
C GLY B 64 -11.91 12.10 1.55
N GLU B 65 -12.57 11.78 2.66
CA GLU B 65 -12.08 12.20 3.97
C GLU B 65 -11.01 11.24 4.47
N ASN B 66 -10.30 11.67 5.51
CA ASN B 66 -9.21 10.89 6.06
C ASN B 66 -9.69 9.53 6.55
N PRO B 67 -8.86 8.50 6.46
CA PRO B 67 -9.26 7.18 6.95
C PRO B 67 -9.50 7.19 8.45
N GLN B 68 -10.23 6.18 8.93
CA GLN B 68 -10.45 5.98 10.35
C GLN B 68 -9.54 4.91 10.94
N ASP B 69 -8.56 4.45 10.18
CA ASP B 69 -7.62 3.47 10.69
C ASP B 69 -6.75 4.09 11.77
N LEU B 70 -6.63 3.40 12.90
CA LEU B 70 -5.85 3.92 14.01
C LEU B 70 -4.38 4.09 13.66
N LYS B 71 -3.90 3.38 12.63
CA LYS B 71 -2.51 3.43 12.23
C LYS B 71 -2.21 4.55 11.25
N TYR B 72 -3.22 5.09 10.58
CA TYR B 72 -3.04 6.17 9.63
C TYR B 72 -2.47 7.40 10.32
N ALA B 73 -1.33 7.88 9.84
CA ALA B 73 -0.62 9.00 10.45
C ALA B 73 -0.59 10.23 9.54
N GLY B 74 -1.65 10.42 8.75
CA GLY B 74 -1.77 11.60 7.94
C GLY B 74 -0.94 11.58 6.67
N GLU B 75 -0.71 10.40 6.11
CA GLU B 75 0.09 10.30 4.89
C GLU B 75 -0.75 10.71 3.69
N GLN B 76 -0.14 10.63 2.51
CA GLN B 76 -0.76 11.01 1.25
C GLN B 76 -1.48 9.80 0.69
N THR B 77 -2.80 9.87 0.59
CA THR B 77 -3.61 8.77 0.09
C THR B 77 -4.73 9.34 -0.79
N TYR B 78 -5.32 8.46 -1.60
CA TYR B 78 -6.15 8.90 -2.71
C TYR B 78 -7.46 8.12 -2.79
N LEU B 79 -8.43 8.73 -3.47
CA LEU B 79 -9.72 8.12 -3.78
C LEU B 79 -10.05 8.35 -5.24
N GLU B 80 -10.54 7.32 -5.91
CA GLU B 80 -10.94 7.38 -7.32
C GLU B 80 -12.40 6.97 -7.44
N ILE B 81 -13.17 7.77 -8.18
CA ILE B 81 -14.58 7.52 -8.43
C ILE B 81 -14.81 7.55 -9.93
N GLY B 82 -15.54 6.57 -10.44
CA GLY B 82 -15.82 6.50 -11.87
C GLY B 82 -16.93 7.42 -12.32
N ASP B 83 -17.74 6.96 -13.28
CA ASP B 83 -18.75 7.77 -13.92
C ASP B 83 -20.16 7.28 -13.58
N HIS B 84 -21.13 8.19 -13.76
CA HIS B 84 -22.56 7.87 -13.66
C HIS B 84 -22.92 7.23 -12.33
N ASN B 85 -22.38 7.77 -11.23
CA ASN B 85 -22.66 7.27 -9.90
C ASN B 85 -23.60 8.22 -9.17
N ARG B 86 -24.61 7.65 -8.51
CA ARG B 86 -25.53 8.41 -7.69
C ARG B 86 -25.21 8.14 -6.22
N ILE B 87 -24.64 9.13 -5.55
CA ILE B 87 -24.23 9.03 -4.16
C ILE B 87 -25.18 9.89 -3.35
N ARG B 88 -25.98 9.25 -2.49
CA ARG B 88 -27.05 9.93 -1.78
C ARG B 88 -26.52 10.62 -0.52
N GLU B 89 -27.47 11.13 0.28
CA GLU B 89 -27.14 11.96 1.43
C GLU B 89 -26.32 11.21 2.46
N ALA B 90 -25.48 11.95 3.19
CA ALA B 90 -24.73 11.50 4.35
C ALA B 90 -23.73 10.40 4.03
N CYS B 91 -23.47 10.12 2.75
CA CYS B 91 -22.51 9.09 2.39
C CYS B 91 -21.09 9.50 2.78
N THR B 92 -20.34 8.54 3.30
CA THR B 92 -18.96 8.76 3.71
C THR B 92 -18.07 7.76 3.00
N ILE B 93 -17.16 8.26 2.17
CA ILE B 93 -16.15 7.44 1.50
C ILE B 93 -14.78 7.97 1.90
N HIS B 94 -13.94 7.10 2.42
CA HIS B 94 -12.64 7.49 2.95
C HIS B 94 -11.51 7.02 2.04
N ARG B 95 -10.42 7.78 2.03
CA ARG B 95 -9.27 7.47 1.21
C ARG B 95 -8.53 6.26 1.80
N GLY B 96 -7.62 5.70 1.00
CA GLY B 96 -6.89 4.53 1.40
C GLY B 96 -5.87 4.82 2.50
N THR B 97 -5.15 3.78 2.87
CA THR B 97 -4.00 3.87 3.78
C THR B 97 -2.77 3.32 3.07
N VAL B 98 -1.62 3.94 3.33
CA VAL B 98 -0.39 3.55 2.64
C VAL B 98 0.00 2.11 2.92
N GLN B 99 -0.52 1.50 3.98
CA GLN B 99 -0.22 0.10 4.26
C GLN B 99 -0.87 -0.85 3.26
N ASP B 100 -1.80 -0.38 2.43
CA ASP B 100 -2.46 -1.23 1.41
C ASP B 100 -2.73 -0.36 0.17
N ARG B 101 -1.71 -0.21 -0.66
CA ARG B 101 -1.81 0.46 -1.96
C ARG B 101 -2.14 1.94 -1.85
N GLY B 102 -2.70 2.38 -0.72
CA GLY B 102 -2.92 3.80 -0.48
C GLY B 102 -3.95 4.41 -1.39
N ILE B 103 -5.01 3.67 -1.73
CA ILE B 103 -6.05 4.17 -2.61
C ILE B 103 -7.37 3.48 -2.26
N THR B 104 -8.46 4.21 -2.43
CA THR B 104 -9.81 3.66 -2.40
C THR B 104 -10.42 3.84 -3.78
N ARG B 105 -11.01 2.78 -4.32
CA ARG B 105 -11.53 2.80 -5.68
C ARG B 105 -13.02 2.45 -5.68
N ILE B 106 -13.82 3.22 -6.41
CA ILE B 106 -15.17 2.82 -6.74
C ILE B 106 -15.39 3.00 -8.22
N GLY B 107 -16.22 2.13 -8.81
CA GLY B 107 -16.37 2.07 -10.24
C GLY B 107 -17.41 2.98 -10.85
N ASN B 108 -18.27 2.43 -11.71
CA ASN B 108 -19.23 3.21 -12.47
C ASN B 108 -20.64 2.69 -12.22
N GLN B 109 -21.61 3.57 -12.49
CA GLN B 109 -23.04 3.21 -12.49
C GLN B 109 -23.49 2.64 -11.14
N ASN B 110 -22.92 3.17 -10.06
CA ASN B 110 -23.25 2.71 -8.72
C ASN B 110 -24.31 3.59 -8.08
N LEU B 111 -25.13 2.99 -7.21
CA LEU B 111 -26.12 3.69 -6.42
C LEU B 111 -25.79 3.48 -4.94
N LEU B 112 -25.43 4.57 -4.26
CA LEU B 112 -25.12 4.54 -2.83
C LEU B 112 -26.20 5.34 -2.11
N MET B 113 -27.09 4.63 -1.41
CA MET B 113 -28.24 5.26 -0.76
C MET B 113 -27.79 6.01 0.48
N VAL B 114 -28.75 6.46 1.29
CA VAL B 114 -28.47 7.32 2.43
C VAL B 114 -27.53 6.62 3.41
N ASN B 115 -26.49 7.34 3.83
CA ASN B 115 -25.57 6.90 4.87
C ASN B 115 -24.91 5.56 4.51
N VAL B 116 -24.32 5.51 3.31
CA VAL B 116 -23.52 4.38 2.89
C VAL B 116 -22.06 4.70 3.19
N HIS B 117 -21.45 3.90 4.06
CA HIS B 117 -20.06 4.11 4.44
C HIS B 117 -19.15 3.20 3.63
N ILE B 118 -18.12 3.79 3.01
CA ILE B 118 -17.12 3.05 2.25
C ILE B 118 -15.78 3.38 2.90
N ALA B 119 -15.26 2.44 3.68
CA ALA B 119 -14.07 2.70 4.49
C ALA B 119 -12.82 2.74 3.61
N HIS B 120 -11.69 3.02 4.27
CA HIS B 120 -10.40 3.13 3.61
C HIS B 120 -10.06 1.86 2.84
N ASP B 121 -9.44 2.04 1.68
CA ASP B 121 -8.82 0.99 0.88
C ASP B 121 -9.85 0.03 0.27
N CYS B 122 -11.11 0.43 0.19
CA CYS B 122 -12.11 -0.42 -0.43
C CYS B 122 -12.00 -0.35 -1.96
N VAL B 123 -12.48 -1.39 -2.62
CA VAL B 123 -12.54 -1.46 -4.07
C VAL B 123 -13.96 -1.86 -4.46
N VAL B 124 -14.64 -0.99 -5.21
CA VAL B 124 -16.02 -1.20 -5.59
C VAL B 124 -16.11 -1.22 -7.12
N GLY B 125 -16.78 -2.22 -7.66
CA GLY B 125 -16.91 -2.37 -9.10
C GLY B 125 -18.01 -1.51 -9.69
N ASP B 126 -18.70 -2.05 -10.70
CA ASP B 126 -19.71 -1.32 -11.44
C ASP B 126 -21.09 -1.88 -11.18
N ASP B 127 -22.11 -1.06 -11.49
CA ASP B 127 -23.52 -1.46 -11.47
C ASP B 127 -23.93 -2.03 -10.11
N ASN B 128 -23.41 -1.44 -9.04
CA ASN B 128 -23.71 -1.91 -7.70
C ASN B 128 -24.77 -1.02 -7.06
N VAL B 129 -25.54 -1.61 -6.15
CA VAL B 129 -26.62 -0.92 -5.44
C VAL B 129 -26.47 -1.24 -3.95
N LEU B 130 -25.98 -0.28 -3.18
CA LEU B 130 -25.89 -0.40 -1.73
C LEU B 130 -27.00 0.43 -1.11
N ALA B 131 -27.84 -0.21 -0.30
CA ALA B 131 -29.04 0.41 0.23
C ALA B 131 -28.71 1.29 1.43
N ASN B 132 -29.75 1.79 2.09
CA ASN B 132 -29.57 2.72 3.20
C ASN B 132 -28.73 2.11 4.33
N ASN B 133 -27.92 2.95 4.97
CA ASN B 133 -27.22 2.62 6.20
C ASN B 133 -26.30 1.41 6.05
N VAL B 134 -25.79 1.18 4.83
CA VAL B 134 -24.84 0.10 4.60
C VAL B 134 -23.44 0.58 4.98
N GLY B 135 -22.79 -0.18 5.85
CA GLY B 135 -21.42 0.13 6.24
C GLY B 135 -20.45 -0.93 5.77
N VAL B 136 -19.45 -0.53 5.00
CA VAL B 136 -18.48 -1.44 4.42
C VAL B 136 -17.12 -1.12 5.04
N ALA B 137 -16.56 -2.07 5.77
CA ALA B 137 -15.32 -1.84 6.49
C ALA B 137 -14.13 -1.82 5.53
N GLY B 138 -12.96 -1.50 6.08
CA GLY B 138 -11.79 -1.25 5.25
C GLY B 138 -11.35 -2.49 4.50
N HIS B 139 -10.70 -2.26 3.36
CA HIS B 139 -10.05 -3.27 2.53
C HIS B 139 -11.03 -4.23 1.87
N ALA B 140 -12.32 -3.91 1.88
CA ALA B 140 -13.31 -4.81 1.30
C ALA B 140 -13.33 -4.68 -0.22
N HIS B 141 -13.87 -5.71 -0.87
CA HIS B 141 -13.99 -5.75 -2.32
C HIS B 141 -15.44 -6.00 -2.70
N ILE B 142 -16.01 -5.06 -3.47
CA ILE B 142 -17.34 -5.22 -4.05
C ILE B 142 -17.16 -5.46 -5.54
N GLY B 143 -17.76 -6.55 -6.04
CA GLY B 143 -17.65 -6.90 -7.44
C GLY B 143 -18.53 -6.04 -8.34
N ASN B 144 -19.19 -6.67 -9.30
CA ASN B 144 -20.07 -5.98 -10.23
C ASN B 144 -21.47 -6.54 -10.14
N HIS B 145 -22.45 -5.67 -10.36
CA HIS B 145 -23.87 -6.05 -10.35
C HIS B 145 -24.27 -6.65 -9.01
N VAL B 146 -23.72 -6.11 -7.92
CA VAL B 146 -23.98 -6.59 -6.57
C VAL B 146 -25.06 -5.72 -5.93
N ILE B 147 -25.91 -6.35 -5.12
CA ILE B 147 -26.92 -5.66 -4.33
C ILE B 147 -26.70 -6.03 -2.87
N ILE B 148 -26.67 -5.02 -2.00
CA ILE B 148 -26.51 -5.21 -0.56
C ILE B 148 -27.67 -4.53 0.13
N GLY B 149 -28.42 -5.31 0.92
CA GLY B 149 -29.63 -4.81 1.55
C GLY B 149 -29.34 -3.76 2.62
N GLY B 150 -30.40 -3.06 3.00
CA GLY B 150 -30.26 -1.95 3.92
C GLY B 150 -29.79 -2.40 5.29
N GLN B 151 -29.03 -1.50 5.95
CA GLN B 151 -28.54 -1.69 7.31
C GLN B 151 -27.68 -2.94 7.43
N SER B 152 -26.92 -3.27 6.39
CA SER B 152 -26.02 -4.41 6.40
C SER B 152 -24.60 -3.96 6.68
N GLY B 153 -23.81 -4.86 7.27
CA GLY B 153 -22.44 -4.56 7.62
C GLY B 153 -21.44 -5.54 7.05
N VAL B 154 -20.50 -5.05 6.26
CA VAL B 154 -19.43 -5.86 5.68
C VAL B 154 -18.18 -5.71 6.53
N HIS B 155 -17.63 -6.83 7.00
CA HIS B 155 -16.42 -6.83 7.79
C HIS B 155 -15.20 -6.56 6.90
N GLN B 156 -14.10 -6.17 7.55
CA GLN B 156 -12.87 -5.84 6.85
C GLN B 156 -12.42 -6.99 5.96
N PHE B 157 -11.80 -6.63 4.84
CA PHE B 157 -11.15 -7.55 3.90
C PHE B 157 -12.11 -8.48 3.18
N CYS B 158 -13.42 -8.37 3.43
CA CYS B 158 -14.37 -9.32 2.87
C CYS B 158 -14.59 -9.05 1.39
N ARG B 159 -14.75 -10.13 0.63
CA ARG B 159 -15.00 -10.08 -0.80
C ARG B 159 -16.48 -10.34 -1.06
N ILE B 160 -17.09 -9.48 -1.86
CA ILE B 160 -18.48 -9.64 -2.30
C ILE B 160 -18.41 -9.71 -3.82
N ASP B 161 -18.29 -10.92 -4.36
CA ASP B 161 -18.03 -11.10 -5.77
C ASP B 161 -19.30 -10.86 -6.58
N ASP B 162 -19.17 -10.96 -7.90
CA ASP B 162 -20.17 -10.43 -8.82
C ASP B 162 -21.50 -11.16 -8.69
N TYR B 163 -22.58 -10.43 -9.02
CA TYR B 163 -23.93 -10.94 -9.11
C TYR B 163 -24.43 -11.57 -7.81
N SER B 164 -23.83 -11.22 -6.68
CA SER B 164 -24.33 -11.68 -5.40
C SER B 164 -25.43 -10.74 -4.90
N MET B 165 -26.09 -11.14 -3.83
CA MET B 165 -27.15 -10.32 -3.24
C MET B 165 -27.19 -10.58 -1.74
N VAL B 166 -26.90 -9.54 -0.96
CA VAL B 166 -26.90 -9.62 0.50
C VAL B 166 -28.22 -9.05 1.01
N GLY B 167 -28.88 -9.81 1.87
CA GLY B 167 -30.14 -9.36 2.44
C GLY B 167 -29.96 -8.22 3.41
N GLY B 168 -31.07 -7.56 3.72
CA GLY B 168 -31.03 -6.45 4.66
C GLY B 168 -30.68 -6.89 6.06
N ALA B 169 -30.02 -5.98 6.79
CA ALA B 169 -29.64 -6.20 8.18
C ALA B 169 -28.79 -7.47 8.33
N SER B 170 -27.90 -7.69 7.37
CA SER B 170 -27.03 -8.86 7.38
C SER B 170 -25.63 -8.48 7.83
N LEU B 171 -24.93 -9.46 8.41
CA LEU B 171 -23.56 -9.29 8.88
C LEU B 171 -22.65 -10.20 8.05
N ILE B 172 -21.83 -9.59 7.20
CA ILE B 172 -20.91 -10.33 6.34
C ILE B 172 -19.55 -10.35 7.03
N VAL B 173 -19.16 -11.50 7.54
CA VAL B 173 -17.88 -11.66 8.23
C VAL B 173 -16.90 -12.40 7.33
N LYS B 174 -17.44 -13.22 6.42
CA LYS B 174 -16.63 -14.02 5.52
C LYS B 174 -16.86 -13.54 4.07
N ASP B 175 -16.23 -14.23 3.12
CA ASP B 175 -16.30 -13.85 1.72
C ASP B 175 -17.53 -14.46 1.06
N VAL B 176 -18.28 -13.64 0.33
CA VAL B 176 -19.46 -14.07 -0.40
C VAL B 176 -19.03 -14.37 -1.83
N ALA B 177 -19.21 -15.61 -2.26
CA ALA B 177 -18.84 -16.00 -3.61
C ALA B 177 -19.82 -15.38 -4.62
N ALA B 178 -19.49 -15.52 -5.90
CA ALA B 178 -20.32 -14.96 -6.95
C ALA B 178 -21.67 -15.67 -7.01
N TYR B 179 -22.69 -14.91 -7.37
CA TYR B 179 -24.07 -15.35 -7.56
C TYR B 179 -24.74 -15.82 -6.27
N VAL B 180 -24.07 -15.73 -5.13
CA VAL B 180 -24.59 -16.31 -3.89
C VAL B 180 -25.59 -15.35 -3.24
N MET B 181 -26.60 -15.92 -2.59
CA MET B 181 -27.58 -15.18 -1.83
C MET B 181 -27.32 -15.43 -0.35
N ALA B 182 -26.91 -14.38 0.36
CA ALA B 182 -26.59 -14.46 1.78
C ALA B 182 -27.41 -13.46 2.56
N SER B 183 -27.79 -13.83 3.78
CA SER B 183 -28.58 -12.98 4.65
C SER B 183 -28.56 -13.55 6.05
N GLY B 184 -28.77 -12.67 7.03
CA GLY B 184 -28.89 -13.06 8.42
C GLY B 184 -27.77 -12.50 9.27
N ASN B 185 -27.86 -12.80 10.57
CA ASN B 185 -26.85 -12.39 11.53
C ASN B 185 -26.59 -13.51 12.53
N PRO B 186 -25.49 -14.25 12.37
CA PRO B 186 -24.52 -14.14 11.26
C PRO B 186 -25.08 -14.65 9.94
N ALA B 187 -24.66 -14.02 8.84
CA ALA B 187 -25.22 -14.35 7.53
C ALA B 187 -24.90 -15.79 7.15
N LYS B 188 -25.80 -16.38 6.37
CA LYS B 188 -25.69 -17.75 5.90
C LYS B 188 -26.05 -17.80 4.42
N ALA B 189 -25.43 -18.73 3.70
CA ALA B 189 -25.75 -18.92 2.29
C ALA B 189 -27.15 -19.51 2.14
N HIS B 190 -27.97 -18.86 1.32
CA HIS B 190 -29.36 -19.25 1.11
C HIS B 190 -29.67 -19.38 -0.38
N GLY B 191 -28.88 -20.18 -1.08
CA GLY B 191 -29.18 -20.47 -2.47
C GLY B 191 -28.48 -19.55 -3.44
N LEU B 192 -29.00 -19.52 -4.67
CA LEU B 192 -28.41 -18.80 -5.78
C LEU B 192 -29.30 -17.65 -6.21
N ASN B 193 -28.68 -16.61 -6.79
CA ASN B 193 -29.38 -15.42 -7.26
C ASN B 193 -30.00 -15.67 -8.64
N LYS B 194 -30.97 -16.58 -8.68
CA LYS B 194 -31.66 -16.84 -9.94
C LYS B 194 -32.53 -15.66 -10.37
N GLU B 195 -32.90 -14.77 -9.44
CA GLU B 195 -33.75 -13.65 -9.79
C GLU B 195 -33.04 -12.64 -10.69
N GLY B 196 -31.79 -12.32 -10.35
CA GLY B 196 -31.03 -11.37 -11.17
C GLY B 196 -30.79 -11.88 -12.57
N MET B 197 -30.31 -13.13 -12.67
CA MET B 197 -30.04 -13.71 -13.99
C MET B 197 -31.31 -14.05 -14.75
N ARG B 198 -32.44 -14.16 -14.07
CA ARG B 198 -33.71 -14.32 -14.78
C ARG B 198 -34.21 -12.97 -15.31
N ARG B 199 -34.00 -11.90 -14.54
CA ARG B 199 -34.34 -10.56 -15.03
C ARG B 199 -33.43 -10.15 -16.19
N LYS B 200 -32.13 -10.48 -16.10
CA LYS B 200 -31.17 -10.12 -17.12
C LYS B 200 -31.27 -10.98 -18.37
N GLY B 201 -32.18 -11.96 -18.40
CA GLY B 201 -32.40 -12.76 -19.59
C GLY B 201 -31.26 -13.70 -19.93
N TRP B 202 -31.00 -14.67 -19.06
CA TRP B 202 -29.99 -15.68 -19.30
C TRP B 202 -30.66 -17.00 -19.64
N SER B 203 -29.96 -17.84 -20.40
CA SER B 203 -30.53 -19.10 -20.84
C SER B 203 -30.83 -20.00 -19.65
N LYS B 204 -32.00 -20.65 -19.69
CA LYS B 204 -32.40 -21.53 -18.60
C LYS B 204 -31.36 -22.62 -18.35
N ASP B 205 -30.66 -23.05 -19.40
CA ASP B 205 -29.66 -24.10 -19.25
C ASP B 205 -28.46 -23.62 -18.43
N THR B 206 -27.98 -22.41 -18.72
CA THR B 206 -26.85 -21.87 -17.94
C THR B 206 -27.25 -21.68 -16.48
N ILE B 207 -28.49 -21.26 -16.22
CA ILE B 207 -28.94 -21.10 -14.84
C ILE B 207 -29.01 -22.45 -14.14
N LYS B 208 -29.48 -23.48 -14.85
CA LYS B 208 -29.53 -24.82 -14.28
C LYS B 208 -28.14 -25.33 -13.94
N ALA B 209 -27.18 -25.13 -14.86
CA ALA B 209 -25.81 -25.58 -14.62
C ALA B 209 -25.17 -24.83 -13.47
N LEU B 210 -25.33 -23.49 -13.45
CA LEU B 210 -24.78 -22.69 -12.35
C LEU B 210 -25.38 -23.11 -11.01
N ASP B 211 -26.67 -23.42 -10.98
CA ASP B 211 -27.29 -23.92 -9.75
C ASP B 211 -26.65 -25.23 -9.33
N GLU B 212 -26.42 -26.13 -10.29
CA GLU B 212 -25.73 -27.38 -9.96
C GLU B 212 -24.33 -27.13 -9.41
N ALA B 213 -23.64 -26.12 -9.92
CA ALA B 213 -22.34 -25.74 -9.37
C ALA B 213 -22.46 -25.28 -7.93
N TYR B 214 -23.45 -24.44 -7.64
CA TYR B 214 -23.68 -24.03 -6.26
C TYR B 214 -23.91 -25.23 -5.36
N ARG B 215 -24.72 -26.19 -5.81
CA ARG B 215 -24.94 -27.39 -5.03
C ARG B 215 -23.64 -28.16 -4.81
N LEU B 216 -22.77 -28.19 -5.83
CA LEU B 216 -21.46 -28.82 -5.68
C LEU B 216 -20.64 -28.16 -4.58
N VAL B 217 -20.51 -26.83 -4.65
CA VAL B 217 -19.62 -26.12 -3.73
C VAL B 217 -20.15 -26.20 -2.30
N PHE B 218 -21.43 -25.84 -2.10
CA PHE B 218 -21.95 -25.65 -0.76
C PHE B 218 -22.72 -26.85 -0.22
N ARG B 219 -23.48 -27.55 -1.05
CA ARG B 219 -24.50 -28.47 -0.55
C ARG B 219 -24.10 -29.94 -0.62
N SER B 220 -23.09 -30.30 -1.40
CA SER B 220 -22.67 -31.68 -1.59
C SER B 220 -21.48 -32.06 -0.71
N GLY B 221 -21.16 -31.22 0.29
CA GLY B 221 -20.05 -31.40 1.20
C GLY B 221 -18.77 -31.92 0.58
N LEU B 222 -18.03 -31.02 -0.07
CA LEU B 222 -16.69 -31.27 -0.60
C LEU B 222 -15.72 -30.25 -0.04
N LEU B 223 -14.46 -30.67 0.09
CA LEU B 223 -13.41 -29.76 0.50
C LEU B 223 -13.13 -28.75 -0.62
N ARG B 224 -12.32 -27.74 -0.30
CA ARG B 224 -11.98 -26.70 -1.27
C ARG B 224 -11.41 -27.31 -2.55
N ASP B 225 -10.28 -28.01 -2.44
CA ASP B 225 -9.60 -28.55 -3.61
C ASP B 225 -10.50 -29.50 -4.38
N GLU B 226 -11.24 -30.36 -3.68
CA GLU B 226 -12.11 -31.31 -4.35
C GLU B 226 -13.18 -30.59 -5.15
N ALA B 227 -13.78 -29.56 -4.56
CA ALA B 227 -14.74 -28.74 -5.30
C ALA B 227 -14.11 -28.14 -6.55
N LEU B 228 -12.97 -27.46 -6.38
CA LEU B 228 -12.27 -26.87 -7.52
C LEU B 228 -12.11 -27.88 -8.64
N ASP B 229 -11.61 -29.07 -8.31
CA ASP B 229 -11.43 -30.10 -9.32
C ASP B 229 -12.75 -30.53 -9.94
N GLU B 230 -13.86 -30.38 -9.22
CA GLU B 230 -15.15 -30.73 -9.80
C GLU B 230 -15.73 -29.63 -10.70
N LEU B 231 -15.40 -28.35 -10.44
CA LEU B 231 -15.89 -27.30 -11.32
C LEU B 231 -15.01 -27.12 -12.55
N THR B 232 -13.72 -27.43 -12.46
CA THR B 232 -12.84 -27.30 -13.61
C THR B 232 -13.34 -28.13 -14.79
N LYS B 233 -14.08 -29.21 -14.51
CA LYS B 233 -14.71 -29.97 -15.59
C LYS B 233 -15.89 -29.23 -16.17
N LEU B 234 -16.75 -28.67 -15.31
CA LEU B 234 -17.93 -27.94 -15.76
C LEU B 234 -17.61 -26.64 -16.48
N VAL B 235 -16.36 -26.16 -16.41
CA VAL B 235 -16.02 -24.86 -16.99
C VAL B 235 -16.29 -24.86 -18.49
N GLU B 236 -15.82 -25.89 -19.19
CA GLU B 236 -15.99 -25.92 -20.64
C GLU B 236 -17.42 -26.22 -21.07
N LYS B 237 -18.28 -26.69 -20.15
CA LYS B 237 -19.68 -26.89 -20.49
C LYS B 237 -20.43 -25.57 -20.60
N GLU B 238 -19.99 -24.57 -19.84
CA GLU B 238 -20.52 -23.21 -19.84
C GLU B 238 -19.51 -22.32 -19.10
N PRO B 239 -19.04 -21.25 -19.74
CA PRO B 239 -17.86 -20.53 -19.21
C PRO B 239 -18.10 -19.80 -17.90
N LYS B 240 -19.34 -19.35 -17.62
CA LYS B 240 -19.59 -18.50 -16.46
C LYS B 240 -19.09 -19.12 -15.16
N ILE B 241 -18.99 -20.45 -15.10
CA ILE B 241 -18.50 -21.16 -13.91
C ILE B 241 -17.17 -20.58 -13.44
N GLN B 242 -16.37 -20.03 -14.36
CA GLN B 242 -15.10 -19.42 -14.01
C GLN B 242 -15.25 -18.40 -12.89
N LEU B 243 -16.23 -17.51 -13.01
CA LEU B 243 -16.44 -16.49 -11.99
C LEU B 243 -16.58 -17.08 -10.59
N LEU B 244 -17.14 -18.28 -10.48
CA LEU B 244 -17.24 -18.93 -9.18
C LEU B 244 -15.88 -19.41 -8.69
N ILE B 245 -15.12 -20.06 -9.57
CA ILE B 245 -13.79 -20.57 -9.21
C ILE B 245 -12.91 -19.43 -8.71
N ASP B 246 -12.91 -18.31 -9.44
CA ASP B 246 -12.20 -17.13 -8.97
C ASP B 246 -12.55 -16.82 -7.53
N SER B 247 -13.85 -16.82 -7.22
CA SER B 247 -14.31 -16.56 -5.86
C SER B 247 -13.59 -17.43 -4.83
N ILE B 248 -13.36 -18.70 -5.16
CA ILE B 248 -12.70 -19.58 -4.22
C ILE B 248 -11.21 -19.25 -4.13
N ASN B 249 -10.58 -18.94 -5.27
CA ASN B 249 -9.15 -18.68 -5.26
C ASN B 249 -8.81 -17.32 -4.67
N ASN B 250 -9.70 -16.35 -4.80
CA ASN B 250 -9.51 -15.02 -4.24
C ASN B 250 -9.97 -14.94 -2.78
N SER B 251 -10.51 -16.02 -2.23
CA SER B 251 -11.04 -16.01 -0.87
C SER B 251 -9.91 -16.21 0.13
N LYS B 252 -9.64 -15.20 0.95
CA LYS B 252 -8.66 -15.29 2.02
C LYS B 252 -9.28 -15.42 3.41
N ARG B 253 -10.54 -15.01 3.58
CA ARG B 253 -11.23 -15.14 4.86
C ARG B 253 -12.10 -16.37 4.95
N GLY B 254 -12.16 -17.19 3.92
CA GLY B 254 -13.06 -18.32 3.89
C GLY B 254 -14.29 -18.04 3.06
N LEU B 255 -15.31 -18.87 3.27
CA LEU B 255 -16.55 -18.81 2.51
C LEU B 255 -17.74 -18.93 3.46
N VAL B 256 -18.93 -18.71 2.91
CA VAL B 256 -20.16 -18.82 3.68
C VAL B 256 -20.75 -20.23 3.53
N MET C 1 25.54 23.10 -36.15
CA MET C 1 25.83 23.58 -34.80
C MET C 1 26.33 22.43 -33.92
N THR C 2 27.33 22.71 -33.10
CA THR C 2 27.95 21.69 -32.27
C THR C 2 27.14 21.34 -31.03
N ILE C 3 26.14 22.13 -30.68
CA ILE C 3 25.28 21.88 -29.53
C ILE C 3 23.89 21.52 -30.03
N HIS C 4 23.37 20.39 -29.57
CA HIS C 4 22.07 19.94 -30.03
C HIS C 4 20.97 20.83 -29.45
N PRO C 5 19.94 21.14 -30.23
CA PRO C 5 18.86 22.01 -29.72
C PRO C 5 18.21 21.49 -28.45
N THR C 6 17.95 20.18 -28.36
CA THR C 6 17.28 19.61 -27.20
C THR C 6 18.16 19.54 -25.96
N ALA C 7 19.39 20.03 -26.02
CA ALA C 7 20.24 20.09 -24.84
C ALA C 7 19.89 21.30 -24.00
N ILE C 8 19.90 21.11 -22.68
CA ILE C 8 19.59 22.17 -21.73
C ILE C 8 20.90 22.58 -21.06
N ILE C 9 21.29 23.85 -21.26
CA ILE C 9 22.52 24.38 -20.70
C ILE C 9 22.19 25.64 -19.92
N ASP C 10 22.61 25.69 -18.65
CA ASP C 10 22.44 26.89 -17.85
C ASP C 10 23.31 28.01 -18.42
N LYS C 11 22.85 29.25 -18.23
CA LYS C 11 23.55 30.41 -18.79
C LYS C 11 24.95 30.56 -18.24
N SER C 12 25.16 30.21 -16.97
CA SER C 12 26.46 30.38 -16.33
C SER C 12 27.50 29.39 -16.81
N ALA C 13 27.11 28.37 -17.58
CA ALA C 13 28.06 27.37 -18.06
C ALA C 13 28.84 27.90 -19.26
N MET C 14 30.11 27.52 -19.33
CA MET C 14 31.00 27.89 -20.43
C MET C 14 31.32 26.66 -21.26
N ILE C 15 31.04 26.74 -22.56
CA ILE C 15 31.32 25.66 -23.50
C ILE C 15 32.20 26.21 -24.62
N ALA C 16 33.30 25.51 -24.91
CA ALA C 16 34.16 25.93 -26.00
C ALA C 16 33.45 25.71 -27.34
N ASP C 17 33.92 26.42 -28.36
CA ASP C 17 33.33 26.29 -29.69
C ASP C 17 33.56 24.88 -30.27
N SER C 18 34.65 24.24 -29.90
CA SER C 18 35.00 22.93 -30.44
C SER C 18 34.35 21.78 -29.67
N ALA C 19 33.65 22.07 -28.57
CA ALA C 19 32.96 21.04 -27.81
C ALA C 19 31.61 20.73 -28.43
N ILE C 20 31.31 19.44 -28.59
CA ILE C 20 30.07 18.97 -29.19
C ILE C 20 29.23 18.33 -28.10
N ILE C 21 28.00 18.81 -27.94
CA ILE C 21 27.06 18.28 -26.95
C ILE C 21 25.85 17.72 -27.69
N GLY C 22 25.58 16.44 -27.49
CA GLY C 22 24.54 15.74 -28.21
C GLY C 22 23.15 16.00 -27.66
N PRO C 23 22.18 15.17 -28.05
CA PRO C 23 20.80 15.41 -27.66
C PRO C 23 20.54 15.05 -26.20
N TYR C 24 19.63 15.81 -25.58
CA TYR C 24 19.09 15.48 -24.26
C TYR C 24 20.15 15.50 -23.17
N CYS C 25 21.13 16.40 -23.30
CA CYS C 25 22.14 16.60 -22.28
C CYS C 25 21.79 17.81 -21.43
N ILE C 26 22.25 17.81 -20.18
CA ILE C 26 21.99 18.88 -19.23
C ILE C 26 23.29 19.29 -18.57
N VAL C 27 23.60 20.58 -18.62
CA VAL C 27 24.79 21.15 -18.00
C VAL C 27 24.34 22.13 -16.92
N GLY C 28 24.98 22.05 -15.76
CA GLY C 28 24.54 22.77 -14.58
C GLY C 28 25.20 24.13 -14.43
N LYS C 29 25.00 24.71 -13.25
CA LYS C 29 25.45 26.06 -12.96
C LYS C 29 26.95 26.10 -12.69
N ASN C 30 27.62 27.08 -13.30
CA ASN C 30 29.05 27.32 -13.11
C ASN C 30 29.87 26.10 -13.48
N SER C 31 29.57 25.51 -14.64
CA SER C 31 30.31 24.39 -15.16
C SER C 31 31.04 24.79 -16.44
N GLN C 32 32.11 24.07 -16.74
CA GLN C 32 32.95 24.39 -17.88
C GLN C 32 33.32 23.12 -18.63
N ILE C 33 33.27 23.19 -19.96
CA ILE C 33 33.62 22.08 -20.84
C ILE C 33 34.71 22.57 -21.77
N GLY C 34 35.81 21.82 -21.85
CA GLY C 34 36.95 22.23 -22.65
C GLY C 34 36.72 22.02 -24.13
N ALA C 35 37.78 22.29 -24.90
CA ALA C 35 37.72 22.16 -26.34
C ALA C 35 37.73 20.70 -26.76
N HIS C 36 37.09 20.43 -27.91
CA HIS C 36 37.16 19.12 -28.57
C HIS C 36 36.63 17.99 -27.68
N THR C 37 35.73 18.32 -26.77
CA THR C 37 35.15 17.35 -25.84
C THR C 37 33.79 16.90 -26.35
N VAL C 38 33.55 15.59 -26.32
CA VAL C 38 32.38 14.98 -26.92
C VAL C 38 31.45 14.49 -25.82
N LEU C 39 30.22 15.00 -25.83
CA LEU C 39 29.15 14.54 -24.94
C LEU C 39 28.11 13.80 -25.80
N ARG C 40 27.92 12.52 -25.50
CA ARG C 40 27.33 11.57 -26.45
C ARG C 40 25.86 11.29 -26.16
N SER C 41 25.13 12.30 -25.67
CA SER C 41 23.70 12.33 -25.35
C SER C 41 23.42 11.81 -23.93
N HIS C 42 22.29 12.21 -23.37
CA HIS C 42 21.82 11.80 -22.05
C HIS C 42 22.95 11.81 -21.03
N VAL C 43 23.66 12.93 -20.97
CA VAL C 43 24.75 13.13 -20.01
C VAL C 43 24.36 14.25 -19.08
N ILE C 44 24.52 14.03 -17.78
CA ILE C 44 24.24 15.03 -16.77
C ILE C 44 25.56 15.58 -16.28
N ILE C 45 25.73 16.90 -16.40
CA ILE C 45 26.89 17.60 -15.85
C ILE C 45 26.36 18.46 -14.72
N GLY C 46 26.72 18.12 -13.49
CA GLY C 46 26.23 18.83 -12.34
C GLY C 46 26.84 20.22 -12.22
N GLU C 47 26.37 20.92 -11.20
CA GLU C 47 26.87 22.25 -10.90
C GLU C 47 28.34 22.17 -10.48
N ASN C 48 29.08 23.25 -10.70
CA ASN C 48 30.48 23.38 -10.25
C ASN C 48 31.35 22.23 -10.76
N THR C 49 31.45 22.11 -12.07
CA THR C 49 32.20 21.02 -12.68
C THR C 49 33.08 21.55 -13.81
N LYS C 50 34.37 21.25 -13.74
CA LYS C 50 35.33 21.63 -14.77
C LYS C 50 35.77 20.39 -15.54
N ILE C 51 35.69 20.44 -16.87
CA ILE C 51 36.03 19.33 -17.74
C ILE C 51 37.05 19.80 -18.76
N GLY C 52 38.14 19.04 -18.90
CA GLY C 52 39.22 19.40 -19.79
C GLY C 52 38.91 19.20 -21.26
N VAL C 53 39.94 18.91 -22.05
CA VAL C 53 39.81 18.85 -23.51
C VAL C 53 39.90 17.40 -23.97
N HIS C 54 39.32 17.15 -25.15
CA HIS C 54 39.37 15.85 -25.83
C HIS C 54 38.82 14.71 -24.97
N ASN C 55 37.83 15.01 -24.13
CA ASN C 55 37.17 13.99 -23.33
C ASN C 55 35.99 13.41 -24.12
N ASP C 56 35.73 12.13 -23.88
CA ASP C 56 34.65 11.41 -24.54
C ASP C 56 33.76 10.79 -23.47
N ILE C 57 32.57 11.36 -23.29
CA ILE C 57 31.65 10.95 -22.24
C ILE C 57 30.42 10.33 -22.89
N TYR C 58 30.14 9.07 -22.54
CA TYR C 58 29.06 8.33 -23.15
C TYR C 58 27.74 8.56 -22.42
N GLN C 59 26.68 7.92 -22.89
CA GLN C 59 25.33 8.21 -22.45
C GLN C 59 25.09 7.75 -21.01
N PHE C 60 24.13 8.40 -20.36
CA PHE C 60 23.62 8.04 -19.04
C PHE C 60 24.67 8.19 -17.94
N ALA C 61 25.72 8.97 -18.18
CA ALA C 61 26.75 9.21 -17.18
C ALA C 61 26.42 10.48 -16.39
N SER C 62 26.52 10.39 -15.06
CA SER C 62 26.26 11.52 -14.16
C SER C 62 27.60 12.02 -13.64
N ILE C 63 28.05 13.14 -14.19
CA ILE C 63 29.35 13.72 -13.86
C ILE C 63 29.14 15.01 -13.07
N GLY C 64 29.53 15.00 -11.80
CA GLY C 64 29.44 16.17 -10.96
C GLY C 64 28.17 16.28 -10.17
N GLU C 65 27.55 15.16 -9.80
CA GLU C 65 26.33 15.17 -9.02
C GLU C 65 26.67 15.29 -7.54
N ASN C 66 25.64 15.58 -6.74
CA ASN C 66 25.80 15.80 -5.31
C ASN C 66 26.40 14.56 -4.65
N PRO C 67 27.20 14.74 -3.60
CA PRO C 67 27.78 13.58 -2.90
C PRO C 67 26.68 12.75 -2.24
N GLN C 68 27.05 11.51 -1.88
CA GLN C 68 26.17 10.64 -1.12
C GLN C 68 26.52 10.62 0.36
N ASP C 69 27.40 11.50 0.80
CA ASP C 69 27.77 11.56 2.22
C ASP C 69 26.58 12.05 3.03
N LEU C 70 26.27 11.33 4.12
CA LEU C 70 25.12 11.69 4.94
C LEU C 70 25.26 13.05 5.60
N LYS C 71 26.49 13.54 5.78
CA LYS C 71 26.72 14.82 6.42
C LYS C 71 26.71 15.99 5.44
N TYR C 72 26.86 15.73 4.15
CA TYR C 72 26.82 16.78 3.14
C TYR C 72 25.48 17.50 3.17
N ALA C 73 25.51 18.81 3.38
CA ALA C 73 24.31 19.63 3.53
C ALA C 73 24.13 20.62 2.40
N GLY C 74 24.57 20.28 1.20
CA GLY C 74 24.35 21.12 0.04
C GLY C 74 25.27 22.31 -0.10
N GLU C 75 26.50 22.21 0.39
CA GLU C 75 27.44 23.31 0.29
C GLU C 75 28.04 23.39 -1.11
N GLN C 76 28.94 24.34 -1.31
CA GLN C 76 29.57 24.56 -2.61
C GLN C 76 30.78 23.63 -2.72
N THR C 77 30.69 22.64 -3.60
CA THR C 77 31.78 21.71 -3.84
C THR C 77 31.94 21.49 -5.34
N TYR C 78 33.11 20.97 -5.72
CA TYR C 78 33.54 21.03 -7.12
C TYR C 78 34.10 19.69 -7.56
N LEU C 79 34.12 19.51 -8.89
CA LEU C 79 34.74 18.37 -9.53
C LEU C 79 35.58 18.84 -10.72
N GLU C 80 36.79 18.30 -10.84
CA GLU C 80 37.69 18.62 -11.94
C GLU C 80 38.06 17.36 -12.69
N ILE C 81 38.01 17.43 -14.02
CA ILE C 81 38.37 16.34 -14.91
C ILE C 81 39.41 16.83 -15.88
N GLY C 82 40.47 16.05 -16.08
CA GLY C 82 41.54 16.43 -16.98
C GLY C 82 41.22 16.22 -18.44
N ASP C 83 42.20 15.78 -19.22
CA ASP C 83 42.07 15.68 -20.67
C ASP C 83 42.12 14.23 -21.12
N HIS C 84 41.60 14.01 -22.33
CA HIS C 84 41.71 12.73 -23.03
C HIS C 84 41.17 11.56 -22.21
N ASN C 85 40.02 11.76 -21.58
CA ASN C 85 39.38 10.72 -20.78
C ASN C 85 38.20 10.13 -21.54
N ARG C 86 38.04 8.82 -21.46
CA ARG C 86 36.90 8.13 -22.03
C ARG C 86 36.06 7.57 -20.89
N ILE C 87 34.90 8.18 -20.66
CA ILE C 87 33.99 7.82 -19.58
C ILE C 87 32.80 7.13 -20.21
N ARG C 88 32.62 5.84 -19.90
CA ARG C 88 31.62 5.03 -20.57
C ARG C 88 30.24 5.21 -19.91
N GLU C 89 29.29 4.39 -20.35
CA GLU C 89 27.89 4.55 -19.96
C GLU C 89 27.71 4.38 -18.46
N ALA C 90 26.70 5.07 -17.92
CA ALA C 90 26.21 4.92 -16.56
C ALA C 90 27.23 5.30 -15.50
N CYS C 91 28.35 5.89 -15.88
CA CYS C 91 29.35 6.28 -14.90
C CYS C 91 28.84 7.40 -14.01
N THR C 92 29.15 7.32 -12.72
CA THR C 92 28.74 8.30 -11.73
C THR C 92 29.97 8.83 -11.02
N ILE C 93 30.24 10.12 -11.17
CA ILE C 93 31.32 10.80 -10.47
C ILE C 93 30.69 11.95 -9.68
N HIS C 94 30.92 11.96 -8.37
CA HIS C 94 30.29 12.92 -7.48
C HIS C 94 31.30 13.94 -6.99
N ARG C 95 30.81 15.14 -6.71
CA ARG C 95 31.64 16.23 -6.23
C ARG C 95 32.08 15.98 -4.79
N GLY C 96 33.06 16.75 -4.34
CA GLY C 96 33.63 16.58 -3.02
C GLY C 96 32.69 17.01 -1.91
N THR C 97 33.19 16.89 -0.68
CA THR C 97 32.53 17.41 0.51
C THR C 97 33.45 18.41 1.19
N VAL C 98 32.86 19.47 1.75
CA VAL C 98 33.64 20.54 2.35
C VAL C 98 34.47 20.06 3.53
N GLN C 99 34.13 18.91 4.12
CA GLN C 99 34.90 18.35 5.23
C GLN C 99 36.27 17.83 4.79
N ASP C 100 36.53 17.69 3.48
CA ASP C 100 37.81 17.18 2.98
C ASP C 100 38.15 17.95 1.69
N ARG C 101 38.57 19.20 1.87
CA ARG C 101 38.99 20.13 0.82
C ARG C 101 38.01 20.26 -0.34
N GLY C 102 36.81 19.69 -0.21
CA GLY C 102 35.69 20.03 -1.07
C GLY C 102 35.89 19.90 -2.56
N ILE C 103 36.63 18.90 -3.01
CA ILE C 103 36.86 18.71 -4.43
C ILE C 103 37.07 17.23 -4.71
N THR C 104 36.63 16.80 -5.90
CA THR C 104 36.95 15.50 -6.45
C THR C 104 37.74 15.73 -7.74
N ARG C 105 38.84 15.02 -7.89
CA ARG C 105 39.78 15.27 -8.99
C ARG C 105 40.09 13.95 -9.70
N ILE C 106 40.00 13.96 -11.03
CA ILE C 106 40.49 12.86 -11.85
C ILE C 106 41.43 13.44 -12.89
N GLY C 107 42.43 12.65 -13.28
CA GLY C 107 43.49 13.14 -14.13
C GLY C 107 43.22 13.04 -15.62
N ASN C 108 44.19 12.51 -16.36
CA ASN C 108 44.16 12.48 -17.82
C ASN C 108 44.30 11.04 -18.32
N GLN C 109 43.86 10.82 -19.55
CA GLN C 109 44.07 9.56 -20.26
C GLN C 109 43.49 8.36 -19.50
N ASN C 110 42.36 8.57 -18.83
CA ASN C 110 41.72 7.52 -18.05
C ASN C 110 40.64 6.83 -18.87
N LEU C 111 40.42 5.56 -18.58
CA LEU C 111 39.32 4.78 -19.17
C LEU C 111 38.43 4.30 -18.03
N LEU C 112 37.19 4.82 -18.01
CA LEU C 112 36.20 4.43 -17.02
C LEU C 112 35.09 3.66 -17.73
N MET C 113 35.05 2.35 -17.52
CA MET C 113 34.13 1.49 -18.25
C MET C 113 32.71 1.65 -17.70
N VAL C 114 31.80 0.77 -18.12
CA VAL C 114 30.38 0.94 -17.78
C VAL C 114 30.18 0.90 -16.28
N ASN C 115 29.41 1.87 -15.77
CA ASN C 115 29.01 1.92 -14.37
C ASN C 115 30.21 1.96 -13.43
N VAL C 116 31.12 2.89 -13.69
CA VAL C 116 32.24 3.16 -12.80
C VAL C 116 31.84 4.31 -11.89
N HIS C 117 31.78 4.05 -10.59
CA HIS C 117 31.40 5.07 -9.61
C HIS C 117 32.65 5.66 -9.00
N ILE C 118 32.73 6.99 -8.99
CA ILE C 118 33.82 7.73 -8.35
C ILE C 118 33.17 8.62 -7.30
N ALA C 119 33.27 8.22 -6.03
CA ALA C 119 32.55 8.89 -4.97
C ALA C 119 33.18 10.25 -4.65
N HIS C 120 32.55 10.96 -3.72
CA HIS C 120 33.00 12.28 -3.32
C HIS C 120 34.45 12.27 -2.83
N ASP C 121 35.19 13.32 -3.18
CA ASP C 121 36.52 13.61 -2.65
C ASP C 121 37.58 12.62 -3.10
N CYS C 122 37.32 11.85 -4.16
CA CYS C 122 38.33 10.95 -4.67
C CYS C 122 39.37 11.71 -5.48
N VAL C 123 40.56 11.12 -5.59
CA VAL C 123 41.65 11.66 -6.39
C VAL C 123 42.15 10.55 -7.30
N VAL C 124 42.09 10.78 -8.62
CA VAL C 124 42.48 9.80 -9.62
C VAL C 124 43.56 10.41 -10.48
N GLY C 125 44.64 9.67 -10.69
CA GLY C 125 45.75 10.14 -11.50
C GLY C 125 45.53 9.96 -12.98
N ASP C 126 46.58 9.63 -13.72
CA ASP C 126 46.53 9.52 -15.17
C ASP C 126 46.70 8.07 -15.62
N ASP C 127 46.29 7.82 -16.86
CA ASP C 127 46.51 6.54 -17.54
C ASP C 127 45.91 5.36 -16.77
N ASN C 128 44.81 5.59 -16.07
CA ASN C 128 44.19 4.54 -15.28
C ASN C 128 43.08 3.85 -16.08
N VAL C 129 42.84 2.59 -15.75
CA VAL C 129 41.84 1.76 -16.43
C VAL C 129 41.00 1.09 -15.35
N LEU C 130 39.78 1.58 -15.15
CA LEU C 130 38.82 0.98 -14.24
C LEU C 130 37.77 0.23 -15.05
N ALA C 131 37.60 -1.06 -14.76
CA ALA C 131 36.76 -1.94 -15.56
C ALA C 131 35.30 -1.76 -15.17
N ASN C 132 34.44 -2.62 -15.73
CA ASN C 132 33.00 -2.52 -15.52
C ASN C 132 32.63 -2.62 -14.05
N ASN C 133 31.60 -1.86 -13.65
CA ASN C 133 30.97 -1.99 -12.34
C ASN C 133 31.94 -1.77 -11.19
N VAL C 134 33.01 -1.00 -11.42
CA VAL C 134 33.95 -0.69 -10.36
C VAL C 134 33.42 0.46 -9.53
N GLY C 135 33.29 0.25 -8.23
CA GLY C 135 32.87 1.30 -7.32
C GLY C 135 33.97 1.66 -6.34
N VAL C 136 34.38 2.93 -6.32
CA VAL C 136 35.43 3.39 -5.43
C VAL C 136 34.82 4.42 -4.47
N ALA C 137 34.87 4.10 -3.18
CA ALA C 137 34.21 4.93 -2.17
C ALA C 137 34.97 6.23 -1.97
N GLY C 138 34.40 7.10 -1.14
CA GLY C 138 34.91 8.44 -1.00
C GLY C 138 36.31 8.50 -0.42
N HIS C 139 37.02 9.58 -0.75
CA HIS C 139 38.34 9.93 -0.23
C HIS C 139 39.45 9.00 -0.69
N ALA C 140 39.19 8.14 -1.67
CA ALA C 140 40.21 7.21 -2.13
C ALA C 140 41.19 7.90 -3.09
N HIS C 141 42.35 7.28 -3.26
CA HIS C 141 43.39 7.79 -4.14
C HIS C 141 43.76 6.73 -5.16
N ILE C 142 43.62 7.08 -6.45
CA ILE C 142 44.09 6.24 -7.55
C ILE C 142 45.32 6.91 -8.15
N GLY C 143 46.41 6.16 -8.24
CA GLY C 143 47.65 6.69 -8.77
C GLY C 143 47.65 6.80 -10.28
N ASN C 144 48.75 6.40 -10.91
CA ASN C 144 48.89 6.45 -12.35
C ASN C 144 49.15 5.05 -12.90
N HIS C 145 48.65 4.80 -14.11
CA HIS C 145 48.84 3.53 -14.81
C HIS C 145 48.32 2.36 -14.00
N VAL C 146 47.20 2.56 -13.32
CA VAL C 146 46.59 1.55 -12.47
C VAL C 146 45.48 0.85 -13.25
N ILE C 147 45.32 -0.45 -12.98
CA ILE C 147 44.24 -1.26 -13.54
C ILE C 147 43.45 -1.86 -12.38
N ILE C 148 42.13 -1.73 -12.44
CA ILE C 148 41.24 -2.29 -11.42
C ILE C 148 40.23 -3.18 -12.14
N GLY C 149 40.16 -4.44 -11.72
CA GLY C 149 39.32 -5.41 -12.39
C GLY C 149 37.85 -5.15 -12.20
N GLY C 150 37.05 -5.82 -13.03
CA GLY C 150 35.62 -5.56 -13.05
C GLY C 150 34.95 -5.96 -11.75
N GLN C 151 33.88 -5.23 -11.42
CA GLN C 151 33.04 -5.49 -10.26
C GLN C 151 33.84 -5.48 -8.96
N SER C 152 34.88 -4.66 -8.88
CA SER C 152 35.70 -4.54 -7.69
C SER C 152 35.27 -3.32 -6.89
N GLY C 153 35.49 -3.39 -5.57
CA GLY C 153 35.12 -2.32 -4.69
C GLY C 153 36.28 -1.83 -3.84
N VAL C 154 36.60 -0.54 -3.94
CA VAL C 154 37.63 0.09 -3.14
C VAL C 154 36.97 0.77 -1.96
N HIS C 155 37.42 0.45 -0.76
CA HIS C 155 36.85 1.04 0.44
C HIS C 155 37.31 2.50 0.58
N GLN C 156 36.50 3.28 1.30
CA GLN C 156 36.81 4.69 1.51
C GLN C 156 38.20 4.86 2.14
N PHE C 157 38.86 5.96 1.77
CA PHE C 157 40.17 6.39 2.24
C PHE C 157 41.32 5.51 1.74
N CYS C 158 41.06 4.48 0.94
CA CYS C 158 42.12 3.57 0.52
C CYS C 158 42.98 4.18 -0.57
N ARG C 159 44.27 3.86 -0.53
CA ARG C 159 45.24 4.33 -1.52
C ARG C 159 45.55 3.22 -2.52
N ILE C 160 45.50 3.55 -3.79
CA ILE C 160 45.87 2.63 -4.87
C ILE C 160 46.98 3.31 -5.67
N ASP C 161 48.23 3.05 -5.28
CA ASP C 161 49.37 3.75 -5.87
C ASP C 161 49.69 3.19 -7.26
N ASP C 162 50.69 3.79 -7.89
CA ASP C 162 50.92 3.62 -9.32
C ASP C 162 51.29 2.19 -9.68
N TYR C 163 50.98 1.82 -10.92
CA TYR C 163 51.37 0.56 -11.56
C TYR C 163 50.87 -0.68 -10.81
N SER C 164 49.86 -0.53 -9.96
CA SER C 164 49.25 -1.69 -9.32
C SER C 164 48.18 -2.28 -10.23
N MET C 165 47.66 -3.44 -9.83
CA MET C 165 46.62 -4.09 -10.62
C MET C 165 45.71 -4.86 -9.67
N VAL C 166 44.43 -4.47 -9.62
CA VAL C 166 43.44 -5.10 -8.76
C VAL C 166 42.65 -6.10 -9.59
N GLY C 167 42.53 -7.33 -9.09
CA GLY C 167 41.79 -8.34 -9.80
C GLY C 167 40.30 -8.07 -9.78
N GLY C 168 39.58 -8.77 -10.67
CA GLY C 168 38.14 -8.61 -10.74
C GLY C 168 37.45 -9.12 -9.50
N ALA C 169 36.32 -8.48 -9.17
CA ALA C 169 35.49 -8.86 -8.02
C ALA C 169 36.30 -8.86 -6.73
N SER C 170 37.18 -7.89 -6.58
CA SER C 170 38.04 -7.78 -5.41
C SER C 170 37.51 -6.72 -4.46
N LEU C 171 37.78 -6.91 -3.17
CA LEU C 171 37.37 -5.97 -2.14
C LEU C 171 38.62 -5.39 -1.50
N ILE C 172 38.89 -4.11 -1.76
CA ILE C 172 40.08 -3.42 -1.26
C ILE C 172 39.70 -2.69 0.01
N VAL C 173 40.18 -3.17 1.15
CA VAL C 173 39.87 -2.56 2.43
C VAL C 173 41.07 -1.76 2.94
N LYS C 174 42.28 -2.14 2.52
CA LYS C 174 43.50 -1.48 2.95
C LYS C 174 44.18 -0.81 1.75
N ASP C 175 45.36 -0.26 1.99
CA ASP C 175 46.09 0.49 0.97
C ASP C 175 46.94 -0.45 0.13
N VAL C 176 46.84 -0.31 -1.19
CA VAL C 176 47.61 -1.12 -2.14
C VAL C 176 48.86 -0.34 -2.53
N ALA C 177 50.03 -0.90 -2.22
CA ALA C 177 51.28 -0.26 -2.57
C ALA C 177 51.52 -0.30 -4.07
N ALA C 178 52.54 0.43 -4.51
CA ALA C 178 52.87 0.50 -5.94
C ALA C 178 53.34 -0.85 -6.46
N TYR C 179 53.03 -1.12 -7.73
CA TYR C 179 53.40 -2.32 -8.48
C TYR C 179 52.78 -3.59 -7.94
N VAL C 180 51.91 -3.50 -6.94
CA VAL C 180 51.38 -4.69 -6.28
C VAL C 180 50.20 -5.25 -7.06
N MET C 181 50.06 -6.58 -7.04
CA MET C 181 48.93 -7.30 -7.63
C MET C 181 48.06 -7.83 -6.49
N ALA C 182 46.85 -7.31 -6.38
CA ALA C 182 45.93 -7.69 -5.32
C ALA C 182 44.62 -8.20 -5.94
N SER C 183 44.03 -9.20 -5.30
CA SER C 183 42.77 -9.79 -5.77
C SER C 183 42.19 -10.65 -4.66
N GLY C 184 40.89 -10.84 -4.73
CA GLY C 184 40.18 -11.72 -3.82
C GLY C 184 39.20 -10.97 -2.92
N ASN C 185 38.51 -11.75 -2.10
CA ASN C 185 37.57 -11.20 -1.13
C ASN C 185 37.68 -11.96 0.19
N PRO C 186 38.36 -11.36 1.19
CA PRO C 186 39.08 -10.08 1.11
C PRO C 186 40.36 -10.18 0.30
N ALA C 187 40.70 -9.11 -0.42
CA ALA C 187 41.84 -9.14 -1.31
C ALA C 187 43.15 -9.32 -0.54
N LYS C 188 44.10 -9.99 -1.18
CA LYS C 188 45.42 -10.23 -0.60
C LYS C 188 46.48 -9.95 -1.67
N ALA C 189 47.72 -9.83 -1.23
CA ALA C 189 48.83 -9.56 -2.14
C ALA C 189 49.27 -10.85 -2.82
N HIS C 190 49.40 -10.80 -4.16
CA HIS C 190 49.74 -11.97 -4.96
C HIS C 190 50.88 -11.66 -5.93
N GLY C 191 51.97 -11.13 -5.39
CA GLY C 191 53.15 -10.92 -6.21
C GLY C 191 53.23 -9.52 -6.80
N LEU C 192 54.04 -9.42 -7.85
CA LEU C 192 54.38 -8.16 -8.49
C LEU C 192 53.81 -8.11 -9.90
N ASN C 193 53.51 -6.91 -10.37
CA ASN C 193 52.95 -6.67 -11.71
C ASN C 193 54.04 -6.69 -12.77
N LYS C 194 54.65 -7.88 -12.94
CA LYS C 194 55.67 -8.01 -13.98
C LYS C 194 55.10 -7.91 -15.39
N GLU C 195 53.80 -8.18 -15.58
CA GLU C 195 53.21 -8.07 -16.91
C GLU C 195 53.21 -6.62 -17.38
N GLY C 196 52.76 -5.70 -16.53
CA GLY C 196 52.79 -4.28 -16.88
C GLY C 196 54.15 -3.82 -17.32
N MET C 197 55.19 -4.17 -16.55
CA MET C 197 56.56 -3.76 -16.89
C MET C 197 57.11 -4.51 -18.09
N ARG C 198 56.59 -5.70 -18.40
CA ARG C 198 57.11 -6.41 -19.56
C ARG C 198 56.47 -5.93 -20.86
N ARG C 199 55.23 -5.44 -20.82
CA ARG C 199 54.65 -4.89 -22.04
C ARG C 199 55.11 -3.46 -22.29
N LYS C 200 55.49 -2.73 -21.24
CA LYS C 200 55.99 -1.37 -21.39
C LYS C 200 57.48 -1.32 -21.70
N GLY C 201 58.16 -2.47 -21.78
CA GLY C 201 59.55 -2.51 -22.17
C GLY C 201 60.51 -1.96 -21.14
N TRP C 202 60.58 -2.61 -19.98
CA TRP C 202 61.51 -2.24 -18.93
C TRP C 202 62.64 -3.25 -18.87
N SER C 203 63.82 -2.78 -18.42
CA SER C 203 64.99 -3.64 -18.37
C SER C 203 64.78 -4.78 -17.39
N LYS C 204 65.18 -5.99 -17.82
CA LYS C 204 64.99 -7.17 -16.97
C LYS C 204 65.67 -7.00 -15.61
N ASP C 205 66.82 -6.32 -15.60
CA ASP C 205 67.48 -6.03 -14.33
C ASP C 205 66.59 -5.19 -13.43
N THR C 206 65.93 -4.18 -13.99
CA THR C 206 65.03 -3.32 -13.21
C THR C 206 63.88 -4.12 -12.62
N ILE C 207 63.30 -5.02 -13.42
CA ILE C 207 62.18 -5.84 -12.94
C ILE C 207 62.64 -6.78 -11.84
N LYS C 208 63.83 -7.37 -12.00
CA LYS C 208 64.35 -8.26 -10.96
C LYS C 208 64.60 -7.50 -9.66
N ALA C 209 65.15 -6.29 -9.77
CA ALA C 209 65.41 -5.48 -8.58
C ALA C 209 64.12 -5.09 -7.89
N LEU C 210 63.13 -4.62 -8.66
CA LEU C 210 61.83 -4.28 -8.07
C LEU C 210 61.18 -5.49 -7.41
N ASP C 211 61.31 -6.66 -8.04
CA ASP C 211 60.80 -7.88 -7.43
C ASP C 211 61.48 -8.15 -6.09
N GLU C 212 62.80 -7.98 -6.03
CA GLU C 212 63.51 -8.14 -4.77
C GLU C 212 63.01 -7.14 -3.72
N ALA C 213 62.67 -5.93 -4.16
CA ALA C 213 62.08 -4.95 -3.24
C ALA C 213 60.75 -5.44 -2.69
N TYR C 214 59.90 -5.98 -3.57
CA TYR C 214 58.64 -6.57 -3.12
C TYR C 214 58.89 -7.66 -2.09
N ARG C 215 59.83 -8.56 -2.38
CA ARG C 215 60.16 -9.62 -1.42
C ARG C 215 60.59 -9.02 -0.09
N LEU C 216 61.33 -7.91 -0.13
CA LEU C 216 61.74 -7.25 1.10
C LEU C 216 60.51 -6.77 1.89
N VAL C 217 59.61 -6.04 1.24
CA VAL C 217 58.50 -5.43 1.96
C VAL C 217 57.56 -6.51 2.49
N PHE C 218 57.13 -7.42 1.63
CA PHE C 218 56.08 -8.38 1.96
C PHE C 218 56.60 -9.72 2.43
N ARG C 219 57.53 -10.34 1.68
CA ARG C 219 57.94 -11.71 1.92
C ARG C 219 59.24 -11.82 2.68
N SER C 220 59.52 -10.85 3.56
CA SER C 220 60.71 -10.86 4.41
C SER C 220 60.37 -10.65 5.88
N GLY C 221 59.08 -10.71 6.22
CA GLY C 221 58.57 -10.55 7.57
C GLY C 221 59.30 -9.61 8.50
N LEU C 222 59.65 -8.43 8.00
CA LEU C 222 60.18 -7.35 8.82
C LEU C 222 59.20 -6.18 8.73
N LEU C 223 59.02 -5.49 9.85
CA LEU C 223 58.01 -4.44 9.94
C LEU C 223 58.36 -3.26 9.02
N ARG C 224 57.46 -2.28 8.99
CA ARG C 224 57.52 -1.22 7.99
C ARG C 224 58.81 -0.40 8.11
N ASP C 225 59.28 -0.17 9.34
CA ASP C 225 60.45 0.69 9.52
C ASP C 225 61.73 -0.01 9.05
N GLU C 226 61.92 -1.27 9.46
CA GLU C 226 63.12 -1.99 9.03
C GLU C 226 63.12 -2.18 7.52
N ALA C 227 61.96 -2.51 6.96
CA ALA C 227 61.85 -2.60 5.51
C ALA C 227 62.25 -1.28 4.86
N LEU C 228 61.64 -0.18 5.28
CA LEU C 228 61.98 1.14 4.74
C LEU C 228 63.48 1.38 4.75
N ASP C 229 64.11 1.12 5.90
CA ASP C 229 65.55 1.31 6.00
C ASP C 229 66.31 0.38 5.06
N GLU C 230 65.71 -0.76 4.70
CA GLU C 230 66.36 -1.64 3.73
C GLU C 230 66.15 -1.20 2.29
N LEU C 231 65.03 -0.52 1.97
CA LEU C 231 64.82 -0.04 0.61
C LEU C 231 65.65 1.21 0.32
N THR C 232 65.78 2.11 1.31
CA THR C 232 66.62 3.28 1.12
C THR C 232 68.04 2.90 0.71
N LYS C 233 68.47 1.68 1.04
CA LYS C 233 69.75 1.17 0.53
C LYS C 233 69.65 0.85 -0.96
N LEU C 234 68.52 0.29 -1.40
CA LEU C 234 68.36 -0.14 -2.79
C LEU C 234 68.02 1.00 -3.75
N VAL C 235 67.63 2.18 -3.25
CA VAL C 235 67.22 3.24 -4.18
C VAL C 235 68.37 3.66 -5.07
N GLU C 236 69.60 3.62 -4.56
CA GLU C 236 70.76 4.00 -5.38
C GLU C 236 70.86 3.12 -6.62
N LYS C 237 70.83 1.81 -6.44
CA LYS C 237 71.03 0.88 -7.54
C LYS C 237 69.81 0.75 -8.44
N GLU C 238 68.67 1.31 -8.05
CA GLU C 238 67.45 1.28 -8.85
C GLU C 238 66.50 2.39 -8.37
N PRO C 239 66.21 3.37 -9.23
CA PRO C 239 65.47 4.55 -8.74
C PRO C 239 63.98 4.30 -8.51
N LYS C 240 63.38 3.42 -9.32
CA LYS C 240 61.93 3.22 -9.27
C LYS C 240 61.45 2.80 -7.90
N ILE C 241 62.32 2.17 -7.11
CA ILE C 241 61.99 1.77 -5.74
C ILE C 241 61.41 2.92 -4.94
N GLN C 242 61.76 4.17 -5.32
CA GLN C 242 61.20 5.34 -4.66
C GLN C 242 59.68 5.28 -4.59
N LEU C 243 59.03 4.97 -5.73
CA LEU C 243 57.58 4.89 -5.77
C LEU C 243 57.02 3.93 -4.72
N LEU C 244 57.77 2.87 -4.41
CA LEU C 244 57.33 1.95 -3.37
C LEU C 244 57.44 2.59 -1.99
N ILE C 245 58.56 3.26 -1.71
CA ILE C 245 58.76 3.90 -0.41
C ILE C 245 57.63 4.87 -0.11
N ASP C 246 57.26 5.69 -1.11
CA ASP C 246 56.12 6.58 -0.96
C ASP C 246 54.90 5.81 -0.47
N SER C 247 54.61 4.68 -1.11
CA SER C 247 53.49 3.83 -0.71
C SER C 247 53.52 3.51 0.78
N ILE C 248 54.73 3.28 1.32
CA ILE C 248 54.84 2.95 2.74
C ILE C 248 54.58 4.18 3.59
N ASN C 249 55.10 5.34 3.17
CA ASN C 249 54.96 6.55 3.95
C ASN C 249 53.57 7.18 3.82
N ASN C 250 52.93 7.00 2.67
CA ASN C 250 51.60 7.56 2.43
C ASN C 250 50.48 6.67 2.95
N SER C 251 50.81 5.51 3.53
CA SER C 251 49.78 4.57 3.98
C SER C 251 49.28 4.97 5.37
N LYS C 252 47.98 5.22 5.46
CA LYS C 252 47.33 5.51 6.74
C LYS C 252 46.41 4.40 7.21
N ARG C 253 45.86 3.60 6.30
CA ARG C 253 44.99 2.48 6.64
C ARG C 253 45.73 1.16 6.79
N GLY C 254 47.04 1.15 6.63
CA GLY C 254 47.79 -0.09 6.60
C GLY C 254 48.16 -0.48 5.18
N LEU C 255 48.51 -1.74 5.01
CA LEU C 255 48.96 -2.21 3.71
C LEU C 255 48.30 -3.55 3.38
N VAL C 256 47.94 -3.73 2.12
CA VAL C 256 47.38 -4.99 1.65
C VAL C 256 48.53 -5.99 1.50
N ARG C 257 48.52 -7.02 2.33
CA ARG C 257 49.54 -8.05 2.27
C ARG C 257 48.92 -9.43 2.46
N MET D 1 -6.95 33.82 11.82
CA MET D 1 -7.48 34.07 13.16
C MET D 1 -8.02 32.77 13.75
N THR D 2 -7.66 31.65 13.13
CA THR D 2 -8.04 30.30 13.53
C THR D 2 -9.55 30.06 13.52
N ILE D 3 -10.35 31.12 13.45
CA ILE D 3 -11.80 31.02 13.37
C ILE D 3 -12.24 31.52 12.01
N HIS D 4 -13.00 30.69 11.30
CA HIS D 4 -13.42 31.05 9.95
C HIS D 4 -14.49 32.15 10.02
N PRO D 5 -14.46 33.11 9.10
CA PRO D 5 -15.47 34.18 9.13
C PRO D 5 -16.91 33.67 9.08
N THR D 6 -17.18 32.66 8.25
CA THR D 6 -18.53 32.15 8.13
C THR D 6 -18.98 31.33 9.33
N ALA D 7 -18.15 31.18 10.36
CA ALA D 7 -18.56 30.50 11.57
C ALA D 7 -19.36 31.43 12.46
N ILE D 8 -20.43 30.92 13.04
CA ILE D 8 -21.30 31.68 13.93
C ILE D 8 -21.07 31.18 15.35
N ILE D 9 -20.60 32.08 16.22
CA ILE D 9 -20.33 31.76 17.61
C ILE D 9 -21.10 32.72 18.50
N ASP D 10 -21.86 32.18 19.45
CA ASP D 10 -22.55 33.02 20.42
C ASP D 10 -21.52 33.72 21.30
N LYS D 11 -21.86 34.93 21.73
CA LYS D 11 -20.90 35.75 22.48
C LYS D 11 -20.57 35.13 23.84
N SER D 12 -21.48 34.35 24.41
CA SER D 12 -21.24 33.71 25.70
C SER D 12 -20.30 32.52 25.61
N ALA D 13 -19.99 32.05 24.40
CA ALA D 13 -19.08 30.92 24.24
C ALA D 13 -17.64 31.39 24.34
N MET D 14 -16.80 30.55 24.95
CA MET D 14 -15.38 30.82 25.10
C MET D 14 -14.58 29.86 24.23
N ILE D 15 -13.70 30.40 23.39
CA ILE D 15 -12.82 29.61 22.55
C ILE D 15 -11.39 30.01 22.89
N ALA D 16 -10.58 29.02 23.26
CA ALA D 16 -9.18 29.28 23.56
C ALA D 16 -8.39 29.54 22.28
N ASP D 17 -7.24 30.20 22.44
CA ASP D 17 -6.35 30.40 21.31
C ASP D 17 -5.81 29.06 20.84
N SER D 18 -5.31 29.05 19.59
CA SER D 18 -4.83 27.88 18.87
C SER D 18 -5.95 26.89 18.55
N ALA D 19 -7.18 27.14 19.01
CA ALA D 19 -8.31 26.28 18.64
C ALA D 19 -8.80 26.71 17.28
N ILE D 20 -9.00 25.75 16.38
CA ILE D 20 -9.35 26.02 15.00
C ILE D 20 -10.80 25.62 14.77
N ILE D 21 -11.60 26.58 14.32
CA ILE D 21 -12.99 26.36 13.96
C ILE D 21 -13.14 26.70 12.48
N GLY D 22 -13.54 25.71 11.69
CA GLY D 22 -13.62 25.86 10.26
C GLY D 22 -14.88 26.54 9.79
N PRO D 23 -15.16 26.45 8.49
CA PRO D 23 -16.31 27.18 7.93
C PRO D 23 -17.63 26.54 8.32
N TYR D 24 -18.64 27.41 8.46
CA TYR D 24 -20.04 27.00 8.61
C TYR D 24 -20.28 26.22 9.91
N CYS D 25 -19.48 26.47 10.93
CA CYS D 25 -19.70 25.87 12.24
C CYS D 25 -20.55 26.78 13.11
N ILE D 26 -21.28 26.17 14.05
CA ILE D 26 -22.18 26.89 14.94
C ILE D 26 -21.86 26.49 16.37
N VAL D 27 -21.62 27.47 17.23
CA VAL D 27 -21.35 27.26 18.64
C VAL D 27 -22.45 27.93 19.46
N GLY D 28 -22.97 27.22 20.45
CA GLY D 28 -24.15 27.64 21.18
C GLY D 28 -23.85 28.44 22.43
N LYS D 29 -24.87 28.59 23.26
CA LYS D 29 -24.79 29.39 24.46
C LYS D 29 -24.04 28.67 25.57
N ASN D 30 -23.15 29.39 26.24
CA ASN D 30 -22.42 28.88 27.41
C ASN D 30 -21.66 27.59 27.08
N SER D 31 -20.95 27.60 25.97
CA SER D 31 -20.13 26.47 25.56
C SER D 31 -18.66 26.86 25.59
N GLN D 32 -17.81 25.84 25.75
CA GLN D 32 -16.37 26.03 25.91
C GLN D 32 -15.62 25.08 25.00
N ILE D 33 -14.57 25.57 24.36
CA ILE D 33 -13.72 24.77 23.48
C ILE D 33 -12.29 24.92 23.95
N GLY D 34 -11.62 23.78 24.17
CA GLY D 34 -10.28 23.80 24.70
C GLY D 34 -9.23 24.16 23.67
N ALA D 35 -7.97 24.10 24.11
CA ALA D 35 -6.85 24.44 23.24
C ALA D 35 -6.59 23.34 22.22
N HIS D 36 -6.07 23.75 21.06
CA HIS D 36 -5.58 22.82 20.03
C HIS D 36 -6.68 21.87 19.55
N THR D 37 -7.93 22.29 19.64
CA THR D 37 -9.07 21.48 19.22
C THR D 37 -9.50 21.92 17.82
N VAL D 38 -9.72 20.95 16.94
CA VAL D 38 -9.97 21.22 15.53
C VAL D 38 -11.41 20.86 15.22
N LEU D 39 -12.17 21.84 14.75
CA LEU D 39 -13.51 21.65 14.22
C LEU D 39 -13.47 21.95 12.73
N ARG D 40 -13.66 20.91 11.91
CA ARG D 40 -13.37 21.01 10.48
C ARG D 40 -14.37 21.89 9.75
N SER D 41 -15.58 21.39 9.51
CA SER D 41 -16.61 22.21 8.89
C SER D 41 -17.97 21.63 9.28
N HIS D 42 -19.00 22.47 9.18
CA HIS D 42 -20.39 22.06 9.43
C HIS D 42 -20.48 21.28 10.75
N VAL D 43 -20.00 21.88 11.82
CA VAL D 43 -20.04 21.29 13.15
C VAL D 43 -20.98 22.11 14.02
N ILE D 44 -21.90 21.44 14.70
CA ILE D 44 -22.86 22.06 15.60
C ILE D 44 -22.44 21.77 17.03
N ILE D 45 -22.24 22.82 17.81
CA ILE D 45 -21.99 22.71 19.24
C ILE D 45 -23.20 23.30 19.94
N GLY D 46 -23.97 22.46 20.63
CA GLY D 46 -25.16 22.93 21.30
C GLY D 46 -24.81 23.74 22.54
N GLU D 47 -25.86 24.25 23.19
CA GLU D 47 -25.68 25.00 24.40
C GLU D 47 -25.11 24.11 25.51
N ASN D 48 -24.43 24.74 26.47
CA ASN D 48 -23.95 24.07 27.68
C ASN D 48 -23.10 22.84 27.35
N THR D 49 -21.99 23.09 26.65
CA THR D 49 -21.12 22.02 26.18
C THR D 49 -19.67 22.36 26.49
N LYS D 50 -19.01 21.49 27.24
CA LYS D 50 -17.58 21.61 27.55
C LYS D 50 -16.80 20.64 26.69
N ILE D 51 -15.77 21.14 26.01
CA ILE D 51 -14.92 20.33 25.14
C ILE D 51 -13.47 20.56 25.53
N GLY D 52 -12.73 19.46 25.73
CA GLY D 52 -11.36 19.53 26.18
C GLY D 52 -10.40 19.97 25.10
N VAL D 53 -9.16 19.49 25.20
CA VAL D 53 -8.09 19.92 24.33
C VAL D 53 -7.72 18.81 23.35
N HIS D 54 -7.14 19.21 22.22
CA HIS D 54 -6.65 18.30 21.19
C HIS D 54 -7.74 17.37 20.66
N ASN D 55 -8.98 17.85 20.64
CA ASN D 55 -10.08 17.09 20.06
C ASN D 55 -10.18 17.37 18.58
N ASP D 56 -10.60 16.35 17.81
CA ASP D 56 -10.75 16.45 16.38
C ASP D 56 -12.16 16.01 16.03
N ILE D 57 -13.02 16.97 15.67
CA ILE D 57 -14.44 16.71 15.38
C ILE D 57 -14.67 16.97 13.90
N TYR D 58 -15.19 15.95 13.21
CA TYR D 58 -15.36 16.01 11.77
C TYR D 58 -16.71 16.63 11.39
N GLN D 59 -16.97 16.70 10.10
CA GLN D 59 -18.11 17.44 9.58
C GLN D 59 -19.44 16.78 9.92
N PHE D 60 -20.49 17.61 9.97
CA PHE D 60 -21.88 17.18 10.14
C PHE D 60 -22.14 16.51 11.47
N ALA D 61 -21.28 16.74 12.45
CA ALA D 61 -21.44 16.17 13.79
C ALA D 61 -22.20 17.14 14.67
N SER D 62 -23.19 16.63 15.40
CA SER D 62 -24.00 17.41 16.34
C SER D 62 -23.52 17.10 17.75
N ILE D 63 -22.78 18.03 18.33
CA ILE D 63 -22.15 17.84 19.64
C ILE D 63 -22.93 18.69 20.65
N GLY D 64 -23.68 18.04 21.53
CA GLY D 64 -24.37 18.73 22.59
C GLY D 64 -25.77 19.19 22.26
N GLU D 65 -26.49 18.46 21.41
CA GLU D 65 -27.85 18.83 21.05
C GLU D 65 -28.84 18.33 22.12
N ASN D 66 -30.06 18.86 22.05
CA ASN D 66 -31.08 18.53 23.03
C ASN D 66 -31.36 17.03 23.04
N PRO D 67 -31.71 16.47 24.20
CA PRO D 67 -32.00 15.03 24.26
C PRO D 67 -33.20 14.66 23.42
N GLN D 68 -33.32 13.36 23.14
CA GLN D 68 -34.47 12.81 22.45
C GLN D 68 -35.48 12.18 23.42
N ASP D 69 -35.29 12.38 24.72
CA ASP D 69 -36.22 11.84 25.71
C ASP D 69 -37.56 12.55 25.59
N LEU D 70 -38.64 11.76 25.54
CA LEU D 70 -39.98 12.33 25.39
C LEU D 70 -40.36 13.24 26.56
N LYS D 71 -39.75 13.03 27.73
CA LYS D 71 -40.07 13.82 28.91
C LYS D 71 -39.23 15.09 29.04
N TYR D 72 -38.12 15.18 28.32
CA TYR D 72 -37.29 16.38 28.36
C TYR D 72 -38.09 17.59 27.92
N ALA D 73 -38.19 18.59 28.80
CA ALA D 73 -39.00 19.78 28.57
C ALA D 73 -38.15 21.04 28.44
N GLY D 74 -36.94 20.92 27.90
CA GLY D 74 -36.12 22.09 27.65
C GLY D 74 -35.40 22.64 28.86
N GLU D 75 -35.06 21.78 29.82
CA GLU D 75 -34.37 22.23 31.01
C GLU D 75 -32.89 22.48 30.72
N GLN D 76 -32.15 22.89 31.74
CA GLN D 76 -30.73 23.16 31.62
C GLN D 76 -29.96 21.85 31.84
N THR D 77 -29.32 21.36 30.79
CA THR D 77 -28.53 20.14 30.87
C THR D 77 -27.22 20.35 30.10
N TYR D 78 -26.26 19.49 30.36
CA TYR D 78 -24.87 19.75 29.96
C TYR D 78 -24.24 18.51 29.32
N LEU D 79 -23.17 18.77 28.57
CA LEU D 79 -22.33 17.73 27.97
C LEU D 79 -20.87 18.09 28.20
N GLU D 80 -20.08 17.09 28.60
CA GLU D 80 -18.66 17.27 28.84
C GLU D 80 -17.88 16.29 27.97
N ILE D 81 -16.83 16.80 27.32
CA ILE D 81 -15.95 15.99 26.48
C ILE D 81 -14.52 16.21 26.93
N GLY D 82 -13.78 15.11 27.07
CA GLY D 82 -12.40 15.19 27.51
C GLY D 82 -11.44 15.60 26.41
N ASP D 83 -10.24 15.03 26.41
CA ASP D 83 -9.17 15.42 25.52
C ASP D 83 -8.83 14.32 24.53
N HIS D 84 -8.17 14.73 23.43
CA HIS D 84 -7.59 13.81 22.45
C HIS D 84 -8.63 12.84 21.89
N ASN D 85 -9.80 13.36 21.54
CA ASN D 85 -10.86 12.54 20.98
C ASN D 85 -10.99 12.82 19.48
N ARG D 86 -11.25 11.75 18.72
CA ARG D 86 -11.47 11.85 17.27
C ARG D 86 -12.92 11.46 17.00
N ILE D 87 -13.76 12.46 16.78
CA ILE D 87 -15.18 12.27 16.54
C ILE D 87 -15.43 12.45 15.05
N ARG D 88 -15.86 11.38 14.38
CA ARG D 88 -15.97 11.37 12.93
C ARG D 88 -17.30 11.96 12.48
N GLU D 89 -17.57 11.85 11.18
CA GLU D 89 -18.70 12.51 10.56
C GLU D 89 -20.02 12.01 11.13
N ALA D 90 -21.02 12.91 11.12
CA ALA D 90 -22.42 12.61 11.42
C ALA D 90 -22.65 12.13 12.84
N CYS D 91 -21.64 12.22 13.72
CA CYS D 91 -21.83 11.79 15.09
C CYS D 91 -22.80 12.70 15.82
N THR D 92 -23.67 12.10 16.63
CA THR D 92 -24.66 12.83 17.41
C THR D 92 -24.47 12.48 18.88
N ILE D 93 -24.12 13.47 19.68
CA ILE D 93 -24.01 13.33 21.13
C ILE D 93 -24.97 14.31 21.77
N HIS D 94 -25.87 13.82 22.61
CA HIS D 94 -26.92 14.63 23.19
C HIS D 94 -26.64 14.89 24.67
N ARG D 95 -27.12 16.02 25.15
CA ARG D 95 -26.93 16.39 26.55
C ARG D 95 -27.82 15.52 27.43
N GLY D 96 -27.55 15.57 28.73
CA GLY D 96 -28.29 14.76 29.67
C GLY D 96 -29.73 15.23 29.85
N THR D 97 -30.43 14.54 30.75
CA THR D 97 -31.76 14.94 31.19
C THR D 97 -31.73 15.15 32.69
N VAL D 98 -32.50 16.15 33.15
CA VAL D 98 -32.48 16.52 34.57
C VAL D 98 -32.96 15.40 35.47
N GLN D 99 -33.67 14.41 34.93
CA GLN D 99 -34.11 13.28 35.74
C GLN D 99 -32.97 12.34 36.14
N ASP D 100 -31.78 12.48 35.53
CA ASP D 100 -30.63 11.61 35.83
C ASP D 100 -29.35 12.45 35.75
N ARG D 101 -29.09 13.21 36.81
CA ARG D 101 -27.86 13.99 36.98
C ARG D 101 -27.70 15.10 35.95
N GLY D 102 -28.46 15.05 34.87
CA GLY D 102 -28.49 16.15 33.91
C GLY D 102 -27.18 16.40 33.21
N ILE D 103 -26.42 15.35 32.89
CA ILE D 103 -25.15 15.51 32.21
C ILE D 103 -24.86 14.27 31.37
N THR D 104 -24.19 14.50 30.25
CA THR D 104 -23.61 13.44 29.44
C THR D 104 -22.10 13.62 29.42
N ARG D 105 -21.36 12.56 29.71
CA ARG D 105 -19.91 12.63 29.83
C ARG D 105 -19.24 11.63 28.89
N ILE D 106 -18.19 12.07 28.21
CA ILE D 106 -17.29 11.19 27.48
C ILE D 106 -15.87 11.54 27.86
N GLY D 107 -15.00 10.53 27.86
CA GLY D 107 -13.65 10.68 28.38
C GLY D 107 -12.60 11.14 27.38
N ASN D 108 -11.47 10.45 27.36
CA ASN D 108 -10.30 10.84 26.58
C ASN D 108 -9.89 9.71 25.65
N GLN D 109 -9.14 10.07 24.60
CA GLN D 109 -8.55 9.10 23.68
C GLN D 109 -9.59 8.20 23.03
N ASN D 110 -10.77 8.74 22.74
CA ASN D 110 -11.84 7.96 22.14
C ASN D 110 -11.85 8.16 20.63
N LEU D 111 -12.27 7.10 19.93
CA LEU D 111 -12.50 7.15 18.50
C LEU D 111 -13.98 6.85 18.26
N LEU D 112 -14.72 7.85 17.79
CA LEU D 112 -16.14 7.70 17.48
C LEU D 112 -16.27 7.80 15.97
N MET D 113 -16.52 6.66 15.34
CA MET D 113 -16.51 6.53 13.89
C MET D 113 -17.78 7.15 13.30
N VAL D 114 -18.00 6.93 12.01
CA VAL D 114 -19.09 7.62 11.30
C VAL D 114 -20.43 7.29 11.93
N ASN D 115 -21.22 8.32 12.20
CA ASN D 115 -22.60 8.18 12.68
C ASN D 115 -22.66 7.36 13.97
N VAL D 116 -21.86 7.78 14.96
CA VAL D 116 -21.92 7.19 16.29
C VAL D 116 -22.85 8.04 17.14
N HIS D 117 -23.93 7.42 17.63
CA HIS D 117 -24.92 8.11 18.44
C HIS D 117 -24.65 7.86 19.92
N ILE D 118 -24.59 8.94 20.69
CA ILE D 118 -24.43 8.87 22.14
C ILE D 118 -25.62 9.61 22.72
N ALA D 119 -26.60 8.87 23.23
CA ALA D 119 -27.85 9.45 23.68
C ALA D 119 -27.66 10.20 25.00
N HIS D 120 -28.75 10.81 25.46
CA HIS D 120 -28.73 11.60 26.70
C HIS D 120 -28.24 10.78 27.89
N ASP D 121 -27.47 11.44 28.76
CA ASP D 121 -27.06 10.95 30.07
C ASP D 121 -26.10 9.77 30.00
N CYS D 122 -25.45 9.55 28.86
CA CYS D 122 -24.48 8.48 28.76
C CYS D 122 -23.17 8.89 29.43
N VAL D 123 -22.40 7.89 29.85
CA VAL D 123 -21.08 8.09 30.44
C VAL D 123 -20.10 7.19 29.71
N VAL D 124 -19.08 7.78 29.10
CA VAL D 124 -18.09 7.05 28.30
C VAL D 124 -16.72 7.31 28.90
N GLY D 125 -15.96 6.25 29.10
CA GLY D 125 -14.63 6.36 29.69
C GLY D 125 -13.57 6.75 28.68
N ASP D 126 -12.37 6.21 28.82
CA ASP D 126 -11.24 6.57 27.98
C ASP D 126 -10.83 5.42 27.09
N ASP D 127 -10.08 5.76 26.04
CA ASP D 127 -9.43 4.79 25.16
C ASP D 127 -10.45 3.84 24.51
N ASN D 128 -11.61 4.36 24.17
CA ASN D 128 -12.67 3.55 23.58
C ASN D 128 -12.71 3.76 22.07
N VAL D 129 -13.19 2.74 21.36
CA VAL D 129 -13.31 2.75 19.90
C VAL D 129 -14.70 2.25 19.54
N LEU D 130 -15.57 3.16 19.13
CA LEU D 130 -16.91 2.82 18.66
C LEU D 130 -16.93 2.90 17.14
N ALA D 131 -17.31 1.82 16.48
CA ALA D 131 -17.22 1.72 15.04
C ALA D 131 -18.41 2.43 14.37
N ASN D 132 -18.51 2.27 13.05
CA ASN D 132 -19.53 2.97 12.28
C ASN D 132 -20.94 2.61 12.74
N ASN D 133 -21.83 3.60 12.68
CA ASN D 133 -23.26 3.42 12.87
C ASN D 133 -23.61 2.79 14.21
N VAL D 134 -22.77 3.01 15.22
CA VAL D 134 -23.05 2.50 16.55
C VAL D 134 -24.01 3.45 17.25
N GLY D 135 -25.13 2.91 17.72
CA GLY D 135 -26.09 3.69 18.47
C GLY D 135 -26.14 3.25 19.92
N VAL D 136 -25.90 4.19 20.83
CA VAL D 136 -25.86 3.91 22.27
C VAL D 136 -27.02 4.66 22.89
N ALA D 137 -27.98 3.91 23.46
CA ALA D 137 -29.17 4.53 24.00
C ALA D 137 -28.85 5.24 25.32
N GLY D 138 -29.85 5.94 25.84
CA GLY D 138 -29.62 6.81 26.99
C GLY D 138 -29.21 6.04 28.23
N HIS D 139 -28.48 6.72 29.10
CA HIS D 139 -28.09 6.26 30.42
C HIS D 139 -27.10 5.10 30.40
N ALA D 140 -26.50 4.80 29.24
CA ALA D 140 -25.58 3.68 29.13
C ALA D 140 -24.21 4.05 29.69
N HIS D 141 -23.43 3.03 30.02
CA HIS D 141 -22.09 3.20 30.56
C HIS D 141 -21.09 2.46 29.67
N ILE D 142 -20.11 3.20 29.15
CA ILE D 142 -18.99 2.63 28.43
C ILE D 142 -17.75 2.76 29.31
N GLY D 143 -17.07 1.64 29.55
CA GLY D 143 -15.89 1.65 30.38
C GLY D 143 -14.66 2.21 29.69
N ASN D 144 -13.52 1.56 29.89
CA ASN D 144 -12.26 1.98 29.28
C ASN D 144 -11.70 0.87 28.41
N HIS D 145 -11.04 1.26 27.33
CA HIS D 145 -10.40 0.32 26.40
C HIS D 145 -11.43 -0.64 25.81
N VAL D 146 -12.64 -0.13 25.55
CA VAL D 146 -13.74 -0.92 25.02
C VAL D 146 -13.81 -0.74 23.51
N ILE D 147 -14.16 -1.81 22.81
CA ILE D 147 -14.39 -1.79 21.37
C ILE D 147 -15.79 -2.32 21.11
N ILE D 148 -16.57 -1.58 20.30
CA ILE D 148 -17.92 -1.99 19.91
C ILE D 148 -17.97 -2.00 18.39
N GLY D 149 -18.34 -3.14 17.82
CA GLY D 149 -18.33 -3.31 16.38
C GLY D 149 -19.36 -2.47 15.67
N GLY D 150 -19.18 -2.37 14.35
CA GLY D 150 -20.02 -1.50 13.55
C GLY D 150 -21.47 -1.92 13.53
N GLN D 151 -22.35 -0.91 13.46
CA GLN D 151 -23.80 -1.11 13.35
C GLN D 151 -24.36 -1.91 14.53
N SER D 152 -23.79 -1.72 15.71
CA SER D 152 -24.24 -2.36 16.93
C SER D 152 -25.13 -1.41 17.73
N GLY D 153 -26.03 -1.99 18.52
CA GLY D 153 -26.93 -1.20 19.32
C GLY D 153 -26.92 -1.55 20.80
N VAL D 154 -26.61 -0.58 21.64
CA VAL D 154 -26.61 -0.75 23.09
C VAL D 154 -27.93 -0.22 23.63
N HIS D 155 -28.65 -1.06 24.36
CA HIS D 155 -29.92 -0.64 24.95
C HIS D 155 -29.67 0.29 26.13
N GLN D 156 -30.69 1.08 26.46
CA GLN D 156 -30.59 2.01 27.57
C GLN D 156 -30.20 1.29 28.86
N PHE D 157 -29.48 2.02 29.72
CA PHE D 157 -29.06 1.59 31.06
C PHE D 157 -28.01 0.49 31.04
N CYS D 158 -27.58 0.02 29.87
CA CYS D 158 -26.66 -1.11 29.81
C CYS D 158 -25.24 -0.68 30.16
N ARG D 159 -24.54 -1.57 30.85
CA ARG D 159 -23.15 -1.34 31.25
C ARG D 159 -22.22 -2.11 30.32
N ILE D 160 -21.22 -1.43 29.79
CA ILE D 160 -20.19 -2.04 28.95
C ILE D 160 -18.87 -1.76 29.65
N ASP D 161 -18.45 -2.68 30.52
CA ASP D 161 -17.31 -2.45 31.38
C ASP D 161 -15.99 -2.61 30.60
N ASP D 162 -14.89 -2.37 31.30
CA ASP D 162 -13.60 -2.15 30.65
C ASP D 162 -13.11 -3.38 29.91
N TYR D 163 -12.31 -3.15 28.88
CA TYR D 163 -11.61 -4.19 28.11
C TYR D 163 -12.55 -5.20 27.47
N SER D 164 -13.81 -4.85 27.29
CA SER D 164 -14.76 -5.72 26.61
C SER D 164 -14.66 -5.53 25.10
N MET D 165 -15.36 -6.40 24.37
CA MET D 165 -15.35 -6.37 22.90
C MET D 165 -16.72 -6.81 22.41
N VAL D 166 -17.43 -5.89 21.77
CA VAL D 166 -18.75 -6.16 21.20
C VAL D 166 -18.58 -6.38 19.70
N GLY D 167 -19.13 -7.48 19.20
CA GLY D 167 -19.04 -7.76 17.79
C GLY D 167 -19.92 -6.82 16.96
N GLY D 168 -19.66 -6.81 15.66
CA GLY D 168 -20.44 -5.98 14.77
C GLY D 168 -21.87 -6.44 14.66
N ALA D 169 -22.76 -5.48 14.42
CA ALA D 169 -24.20 -5.75 14.23
C ALA D 169 -24.78 -6.52 15.42
N SER D 170 -24.36 -6.13 16.62
CA SER D 170 -24.82 -6.78 17.85
C SER D 170 -25.88 -5.94 18.55
N LEU D 171 -26.76 -6.61 19.27
CA LEU D 171 -27.82 -5.96 20.06
C LEU D 171 -27.54 -6.27 21.53
N ILE D 172 -27.12 -5.24 22.27
CA ILE D 172 -26.79 -5.40 23.69
C ILE D 172 -28.01 -4.99 24.50
N VAL D 173 -28.65 -5.97 25.13
CA VAL D 173 -29.84 -5.71 25.93
C VAL D 173 -29.49 -5.77 27.42
N LYS D 174 -28.45 -6.54 27.76
CA LYS D 174 -28.02 -6.71 29.13
C LYS D 174 -26.63 -6.11 29.32
N ASP D 175 -26.09 -6.28 30.53
CA ASP D 175 -24.80 -5.69 30.88
C ASP D 175 -23.66 -6.62 30.48
N VAL D 176 -22.66 -6.06 29.82
CA VAL D 176 -21.48 -6.79 29.39
C VAL D 176 -20.40 -6.61 30.46
N ALA D 177 -19.98 -7.72 31.06
CA ALA D 177 -18.96 -7.65 32.10
C ALA D 177 -17.60 -7.33 31.49
N ALA D 178 -16.63 -7.07 32.36
CA ALA D 178 -15.29 -6.72 31.91
C ALA D 178 -14.64 -7.90 31.21
N TYR D 179 -13.81 -7.59 30.21
CA TYR D 179 -13.02 -8.53 29.42
C TYR D 179 -13.87 -9.47 28.58
N VAL D 180 -15.20 -9.31 28.55
CA VAL D 180 -16.08 -10.25 27.88
C VAL D 180 -16.16 -9.92 26.40
N MET D 181 -16.30 -10.98 25.58
CA MET D 181 -16.50 -10.86 24.14
C MET D 181 -17.93 -11.27 23.83
N ALA D 182 -18.73 -10.32 23.38
CA ALA D 182 -20.14 -10.55 23.07
C ALA D 182 -20.43 -10.14 21.63
N SER D 183 -21.33 -10.89 21.00
CA SER D 183 -21.73 -10.62 19.62
C SER D 183 -22.99 -11.42 19.31
N GLY D 184 -23.76 -10.94 18.35
CA GLY D 184 -24.94 -11.62 17.86
C GLY D 184 -26.22 -10.84 18.13
N ASN D 185 -27.33 -11.42 17.67
CA ASN D 185 -28.64 -10.83 17.87
C ASN D 185 -29.67 -11.93 18.17
N PRO D 186 -30.04 -12.08 19.46
CA PRO D 186 -29.51 -11.34 20.61
C PRO D 186 -28.09 -11.76 20.97
N ALA D 187 -27.28 -10.79 21.41
CA ALA D 187 -25.88 -11.05 21.72
C ALA D 187 -25.73 -12.01 22.90
N LYS D 188 -24.60 -12.71 22.93
CA LYS D 188 -24.27 -13.62 24.02
C LYS D 188 -22.76 -13.72 24.13
N ALA D 189 -22.31 -14.21 25.28
CA ALA D 189 -20.87 -14.26 25.56
C ALA D 189 -20.20 -15.37 24.76
N HIS D 190 -19.06 -15.04 24.17
CA HIS D 190 -18.29 -15.97 23.33
C HIS D 190 -16.82 -15.99 23.75
N GLY D 191 -16.57 -16.07 25.05
CA GLY D 191 -15.21 -16.17 25.54
C GLY D 191 -14.66 -14.87 26.07
N LEU D 192 -13.33 -14.82 26.13
CA LEU D 192 -12.61 -13.71 26.73
C LEU D 192 -11.80 -12.96 25.67
N ASN D 193 -11.56 -11.68 25.93
CA ASN D 193 -10.80 -10.82 25.03
C ASN D 193 -9.29 -11.03 25.21
N LYS D 194 -8.85 -12.25 24.88
CA LYS D 194 -7.42 -12.54 24.99
C LYS D 194 -6.58 -11.78 23.97
N GLU D 195 -7.16 -11.37 22.84
CA GLU D 195 -6.40 -10.62 21.84
C GLU D 195 -6.04 -9.22 22.34
N GLY D 196 -6.92 -8.62 23.15
CA GLY D 196 -6.63 -7.27 23.63
C GLY D 196 -5.49 -7.23 24.64
N MET D 197 -5.56 -8.09 25.66
CA MET D 197 -4.49 -8.16 26.64
C MET D 197 -3.24 -8.84 26.09
N ARG D 198 -3.37 -9.63 25.03
CA ARG D 198 -2.18 -10.11 24.33
C ARG D 198 -1.51 -8.97 23.57
N ARG D 199 -2.31 -8.07 23.00
CA ARG D 199 -1.76 -6.94 22.26
C ARG D 199 -1.09 -5.94 23.20
N LYS D 200 -1.67 -5.74 24.39
CA LYS D 200 -1.15 -4.77 25.34
C LYS D 200 0.00 -5.32 26.17
N GLY D 201 0.46 -6.53 25.91
CA GLY D 201 1.63 -7.08 26.59
C GLY D 201 1.40 -7.41 28.06
N TRP D 202 0.50 -8.35 28.32
CA TRP D 202 0.24 -8.81 29.67
C TRP D 202 0.84 -10.21 29.85
N SER D 203 1.20 -10.51 31.10
CA SER D 203 1.83 -11.79 31.40
C SER D 203 0.88 -12.95 31.09
N LYS D 204 1.42 -14.02 30.51
CA LYS D 204 0.58 -15.17 30.18
C LYS D 204 -0.13 -15.72 31.41
N ASP D 205 0.47 -15.59 32.59
CA ASP D 205 -0.15 -16.11 33.79
C ASP D 205 -1.40 -15.31 34.15
N THR D 206 -1.33 -13.97 34.06
CA THR D 206 -2.51 -13.16 34.36
C THR D 206 -3.65 -13.44 33.38
N ILE D 207 -3.32 -13.65 32.10
CA ILE D 207 -4.36 -13.97 31.12
C ILE D 207 -4.97 -15.33 31.41
N LYS D 208 -4.16 -16.32 31.79
CA LYS D 208 -4.71 -17.63 32.11
C LYS D 208 -5.62 -17.55 33.34
N ALA D 209 -5.20 -16.78 34.35
CA ALA D 209 -6.01 -16.62 35.55
C ALA D 209 -7.34 -15.92 35.24
N LEU D 210 -7.28 -14.84 34.47
CA LEU D 210 -8.51 -14.15 34.08
C LEU D 210 -9.42 -15.08 33.27
N ASP D 211 -8.83 -15.90 32.39
CA ASP D 211 -9.61 -16.85 31.61
C ASP D 211 -10.32 -17.87 32.51
N GLU D 212 -9.59 -18.44 33.47
CA GLU D 212 -10.24 -19.38 34.40
C GLU D 212 -11.33 -18.67 35.21
N ALA D 213 -11.12 -17.40 35.54
CA ALA D 213 -12.18 -16.64 36.21
C ALA D 213 -13.42 -16.53 35.33
N TYR D 214 -13.22 -16.24 34.04
CA TYR D 214 -14.34 -16.24 33.10
C TYR D 214 -15.06 -17.57 33.09
N ARG D 215 -14.30 -18.67 33.00
CA ARG D 215 -14.90 -20.00 33.05
C ARG D 215 -15.72 -20.18 34.32
N LEU D 216 -15.21 -19.67 35.44
CA LEU D 216 -15.93 -19.77 36.70
C LEU D 216 -17.27 -19.05 36.61
N VAL D 217 -17.25 -17.79 36.15
CA VAL D 217 -18.46 -16.99 36.16
C VAL D 217 -19.50 -17.55 35.19
N PHE D 218 -19.10 -17.79 33.94
CA PHE D 218 -20.04 -18.12 32.88
C PHE D 218 -20.16 -19.61 32.60
N ARG D 219 -19.05 -20.36 32.57
CA ARG D 219 -19.05 -21.66 31.92
C ARG D 219 -19.62 -22.77 32.79
N SER D 220 -19.34 -22.76 34.10
CA SER D 220 -19.90 -23.74 35.01
C SER D 220 -21.23 -23.30 35.60
N GLY D 221 -21.79 -22.21 35.08
CA GLY D 221 -23.08 -21.65 35.48
C GLY D 221 -23.52 -21.77 36.92
N LEU D 222 -22.58 -21.85 37.87
CA LEU D 222 -22.98 -21.87 39.26
C LEU D 222 -23.51 -20.50 39.67
N LEU D 223 -24.19 -20.46 40.81
CA LEU D 223 -24.97 -19.29 41.20
C LEU D 223 -24.10 -18.04 41.31
N ARG D 224 -24.76 -16.88 41.19
CA ARG D 224 -24.07 -15.60 41.17
C ARG D 224 -23.31 -15.36 42.48
N ASP D 225 -23.96 -15.59 43.62
CA ASP D 225 -23.33 -15.32 44.90
C ASP D 225 -22.16 -16.27 45.16
N GLU D 226 -22.37 -17.57 44.92
CA GLU D 226 -21.30 -18.53 45.14
C GLU D 226 -20.13 -18.28 44.18
N ALA D 227 -20.41 -17.95 42.92
CA ALA D 227 -19.35 -17.57 42.00
C ALA D 227 -18.56 -16.39 42.56
N LEU D 228 -19.26 -15.31 42.92
CA LEU D 228 -18.61 -14.15 43.53
C LEU D 228 -17.70 -14.56 44.67
N ASP D 229 -18.21 -15.42 45.57
CA ASP D 229 -17.42 -15.89 46.69
C ASP D 229 -16.21 -16.68 46.21
N GLU D 230 -16.28 -17.29 45.03
CA GLU D 230 -15.12 -17.99 44.50
C GLU D 230 -14.11 -17.04 43.85
N LEU D 231 -14.55 -15.90 43.31
CA LEU D 231 -13.60 -14.94 42.77
C LEU D 231 -12.88 -14.16 43.87
N THR D 232 -13.60 -13.85 44.97
CA THR D 232 -12.97 -13.13 46.08
C THR D 232 -11.76 -13.88 46.63
N LYS D 233 -11.69 -15.19 46.44
CA LYS D 233 -10.49 -15.94 46.79
C LYS D 233 -9.40 -15.76 45.75
N LEU D 234 -9.78 -15.68 44.47
CA LEU D 234 -8.78 -15.54 43.41
C LEU D 234 -8.21 -14.13 43.33
N VAL D 235 -8.83 -13.15 43.98
CA VAL D 235 -8.35 -11.77 43.88
C VAL D 235 -6.94 -11.66 44.44
N GLU D 236 -6.62 -12.43 45.48
CA GLU D 236 -5.28 -12.37 46.07
C GLU D 236 -4.22 -12.76 45.05
N LYS D 237 -4.39 -13.92 44.39
CA LYS D 237 -3.40 -14.40 43.45
C LYS D 237 -3.39 -13.62 42.14
N GLU D 238 -4.39 -12.77 41.91
CA GLU D 238 -4.44 -11.95 40.71
C GLU D 238 -5.37 -10.76 40.92
N PRO D 239 -4.85 -9.52 40.88
CA PRO D 239 -5.67 -8.36 41.28
C PRO D 239 -6.71 -7.94 40.25
N LYS D 240 -6.40 -8.11 38.96
CA LYS D 240 -7.29 -7.60 37.91
C LYS D 240 -8.69 -8.20 38.00
N ILE D 241 -8.82 -9.39 38.59
CA ILE D 241 -10.12 -10.02 38.78
C ILE D 241 -11.11 -9.08 39.45
N GLN D 242 -10.60 -8.12 40.24
CA GLN D 242 -11.46 -7.12 40.88
C GLN D 242 -12.40 -6.47 39.88
N LEU D 243 -11.86 -6.03 38.73
CA LEU D 243 -12.69 -5.37 37.71
C LEU D 243 -13.87 -6.24 37.30
N LEU D 244 -13.70 -7.57 37.31
CA LEU D 244 -14.80 -8.46 36.97
C LEU D 244 -15.87 -8.46 38.07
N ILE D 245 -15.44 -8.54 39.33
CA ILE D 245 -16.38 -8.53 40.44
C ILE D 245 -17.23 -7.27 40.41
N ASP D 246 -16.59 -6.12 40.18
CA ASP D 246 -17.34 -4.88 40.00
C ASP D 246 -18.45 -5.06 38.99
N SER D 247 -18.13 -5.65 37.84
CA SER D 247 -19.12 -5.91 36.80
C SER D 247 -20.34 -6.64 37.35
N ILE D 248 -20.12 -7.60 38.25
CA ILE D 248 -21.25 -8.34 38.82
C ILE D 248 -22.02 -7.46 39.79
N ASN D 249 -21.31 -6.67 40.61
CA ASN D 249 -21.98 -5.87 41.62
C ASN D 249 -22.65 -4.65 41.03
N ASN D 250 -22.11 -4.10 39.94
CA ASN D 250 -22.69 -2.93 39.29
C ASN D 250 -23.77 -3.29 38.28
N SER D 251 -24.03 -4.57 38.04
CA SER D 251 -25.00 -4.98 37.04
C SER D 251 -26.41 -4.98 37.64
N LYS D 252 -27.27 -4.11 37.11
CA LYS D 252 -28.67 -4.07 37.52
C LYS D 252 -29.62 -4.68 36.49
N ARG D 253 -29.23 -4.69 35.22
CA ARG D 253 -30.02 -5.31 34.16
C ARG D 253 -29.72 -6.78 33.97
N GLY D 254 -28.83 -7.36 34.76
CA GLY D 254 -28.39 -8.72 34.52
C GLY D 254 -27.04 -8.76 33.84
N LEU D 255 -26.76 -9.92 33.25
CA LEU D 255 -25.48 -10.16 32.60
C LEU D 255 -25.73 -10.78 31.23
N VAL D 256 -24.78 -10.57 30.31
CA VAL D 256 -24.98 -11.04 28.94
C VAL D 256 -25.00 -12.55 28.87
N ARG D 257 -24.23 -13.23 29.73
CA ARG D 257 -24.23 -14.68 29.91
C ARG D 257 -24.42 -15.49 28.62
N MET E 1 1.23 6.57 -34.80
CA MET E 1 2.49 6.17 -35.41
C MET E 1 3.33 5.34 -34.44
N THR E 2 4.02 4.33 -34.96
CA THR E 2 4.80 3.42 -34.12
C THR E 2 6.13 4.00 -33.68
N ILE E 3 6.58 5.10 -34.27
CA ILE E 3 7.84 5.75 -33.90
C ILE E 3 7.51 7.08 -33.25
N HIS E 4 8.07 7.30 -32.05
CA HIS E 4 7.77 8.52 -31.31
C HIS E 4 8.46 9.72 -31.97
N PRO E 5 7.81 10.89 -32.00
CA PRO E 5 8.44 12.06 -32.63
C PRO E 5 9.80 12.43 -32.06
N THR E 6 9.97 12.37 -30.75
CA THR E 6 11.23 12.76 -30.12
C THR E 6 12.36 11.76 -30.34
N ALA E 7 12.13 10.68 -31.08
CA ALA E 7 13.19 9.75 -31.40
C ALA E 7 14.02 10.25 -32.56
N ILE E 8 15.34 10.07 -32.46
CA ILE E 8 16.29 10.47 -33.50
C ILE E 8 16.78 9.21 -34.20
N ILE E 9 16.49 9.10 -35.49
CA ILE E 9 16.87 7.94 -36.30
C ILE E 9 17.65 8.42 -37.50
N ASP E 10 18.82 7.81 -37.73
CA ASP E 10 19.59 8.10 -38.94
C ASP E 10 18.83 7.62 -40.17
N LYS E 11 19.05 8.32 -41.28
CA LYS E 11 18.36 7.96 -42.52
C LYS E 11 18.77 6.58 -43.01
N SER E 12 20.03 6.21 -42.81
CA SER E 12 20.52 4.92 -43.28
C SER E 12 19.97 3.74 -42.48
N ALA E 13 19.32 3.99 -41.35
CA ALA E 13 18.76 2.91 -40.55
C ALA E 13 17.45 2.43 -41.13
N MET E 14 17.22 1.12 -41.06
CA MET E 14 16.00 0.50 -41.55
C MET E 14 15.18 -0.02 -40.37
N ILE E 15 13.91 0.40 -40.31
CA ILE E 15 12.99 -0.06 -39.28
C ILE E 15 11.79 -0.68 -39.99
N ALA E 16 11.48 -1.92 -39.65
CA ALA E 16 10.33 -2.59 -40.23
C ALA E 16 9.04 -2.03 -39.63
N ASP E 17 7.95 -2.22 -40.36
CA ASP E 17 6.65 -1.83 -39.83
C ASP E 17 6.31 -2.69 -38.61
N SER E 18 5.37 -2.21 -37.81
CA SER E 18 4.94 -2.79 -36.54
C SER E 18 6.03 -2.73 -35.46
N ALA E 19 7.22 -2.23 -35.79
CA ALA E 19 8.26 -2.06 -34.78
C ALA E 19 8.00 -0.75 -34.04
N ILE E 20 8.03 -0.81 -32.71
CA ILE E 20 7.69 0.33 -31.87
C ILE E 20 8.96 0.86 -31.22
N ILE E 21 9.23 2.14 -31.43
CA ILE E 21 10.37 2.83 -30.82
C ILE E 21 9.80 3.97 -29.99
N GLY E 22 10.09 3.94 -28.68
CA GLY E 22 9.51 4.89 -27.76
C GLY E 22 10.20 6.23 -27.79
N PRO E 23 9.92 7.07 -26.79
CA PRO E 23 10.48 8.42 -26.80
C PRO E 23 11.96 8.42 -26.45
N TYR E 24 12.67 9.38 -27.05
CA TYR E 24 14.06 9.69 -26.68
C TYR E 24 15.01 8.54 -26.97
N CYS E 25 14.74 7.77 -28.03
CA CYS E 25 15.64 6.73 -28.47
C CYS E 25 16.56 7.24 -29.58
N ILE E 26 17.72 6.62 -29.70
CA ILE E 26 18.72 7.00 -30.70
C ILE E 26 19.13 5.76 -31.47
N VAL E 27 19.04 5.82 -32.79
CA VAL E 27 19.45 4.73 -33.68
C VAL E 27 20.57 5.25 -34.57
N GLY E 28 21.63 4.44 -34.72
CA GLY E 28 22.84 4.89 -35.38
C GLY E 28 22.88 4.56 -36.86
N LYS E 29 24.07 4.71 -37.43
CA LYS E 29 24.27 4.49 -38.86
C LYS E 29 24.25 3.00 -39.19
N ASN E 30 23.56 2.66 -40.28
CA ASN E 30 23.57 1.31 -40.86
C ASN E 30 23.13 0.26 -39.83
N SER E 31 22.03 0.56 -39.14
CA SER E 31 21.43 -0.36 -38.18
C SER E 31 20.06 -0.78 -38.66
N GLN E 32 19.64 -1.98 -38.23
CA GLN E 32 18.37 -2.57 -38.66
C GLN E 32 17.60 -3.07 -37.46
N ILE E 33 16.29 -2.83 -37.45
CA ILE E 33 15.40 -3.30 -36.41
C ILE E 33 14.31 -4.14 -37.07
N GLY E 34 14.12 -5.35 -36.57
CA GLY E 34 13.18 -6.28 -37.15
C GLY E 34 11.74 -5.93 -36.81
N ALA E 35 10.84 -6.82 -37.22
CA ALA E 35 9.42 -6.63 -36.99
C ALA E 35 9.08 -6.87 -35.52
N HIS E 36 8.06 -6.16 -35.04
CA HIS E 36 7.50 -6.39 -33.71
C HIS E 36 8.53 -6.25 -32.59
N THR E 37 9.57 -5.46 -32.80
CA THR E 37 10.57 -5.23 -31.76
C THR E 37 10.22 -3.91 -31.10
N VAL E 38 10.17 -3.91 -29.77
CA VAL E 38 9.70 -2.76 -29.00
C VAL E 38 10.89 -2.19 -28.24
N LEU E 39 11.17 -0.91 -28.47
CA LEU E 39 12.17 -0.17 -27.72
C LEU E 39 11.43 0.84 -26.85
N ARG E 40 11.50 0.65 -25.53
CA ARG E 40 10.94 1.60 -24.58
C ARG E 40 11.73 2.90 -24.67
N SER E 41 11.50 3.83 -23.73
CA SER E 41 12.18 5.11 -23.78
C SER E 41 13.69 4.96 -23.54
N HIS E 42 14.43 5.99 -23.94
CA HIS E 42 15.86 6.12 -23.67
C HIS E 42 16.67 4.87 -24.02
N VAL E 43 16.58 4.43 -25.28
CA VAL E 43 17.36 3.30 -25.78
C VAL E 43 18.32 3.81 -26.85
N ILE E 44 19.59 3.42 -26.74
CA ILE E 44 20.63 3.79 -27.69
C ILE E 44 20.93 2.59 -28.56
N ILE E 45 20.80 2.76 -29.88
CA ILE E 45 21.20 1.76 -30.86
C ILE E 45 22.40 2.31 -31.61
N GLY E 46 23.56 1.69 -31.41
CA GLY E 46 24.78 2.15 -32.05
C GLY E 46 24.80 1.83 -33.54
N GLU E 47 25.88 2.28 -34.18
CA GLU E 47 26.07 2.00 -35.59
C GLU E 47 26.31 0.50 -35.80
N ASN E 48 25.98 0.04 -37.01
CA ASN E 48 26.26 -1.32 -37.46
C ASN E 48 25.71 -2.36 -36.49
N THR E 49 24.38 -2.31 -36.30
CA THR E 49 23.70 -3.17 -35.34
C THR E 49 22.46 -3.77 -35.98
N LYS E 50 22.40 -5.10 -36.02
CA LYS E 50 21.25 -5.81 -36.55
C LYS E 50 20.46 -6.41 -35.39
N ILE E 51 19.16 -6.12 -35.34
CA ILE E 51 18.28 -6.59 -34.27
C ILE E 51 17.13 -7.35 -34.89
N GLY E 52 16.86 -8.55 -34.37
CA GLY E 52 15.84 -9.41 -34.92
C GLY E 52 14.42 -9.00 -34.61
N VAL E 53 13.51 -9.97 -34.50
CA VAL E 53 12.09 -9.71 -34.33
C VAL E 53 11.66 -10.07 -32.92
N HIS E 54 10.57 -9.44 -32.47
CA HIS E 54 9.94 -9.70 -31.18
C HIS E 54 10.89 -9.49 -30.01
N ASN E 55 11.84 -8.55 -30.15
CA ASN E 55 12.74 -8.20 -29.06
C ASN E 55 12.12 -7.11 -28.20
N ASP E 56 12.45 -7.15 -26.91
CA ASP E 56 11.96 -6.18 -25.94
C ASP E 56 13.15 -5.55 -25.24
N ILE E 57 13.45 -4.30 -25.57
CA ILE E 57 14.61 -3.60 -25.03
C ILE E 57 14.11 -2.45 -24.17
N TYR E 58 14.49 -2.46 -22.90
CA TYR E 58 14.02 -1.48 -21.93
C TYR E 58 14.94 -0.25 -21.90
N GLN E 59 14.61 0.68 -21.00
CA GLN E 59 15.23 1.99 -20.99
C GLN E 59 16.69 1.94 -20.55
N PHE E 60 17.44 2.95 -21.00
CA PHE E 60 18.83 3.21 -20.62
C PHE E 60 19.79 2.09 -21.07
N ALA E 61 19.38 1.29 -22.05
CA ALA E 61 20.22 0.23 -22.58
C ALA E 61 21.01 0.74 -23.78
N SER E 62 22.30 0.44 -23.80
CA SER E 62 23.19 0.82 -24.90
C SER E 62 23.47 -0.43 -25.73
N ILE E 63 22.85 -0.51 -26.90
CA ILE E 63 22.93 -1.68 -27.77
C ILE E 63 23.80 -1.32 -28.97
N GLY E 64 24.99 -1.91 -29.03
CA GLY E 64 25.85 -1.73 -30.18
C GLY E 64 26.82 -0.57 -30.09
N GLU E 65 27.27 -0.22 -28.89
CA GLU E 65 28.21 0.89 -28.74
C GLU E 65 29.64 0.41 -29.00
N ASN E 66 30.55 1.37 -29.14
CA ASN E 66 31.93 1.08 -29.45
C ASN E 66 32.55 0.20 -28.37
N PRO E 67 33.49 -0.68 -28.74
CA PRO E 67 34.15 -1.52 -27.73
C PRO E 67 34.95 -0.70 -26.74
N GLN E 68 35.27 -1.33 -25.61
CA GLN E 68 36.13 -0.74 -24.60
C GLN E 68 37.57 -1.25 -24.68
N ASP E 69 37.91 -2.00 -25.74
CA ASP E 69 39.27 -2.49 -25.90
C ASP E 69 40.21 -1.34 -26.20
N LEU E 70 41.34 -1.30 -25.49
CA LEU E 70 42.29 -0.21 -25.66
C LEU E 70 42.89 -0.16 -27.06
N LYS E 71 42.87 -1.27 -27.80
CA LYS E 71 43.44 -1.28 -29.14
C LYS E 71 42.44 -0.91 -30.23
N TYR E 72 41.14 -0.93 -29.93
CA TYR E 72 40.13 -0.55 -30.91
C TYR E 72 40.34 0.90 -31.34
N ALA E 73 40.52 1.11 -32.64
CA ALA E 73 40.81 2.42 -33.21
C ALA E 73 39.70 2.93 -34.10
N GLY E 74 38.45 2.57 -33.80
CA GLY E 74 37.32 3.12 -34.52
C GLY E 74 37.04 2.50 -35.88
N GLU E 75 37.38 1.22 -36.05
CA GLU E 75 37.15 0.55 -37.32
C GLU E 75 35.67 0.17 -37.48
N GLN E 76 35.37 -0.53 -38.56
CA GLN E 76 34.02 -1.02 -38.81
C GLN E 76 33.82 -2.35 -38.11
N THR E 77 32.92 -2.38 -37.14
CA THR E 77 32.58 -3.60 -36.42
C THR E 77 31.07 -3.65 -36.21
N TYR E 78 30.55 -4.84 -35.91
CA TYR E 78 29.13 -5.10 -36.00
C TYR E 78 28.64 -5.87 -34.77
N LEU E 79 27.33 -5.77 -34.54
CA LEU E 79 26.63 -6.53 -33.51
C LEU E 79 25.35 -7.12 -34.10
N GLU E 80 25.08 -8.39 -33.79
CA GLU E 80 23.88 -9.07 -34.24
C GLU E 80 23.10 -9.59 -33.04
N ILE E 81 21.78 -9.36 -33.06
CA ILE E 81 20.87 -9.81 -32.00
C ILE E 81 19.74 -10.59 -32.65
N GLY E 82 19.42 -11.75 -32.08
CA GLY E 82 18.38 -12.61 -32.62
C GLY E 82 16.97 -12.19 -32.29
N ASP E 83 16.10 -13.15 -32.04
CA ASP E 83 14.67 -12.90 -31.84
C ASP E 83 14.24 -13.21 -30.42
N HIS E 84 13.11 -12.62 -30.03
CA HIS E 84 12.43 -12.94 -28.77
C HIS E 84 13.35 -12.79 -27.55
N ASN E 85 14.11 -11.71 -27.52
CA ASN E 85 15.01 -11.43 -26.41
C ASN E 85 14.45 -10.32 -25.54
N ARG E 86 14.57 -10.48 -24.23
CA ARG E 86 14.21 -9.45 -23.26
C ARG E 86 15.50 -8.86 -22.71
N ILE E 87 15.73 -7.58 -23.00
CA ILE E 87 16.92 -6.87 -22.55
C ILE E 87 16.45 -5.79 -21.59
N ARG E 88 16.84 -5.92 -20.32
CA ARG E 88 16.32 -5.07 -19.25
C ARG E 88 17.15 -3.77 -19.17
N GLU E 89 16.86 -2.97 -18.14
CA GLU E 89 17.42 -1.63 -18.01
C GLU E 89 18.94 -1.68 -17.90
N ALA E 90 19.58 -0.60 -18.39
CA ALA E 90 21.00 -0.31 -18.22
C ALA E 90 21.92 -1.34 -18.87
N CYS E 91 21.37 -2.25 -19.68
CA CYS E 91 22.21 -3.25 -20.33
C CYS E 91 23.11 -2.60 -21.36
N THR E 92 24.36 -3.08 -21.42
CA THR E 92 25.35 -2.59 -22.36
C THR E 92 25.88 -3.76 -23.17
N ILE E 93 25.65 -3.73 -24.48
CA ILE E 93 26.19 -4.72 -25.40
C ILE E 93 27.03 -3.98 -26.42
N HIS E 94 28.29 -4.38 -26.54
CA HIS E 94 29.27 -3.68 -27.37
C HIS E 94 29.61 -4.49 -28.61
N ARG E 95 29.96 -3.78 -29.68
CA ARG E 95 30.32 -4.43 -30.93
C ARG E 95 31.69 -5.08 -30.81
N GLY E 96 32.01 -5.91 -31.79
CA GLY E 96 33.27 -6.64 -31.78
C GLY E 96 34.47 -5.74 -32.04
N THR E 97 35.64 -6.37 -32.07
CA THR E 97 36.88 -5.73 -32.46
C THR E 97 37.48 -6.45 -33.65
N VAL E 98 38.10 -5.70 -34.55
CA VAL E 98 38.63 -6.26 -35.79
C VAL E 98 39.69 -7.31 -35.55
N GLN E 99 40.29 -7.32 -34.36
CA GLN E 99 41.30 -8.33 -34.04
C GLN E 99 40.72 -9.73 -33.88
N ASP E 100 39.38 -9.86 -33.77
CA ASP E 100 38.72 -11.16 -33.60
C ASP E 100 37.38 -11.15 -34.34
N ARG E 101 37.44 -11.41 -35.64
CA ARG E 101 36.25 -11.59 -36.48
C ARG E 101 35.38 -10.34 -36.56
N GLY E 102 35.60 -9.38 -35.66
CA GLY E 102 34.94 -8.07 -35.74
C GLY E 102 33.44 -8.10 -35.58
N ILE E 103 32.92 -8.98 -34.73
CA ILE E 103 31.48 -9.07 -34.52
C ILE E 103 31.20 -9.58 -33.10
N THR E 104 30.11 -9.09 -32.54
CA THR E 104 29.51 -9.63 -31.32
C THR E 104 28.12 -10.11 -31.68
N ARG E 105 27.77 -11.32 -31.26
CA ARG E 105 26.48 -11.88 -31.61
C ARG E 105 25.84 -12.57 -30.41
N ILE E 106 24.54 -12.39 -30.27
CA ILE E 106 23.74 -13.05 -29.24
C ILE E 106 22.56 -13.72 -29.92
N GLY E 107 22.10 -14.82 -29.33
CA GLY E 107 21.11 -15.66 -29.98
C GLY E 107 19.67 -15.24 -29.72
N ASN E 108 18.82 -16.21 -29.38
CA ASN E 108 17.39 -15.99 -29.25
C ASN E 108 16.91 -16.39 -27.87
N GLN E 109 15.75 -15.86 -27.50
CA GLN E 109 15.04 -16.25 -26.28
C GLN E 109 15.87 -16.02 -25.02
N ASN E 110 16.68 -14.96 -25.02
CA ASN E 110 17.54 -14.63 -23.90
C ASN E 110 16.88 -13.63 -22.98
N LEU E 111 17.23 -13.72 -21.69
CA LEU E 111 16.82 -12.75 -20.68
C LEU E 111 18.08 -12.12 -20.09
N LEU E 112 18.27 -10.83 -20.34
CA LEU E 112 19.40 -10.07 -19.80
C LEU E 112 18.84 -9.06 -18.80
N MET E 113 19.03 -9.33 -17.51
CA MET E 113 18.44 -8.52 -16.46
C MET E 113 19.18 -7.18 -16.33
N VAL E 114 18.88 -6.44 -15.26
CA VAL E 114 19.39 -5.07 -15.13
C VAL E 114 20.91 -5.05 -15.12
N ASN E 115 21.47 -4.15 -15.93
CA ASN E 115 22.91 -3.89 -15.97
C ASN E 115 23.70 -5.16 -16.31
N VAL E 116 23.33 -5.79 -17.41
CA VAL E 116 24.08 -6.92 -17.94
C VAL E 116 25.03 -6.39 -19.02
N HIS E 117 26.33 -6.57 -18.80
CA HIS E 117 27.34 -6.10 -19.74
C HIS E 117 27.77 -7.24 -20.63
N ILE E 118 27.75 -7.01 -21.94
CA ILE E 118 28.22 -7.97 -22.93
C ILE E 118 29.31 -7.27 -23.72
N ALA E 119 30.57 -7.59 -23.41
CA ALA E 119 31.70 -6.88 -23.97
C ALA E 119 31.91 -7.27 -25.45
N HIS E 120 32.91 -6.62 -26.05
CA HIS E 120 33.23 -6.83 -27.46
C HIS E 120 33.52 -8.29 -27.77
N ASP E 121 33.06 -8.73 -28.95
CA ASP E 121 33.40 -10.02 -29.55
C ASP E 121 32.82 -11.21 -28.79
N CYS E 122 31.81 -10.99 -27.95
CA CYS E 122 31.19 -12.09 -27.25
C CYS E 122 30.25 -12.86 -28.18
N VAL E 123 30.01 -14.13 -27.83
CA VAL E 123 29.08 -14.99 -28.54
C VAL E 123 28.15 -15.61 -27.51
N VAL E 124 26.85 -15.35 -27.65
CA VAL E 124 25.84 -15.83 -26.71
C VAL E 124 24.83 -16.67 -27.49
N GLY E 125 24.52 -17.84 -26.96
CA GLY E 125 23.59 -18.74 -27.61
C GLY E 125 22.13 -18.41 -27.34
N ASP E 126 21.30 -19.43 -27.20
CA ASP E 126 19.86 -19.25 -27.04
C ASP E 126 19.41 -19.69 -25.65
N ASP E 127 18.22 -19.22 -25.27
CA ASP E 127 17.54 -19.64 -24.04
C ASP E 127 18.39 -19.39 -22.79
N ASN E 128 19.12 -18.28 -22.79
CA ASN E 128 20.00 -17.96 -21.67
C ASN E 128 19.35 -16.93 -20.76
N VAL E 129 19.75 -16.97 -19.48
CA VAL E 129 19.22 -16.09 -18.45
C VAL E 129 20.41 -15.49 -17.70
N LEU E 130 20.71 -14.22 -17.96
CA LEU E 130 21.75 -13.50 -17.25
C LEU E 130 21.09 -12.57 -16.24
N ALA E 131 21.44 -12.73 -14.96
CA ALA E 131 20.78 -12.01 -13.89
C ALA E 131 21.36 -10.59 -13.76
N ASN E 132 20.92 -9.88 -12.71
CA ASN E 132 21.32 -8.49 -12.51
C ASN E 132 22.84 -8.36 -12.38
N ASN E 133 23.37 -7.26 -12.90
CA ASN E 133 24.75 -6.84 -12.68
C ASN E 133 25.77 -7.89 -13.12
N VAL E 134 25.41 -8.71 -14.10
CA VAL E 134 26.35 -9.69 -14.62
C VAL E 134 27.26 -9.00 -15.64
N GLY E 135 28.56 -9.13 -15.44
CA GLY E 135 29.51 -8.58 -16.38
C GLY E 135 30.28 -9.66 -17.11
N VAL E 136 30.20 -9.65 -18.43
CA VAL E 136 30.84 -10.67 -19.27
C VAL E 136 31.91 -9.97 -20.09
N ALA E 137 33.17 -10.36 -19.86
CA ALA E 137 34.28 -9.69 -20.53
C ALA E 137 34.37 -10.13 -22.00
N GLY E 138 35.29 -9.49 -22.71
CA GLY E 138 35.35 -9.69 -24.15
C GLY E 138 35.72 -11.11 -24.53
N HIS E 139 35.29 -11.51 -25.73
CA HIS E 139 35.62 -12.77 -26.38
C HIS E 139 35.03 -13.99 -25.68
N ALA E 140 34.09 -13.80 -24.76
CA ALA E 140 33.53 -14.93 -24.04
C ALA E 140 32.48 -15.65 -24.88
N HIS E 141 32.20 -16.90 -24.51
CA HIS E 141 31.21 -17.72 -25.17
C HIS E 141 30.18 -18.20 -24.16
N ILE E 142 28.91 -17.86 -24.40
CA ILE E 142 27.79 -18.37 -23.63
C ILE E 142 27.05 -19.37 -24.50
N GLY E 143 26.86 -20.59 -23.98
CA GLY E 143 26.21 -21.62 -24.75
C GLY E 143 24.71 -21.45 -24.82
N ASN E 144 23.97 -22.55 -24.66
CA ASN E 144 22.52 -22.52 -24.70
C ASN E 144 21.95 -23.04 -23.39
N HIS E 145 20.80 -22.47 -23.01
CA HIS E 145 20.10 -22.87 -21.78
C HIS E 145 21.00 -22.69 -20.55
N VAL E 146 21.80 -21.62 -20.56
CA VAL E 146 22.73 -21.32 -19.48
C VAL E 146 22.10 -20.30 -18.54
N ILE E 147 22.38 -20.45 -17.24
CA ILE E 147 21.94 -19.50 -16.23
C ILE E 147 23.18 -19.00 -15.49
N ILE E 148 23.30 -17.69 -15.35
CA ILE E 148 24.40 -17.06 -14.62
C ILE E 148 23.81 -16.17 -13.54
N GLY E 149 24.19 -16.42 -12.29
CA GLY E 149 23.61 -15.71 -11.18
C GLY E 149 24.00 -14.25 -11.13
N GLY E 150 23.27 -13.50 -10.30
CA GLY E 150 23.45 -12.07 -10.26
C GLY E 150 24.81 -11.66 -9.76
N GLN E 151 25.28 -10.50 -10.24
CA GLN E 151 26.54 -9.90 -9.81
C GLN E 151 27.73 -10.82 -10.04
N SER E 152 27.69 -11.61 -11.10
CA SER E 152 28.78 -12.50 -11.45
C SER E 152 29.64 -11.90 -12.55
N GLY E 153 30.91 -12.29 -12.56
CA GLY E 153 31.85 -11.78 -13.54
C GLY E 153 32.55 -12.87 -14.32
N VAL E 154 32.39 -12.84 -15.65
CA VAL E 154 33.05 -13.79 -16.53
C VAL E 154 34.30 -13.13 -17.09
N HIS E 155 35.44 -13.77 -16.91
CA HIS E 155 36.70 -13.26 -17.42
C HIS E 155 36.77 -13.43 -18.94
N GLN E 156 37.66 -12.64 -19.56
CA GLN E 156 37.82 -12.68 -21.01
C GLN E 156 38.12 -14.09 -21.50
N PHE E 157 37.63 -14.39 -22.70
CA PHE E 157 37.89 -15.63 -23.43
C PHE E 157 37.28 -16.86 -22.78
N CYS E 158 36.57 -16.72 -21.66
CA CYS E 158 36.06 -17.89 -20.95
C CYS E 158 34.85 -18.48 -21.68
N ARG E 159 34.76 -19.80 -21.65
CA ARG E 159 33.67 -20.53 -22.27
C ARG E 159 32.66 -20.97 -21.22
N ILE E 160 31.39 -20.70 -21.47
CA ILE E 160 30.30 -21.14 -20.60
C ILE E 160 29.38 -22.00 -21.47
N ASP E 161 29.64 -23.30 -21.48
CA ASP E 161 28.96 -24.21 -22.38
C ASP E 161 27.53 -24.49 -21.91
N ASP E 162 26.81 -25.28 -22.69
CA ASP E 162 25.37 -25.38 -22.56
C ASP E 162 24.95 -26.01 -21.23
N TYR E 163 23.75 -25.65 -20.78
CA TYR E 163 23.09 -26.23 -19.61
C TYR E 163 23.90 -26.09 -18.33
N SER E 164 24.83 -25.14 -18.28
CA SER E 164 25.55 -24.87 -17.04
C SER E 164 24.76 -23.88 -16.20
N MET E 165 25.22 -23.68 -14.96
CA MET E 165 24.58 -22.74 -14.05
C MET E 165 25.65 -22.16 -13.13
N VAL E 166 25.85 -20.85 -13.23
CA VAL E 166 26.83 -20.13 -12.43
C VAL E 166 26.11 -19.47 -11.27
N GLY E 167 26.61 -19.68 -10.05
CA GLY E 167 26.01 -19.09 -8.89
C GLY E 167 26.22 -17.59 -8.82
N GLY E 168 25.43 -16.94 -7.96
CA GLY E 168 25.54 -15.51 -7.82
C GLY E 168 26.86 -15.08 -7.21
N ALA E 169 27.31 -13.88 -7.62
CA ALA E 169 28.54 -13.28 -7.11
C ALA E 169 29.74 -14.21 -7.32
N SER E 170 29.78 -14.87 -8.47
CA SER E 170 30.86 -15.79 -8.79
C SER E 170 31.86 -15.13 -9.73
N LEU E 171 33.11 -15.58 -9.65
CA LEU E 171 34.19 -15.10 -10.50
C LEU E 171 34.64 -16.25 -11.38
N ILE E 172 34.33 -16.16 -12.67
CA ILE E 172 34.68 -17.19 -13.63
C ILE E 172 35.98 -16.79 -14.31
N VAL E 173 37.05 -17.50 -13.97
CA VAL E 173 38.36 -17.26 -14.57
C VAL E 173 38.72 -18.32 -15.59
N LYS E 174 38.19 -19.52 -15.47
CA LYS E 174 38.46 -20.64 -16.36
C LYS E 174 37.18 -20.99 -17.13
N ASP E 175 37.25 -22.05 -17.92
CA ASP E 175 36.13 -22.46 -18.78
C ASP E 175 35.19 -23.37 -17.99
N VAL E 176 33.89 -23.09 -18.09
CA VAL E 176 32.86 -23.89 -17.44
C VAL E 176 32.33 -24.89 -18.45
N ALA E 177 32.50 -26.18 -18.17
CA ALA E 177 32.02 -27.20 -19.08
C ALA E 177 30.50 -27.28 -19.04
N ALA E 178 29.95 -28.06 -19.98
CA ALA E 178 28.50 -28.21 -20.06
C ALA E 178 27.96 -28.95 -18.83
N TYR E 179 26.74 -28.58 -18.44
CA TYR E 179 25.99 -29.16 -17.33
C TYR E 179 26.61 -28.92 -15.97
N VAL E 180 27.69 -28.15 -15.89
CA VAL E 180 28.44 -27.99 -14.65
C VAL E 180 27.77 -26.90 -13.80
N MET E 181 27.85 -27.09 -12.47
CA MET E 181 27.38 -26.11 -11.50
C MET E 181 28.61 -25.49 -10.84
N ALA E 182 28.83 -24.19 -11.08
CA ALA E 182 29.98 -23.48 -10.56
C ALA E 182 29.52 -22.28 -9.74
N SER E 183 30.27 -21.98 -8.68
CA SER E 183 29.96 -20.85 -7.81
C SER E 183 31.15 -20.59 -6.89
N GLY E 184 31.25 -19.35 -6.43
CA GLY E 184 32.25 -18.95 -5.47
C GLY E 184 33.23 -17.93 -6.02
N ASN E 185 34.14 -17.51 -5.15
CA ASN E 185 35.20 -16.58 -5.52
C ASN E 185 36.51 -16.98 -4.84
N PRO E 186 37.42 -17.63 -5.59
CA PRO E 186 37.26 -18.06 -6.98
C PRO E 186 36.28 -19.22 -7.13
N ALA E 187 35.56 -19.24 -8.25
CA ALA E 187 34.49 -20.21 -8.44
C ALA E 187 35.04 -21.64 -8.48
N LYS E 188 34.38 -22.52 -7.75
CA LYS E 188 34.65 -23.95 -7.76
C LYS E 188 33.49 -24.68 -8.41
N ALA E 189 33.73 -25.93 -8.79
CA ALA E 189 32.71 -26.79 -9.37
C ALA E 189 32.25 -27.79 -8.32
N HIS E 190 30.93 -27.87 -8.10
CA HIS E 190 30.36 -28.80 -7.12
CA HIS E 190 30.35 -28.79 -7.12
C HIS E 190 29.05 -29.38 -7.70
N GLY E 191 29.20 -30.38 -8.56
CA GLY E 191 28.10 -31.17 -9.05
C GLY E 191 27.59 -30.77 -10.42
N LEU E 192 26.40 -31.29 -10.71
CA LEU E 192 25.75 -31.20 -12.02
C LEU E 192 24.41 -30.48 -11.92
N ASN E 193 23.96 -29.97 -13.07
CA ASN E 193 22.64 -29.37 -13.18
C ASN E 193 21.59 -30.48 -13.25
N LYS E 194 21.55 -31.26 -12.17
CA LYS E 194 20.61 -32.39 -12.08
C LYS E 194 19.17 -31.91 -11.98
N GLU E 195 18.91 -31.01 -11.03
CA GLU E 195 17.55 -30.53 -10.80
C GLU E 195 17.04 -29.69 -11.98
N GLY E 196 17.92 -29.15 -12.81
CA GLY E 196 17.48 -28.40 -13.97
C GLY E 196 16.83 -29.31 -15.01
N MET E 197 17.52 -30.38 -15.39
CA MET E 197 16.94 -31.31 -16.35
C MET E 197 15.87 -32.18 -15.70
N ARG E 198 15.87 -32.29 -14.37
CA ARG E 198 14.73 -32.91 -13.69
C ARG E 198 13.48 -32.04 -13.83
N ARG E 199 13.63 -30.73 -13.60
CA ARG E 199 12.52 -29.82 -13.81
C ARG E 199 12.20 -29.60 -15.29
N LYS E 200 13.07 -30.04 -16.19
CA LYS E 200 12.75 -30.11 -17.61
C LYS E 200 12.19 -31.47 -18.02
N GLY E 201 12.27 -32.47 -17.15
CA GLY E 201 11.69 -33.77 -17.40
C GLY E 201 12.46 -34.63 -18.38
N TRP E 202 13.70 -34.96 -18.03
CA TRP E 202 14.54 -35.84 -18.84
C TRP E 202 14.66 -37.20 -18.14
N SER E 203 14.93 -38.23 -18.93
CA SER E 203 14.96 -39.59 -18.42
C SER E 203 16.03 -39.77 -17.35
N LYS E 204 15.69 -40.51 -16.29
CA LYS E 204 16.58 -40.65 -15.15
C LYS E 204 17.83 -41.46 -15.49
N ASP E 205 17.73 -42.40 -16.43
CA ASP E 205 18.92 -43.10 -16.90
C ASP E 205 19.92 -42.13 -17.50
N THR E 206 19.44 -41.17 -18.29
CA THR E 206 20.33 -40.17 -18.87
C THR E 206 21.01 -39.35 -17.77
N ILE E 207 20.27 -39.00 -16.72
CA ILE E 207 20.85 -38.22 -15.63
C ILE E 207 21.91 -39.02 -14.88
N LYS E 208 21.66 -40.31 -14.63
CA LYS E 208 22.66 -41.12 -13.95
C LYS E 208 23.91 -41.29 -14.81
N ALA E 209 23.73 -41.49 -16.13
CA ALA E 209 24.88 -41.64 -17.01
C ALA E 209 25.71 -40.36 -17.06
N LEU E 210 25.04 -39.22 -17.23
CA LEU E 210 25.74 -37.94 -17.24
C LEU E 210 26.44 -37.70 -15.91
N ASP E 211 25.80 -38.08 -14.81
CA ASP E 211 26.45 -37.96 -13.50
C ASP E 211 27.72 -38.78 -13.44
N GLU E 212 27.69 -40.01 -13.95
CA GLU E 212 28.90 -40.82 -13.99
C GLU E 212 29.97 -40.16 -14.86
N ALA E 213 29.56 -39.51 -15.95
CA ALA E 213 30.52 -38.78 -16.78
C ALA E 213 31.19 -37.65 -16.00
N TYR E 214 30.40 -36.86 -15.27
CA TYR E 214 30.98 -35.81 -14.44
C TYR E 214 31.95 -36.38 -13.43
N ARG E 215 31.55 -37.44 -12.72
CA ARG E 215 32.46 -38.10 -11.79
C ARG E 215 33.77 -38.47 -12.49
N LEU E 216 33.67 -38.99 -13.71
CA LEU E 216 34.86 -39.37 -14.48
C LEU E 216 35.76 -38.17 -14.72
N VAL E 217 35.20 -37.08 -15.23
CA VAL E 217 36.02 -35.93 -15.61
C VAL E 217 36.65 -35.27 -14.39
N PHE E 218 35.84 -34.94 -13.38
CA PHE E 218 36.27 -34.12 -12.27
C PHE E 218 36.68 -34.91 -11.04
N ARG E 219 35.85 -35.86 -10.60
CA ARG E 219 36.04 -36.48 -9.29
C ARG E 219 36.70 -37.86 -9.36
N SER E 220 37.77 -37.99 -10.15
CA SER E 220 38.47 -39.26 -10.26
C SER E 220 39.95 -39.10 -10.57
N GLY E 221 40.51 -37.89 -10.46
CA GLY E 221 41.87 -37.55 -10.81
C GLY E 221 42.41 -38.19 -12.07
N LEU E 222 41.94 -37.70 -13.22
CA LEU E 222 42.48 -38.01 -14.53
C LEU E 222 42.88 -36.73 -15.23
N LEU E 223 43.86 -36.83 -16.13
CA LEU E 223 44.21 -35.71 -16.99
C LEU E 223 43.15 -35.57 -18.08
N ARG E 224 43.32 -34.54 -18.91
CA ARG E 224 42.36 -34.26 -19.97
C ARG E 224 42.31 -35.40 -20.98
N ASP E 225 43.48 -35.83 -21.45
CA ASP E 225 43.53 -36.90 -22.45
C ASP E 225 42.98 -38.21 -21.89
N GLU E 226 43.35 -38.56 -20.65
CA GLU E 226 42.88 -39.82 -20.07
C GLU E 226 41.36 -39.81 -19.88
N ALA E 227 40.81 -38.70 -19.38
CA ALA E 227 39.35 -38.58 -19.26
C ALA E 227 38.69 -38.72 -20.62
N LEU E 228 39.15 -37.93 -21.59
CA LEU E 228 38.62 -38.02 -22.96
C LEU E 228 38.60 -39.46 -23.44
N ASP E 229 39.72 -40.18 -23.25
CA ASP E 229 39.80 -41.59 -23.62
C ASP E 229 38.84 -42.46 -22.81
N GLU E 230 38.45 -42.02 -21.61
CA GLU E 230 37.46 -42.77 -20.84
C GLU E 230 36.04 -42.53 -21.35
N LEU E 231 35.81 -41.40 -22.00
CA LEU E 231 34.54 -41.05 -22.63
C LEU E 231 34.31 -41.78 -23.95
N THR E 232 35.25 -42.61 -24.41
CA THR E 232 35.15 -43.24 -25.72
C THR E 232 33.91 -44.11 -25.87
N LYS E 233 33.65 -45.01 -24.93
CA LYS E 233 32.58 -45.98 -25.14
C LYS E 233 31.22 -45.52 -24.63
N LEU E 234 31.20 -44.51 -23.75
CA LEU E 234 29.93 -44.06 -23.18
C LEU E 234 29.10 -43.22 -24.15
N VAL E 235 29.70 -42.75 -25.24
CA VAL E 235 29.00 -41.86 -26.16
C VAL E 235 27.84 -42.57 -26.83
N GLU E 236 28.07 -43.80 -27.30
CA GLU E 236 27.00 -44.54 -27.96
C GLU E 236 25.97 -45.07 -26.97
N LYS E 237 26.37 -45.29 -25.71
CA LYS E 237 25.41 -45.71 -24.70
C LYS E 237 24.55 -44.53 -24.24
N GLU E 238 25.08 -43.31 -24.35
CA GLU E 238 24.33 -42.09 -24.06
C GLU E 238 24.91 -40.96 -24.91
N PRO E 239 24.13 -40.40 -25.83
CA PRO E 239 24.73 -39.47 -26.81
C PRO E 239 25.07 -38.11 -26.23
N LYS E 240 24.31 -37.64 -25.24
CA LYS E 240 24.47 -36.28 -24.74
C LYS E 240 25.90 -36.01 -24.24
N ILE E 241 26.60 -37.07 -23.82
CA ILE E 241 27.99 -36.95 -23.37
C ILE E 241 28.85 -36.21 -24.38
N GLN E 242 28.46 -36.26 -25.67
CA GLN E 242 29.19 -35.52 -26.70
C GLN E 242 29.38 -34.06 -26.32
N LEU E 243 28.31 -33.39 -25.88
CA LEU E 243 28.39 -31.99 -25.49
C LEU E 243 29.47 -31.75 -24.44
N LEU E 244 29.71 -32.73 -23.56
CA LEU E 244 30.76 -32.60 -22.57
C LEU E 244 32.14 -32.70 -23.22
N ILE E 245 32.32 -33.67 -24.13
CA ILE E 245 33.61 -33.84 -24.80
C ILE E 245 34.01 -32.56 -25.52
N ASP E 246 33.06 -31.95 -26.24
CA ASP E 246 33.30 -30.66 -26.87
C ASP E 246 33.88 -29.66 -25.86
N SER E 247 33.28 -29.60 -24.68
CA SER E 247 33.77 -28.72 -23.62
C SER E 247 35.25 -28.90 -23.36
N ILE E 248 35.72 -30.14 -23.39
CA ILE E 248 37.14 -30.39 -23.15
C ILE E 248 37.97 -29.97 -24.36
N ASN E 249 37.46 -30.23 -25.57
CA ASN E 249 38.24 -29.94 -26.77
C ASN E 249 38.26 -28.45 -27.09
N ASN E 250 37.20 -27.72 -26.75
CA ASN E 250 37.13 -26.29 -26.97
C ASN E 250 37.75 -25.48 -25.82
N SER E 251 38.21 -26.14 -24.77
CA SER E 251 38.74 -25.46 -23.60
C SER E 251 40.18 -25.04 -23.86
N LYS E 252 40.41 -23.74 -24.02
CA LYS E 252 41.75 -23.21 -24.22
C LYS E 252 42.33 -22.57 -22.96
N ARG E 253 41.50 -22.25 -21.98
CA ARG E 253 41.94 -21.63 -20.74
C ARG E 253 42.00 -22.61 -19.57
N GLY E 254 41.68 -23.87 -19.80
CA GLY E 254 41.58 -24.84 -18.74
C GLY E 254 40.14 -25.13 -18.35
N LEU E 255 39.99 -25.75 -17.18
CA LEU E 255 38.69 -26.17 -16.69
C LEU E 255 38.56 -25.81 -15.22
N VAL E 256 37.36 -26.02 -14.69
CA VAL E 256 37.09 -25.77 -13.28
C VAL E 256 37.22 -27.05 -12.47
N MET F 1 -33.73 39.27 12.25
CA MET F 1 -34.88 38.85 11.45
C MET F 1 -35.18 37.37 11.70
N THR F 2 -36.41 36.95 11.43
CA THR F 2 -36.79 35.57 11.66
C THR F 2 -36.13 34.62 10.66
N ILE F 3 -35.60 35.14 9.55
CA ILE F 3 -34.89 34.35 8.55
C ILE F 3 -33.44 34.79 8.56
N HIS F 4 -32.53 33.82 8.67
CA HIS F 4 -31.11 34.15 8.74
C HIS F 4 -30.61 34.62 7.37
N PRO F 5 -29.73 35.63 7.33
CA PRO F 5 -29.25 36.13 6.03
C PRO F 5 -28.63 35.07 5.14
N THR F 6 -27.84 34.16 5.70
CA THR F 6 -27.16 33.14 4.91
C THR F 6 -28.10 32.06 4.41
N ALA F 7 -29.40 32.14 4.70
CA ALA F 7 -30.35 31.16 4.19
C ALA F 7 -30.72 31.49 2.75
N ILE F 8 -30.83 30.45 1.93
CA ILE F 8 -31.20 30.58 0.52
C ILE F 8 -32.63 30.07 0.35
N ILE F 9 -33.52 30.97 -0.06
CA ILE F 9 -34.92 30.64 -0.25
C ILE F 9 -35.32 31.05 -1.66
N ASP F 10 -35.92 30.12 -2.40
CA ASP F 10 -36.46 30.44 -3.72
C ASP F 10 -37.61 31.43 -3.59
N LYS F 11 -37.77 32.27 -4.61
CA LYS F 11 -38.83 33.26 -4.58
C LYS F 11 -40.21 32.60 -4.54
N SER F 12 -40.37 31.48 -5.24
CA SER F 12 -41.68 30.82 -5.30
C SER F 12 -42.09 30.22 -3.96
N ALA F 13 -41.18 30.10 -3.00
CA ALA F 13 -41.52 29.57 -1.69
C ALA F 13 -42.13 30.65 -0.82
N MET F 14 -43.14 30.25 -0.04
CA MET F 14 -43.79 31.15 0.91
C MET F 14 -43.48 30.69 2.33
N ILE F 15 -43.01 31.62 3.16
CA ILE F 15 -42.67 31.38 4.55
C ILE F 15 -43.52 32.30 5.41
N ALA F 16 -44.14 31.74 6.44
CA ALA F 16 -44.93 32.57 7.34
C ALA F 16 -44.01 33.50 8.14
N ASP F 17 -44.61 34.58 8.65
CA ASP F 17 -43.83 35.56 9.41
C ASP F 17 -43.25 34.96 10.69
N SER F 18 -44.01 34.09 11.35
CA SER F 18 -43.59 33.52 12.63
C SER F 18 -42.66 32.32 12.47
N ALA F 19 -42.39 31.88 11.25
CA ALA F 19 -41.49 30.74 11.04
C ALA F 19 -40.04 31.22 11.10
N ILE F 20 -39.22 30.47 11.83
CA ILE F 20 -37.81 30.82 12.05
C ILE F 20 -36.95 29.84 11.27
N ILE F 21 -36.10 30.37 10.39
CA ILE F 21 -35.19 29.58 9.58
C ILE F 21 -33.76 30.00 9.94
N GLY F 22 -32.96 29.05 10.40
CA GLY F 22 -31.63 29.34 10.87
C GLY F 22 -30.62 29.51 9.75
N PRO F 23 -29.34 29.50 10.09
CA PRO F 23 -28.31 29.78 9.09
C PRO F 23 -28.11 28.59 8.15
N TYR F 24 -27.76 28.92 6.90
CA TYR F 24 -27.29 27.94 5.92
C TYR F 24 -28.38 26.93 5.55
N CYS F 25 -29.63 27.35 5.59
CA CYS F 25 -30.73 26.51 5.14
C CYS F 25 -31.06 26.80 3.68
N ILE F 26 -31.65 25.82 3.02
CA ILE F 26 -32.06 25.95 1.62
C ILE F 26 -33.49 25.44 1.48
N VAL F 27 -34.34 26.28 0.90
CA VAL F 27 -35.74 25.94 0.63
C VAL F 27 -35.95 25.98 -0.88
N GLY F 28 -36.64 24.97 -1.41
CA GLY F 28 -36.74 24.78 -2.84
C GLY F 28 -37.95 25.45 -3.45
N LYS F 29 -38.19 25.10 -4.72
CA LYS F 29 -39.24 25.74 -5.50
C LYS F 29 -40.62 25.24 -5.08
N ASN F 30 -41.56 26.17 -4.97
CA ASN F 30 -42.97 25.87 -4.68
C ASN F 30 -43.11 25.07 -3.40
N SER F 31 -42.39 25.49 -2.37
CA SER F 31 -42.48 24.90 -1.04
C SER F 31 -43.05 25.93 -0.08
N GLN F 32 -43.74 25.45 0.95
CA GLN F 32 -44.33 26.35 1.94
C GLN F 32 -44.02 25.85 3.35
N ILE F 33 -43.77 26.80 4.23
CA ILE F 33 -43.51 26.54 5.64
C ILE F 33 -44.55 27.28 6.47
N GLY F 34 -45.21 26.57 7.38
CA GLY F 34 -46.29 27.14 8.15
C GLY F 34 -45.77 28.07 9.25
N ALA F 35 -46.72 28.55 10.05
CA ALA F 35 -46.38 29.48 11.12
C ALA F 35 -45.66 28.75 12.25
N HIS F 36 -44.83 29.50 12.98
CA HIS F 36 -44.20 29.00 14.21
C HIS F 36 -43.40 27.72 13.99
N THR F 37 -42.91 27.51 12.78
CA THR F 37 -42.10 26.35 12.46
C THR F 37 -40.64 26.77 12.49
N VAL F 38 -39.82 26.00 13.19
CA VAL F 38 -38.43 26.36 13.43
C VAL F 38 -37.54 25.39 12.67
N LEU F 39 -36.72 25.92 11.78
CA LEU F 39 -35.67 25.16 11.10
C LEU F 39 -34.33 25.63 11.62
N ARG F 40 -33.60 24.74 12.30
CA ARG F 40 -32.29 25.09 12.81
C ARG F 40 -31.31 25.20 11.64
N SER F 41 -30.00 25.14 11.91
CA SER F 41 -29.03 25.33 10.84
C SER F 41 -28.99 24.12 9.91
N HIS F 42 -28.45 24.33 8.71
CA HIS F 42 -28.19 23.28 7.72
C HIS F 42 -29.39 22.36 7.48
N VAL F 43 -30.52 22.94 7.11
CA VAL F 43 -31.72 22.18 6.76
C VAL F 43 -32.01 22.37 5.27
N ILE F 44 -32.26 21.27 4.58
CA ILE F 44 -32.58 21.28 3.15
C ILE F 44 -34.08 21.01 3.00
N ILE F 45 -34.78 21.93 2.34
CA ILE F 45 -36.18 21.76 1.98
C ILE F 45 -36.24 21.63 0.47
N GLY F 46 -36.59 20.45 -0.02
CA GLY F 46 -36.65 20.20 -1.44
C GLY F 46 -37.83 20.89 -2.10
N GLU F 47 -37.92 20.71 -3.41
CA GLU F 47 -39.04 21.26 -4.16
C GLU F 47 -40.34 20.59 -3.73
N ASN F 48 -41.44 21.32 -3.93
CA ASN F 48 -42.79 20.77 -3.76
C ASN F 48 -42.97 20.13 -2.39
N THR F 49 -42.82 20.94 -1.35
CA THR F 49 -42.87 20.46 0.02
C THR F 49 -43.76 21.37 0.86
N LYS F 50 -44.77 20.78 1.49
CA LYS F 50 -45.64 21.49 2.41
C LYS F 50 -45.28 21.12 3.84
N ILE F 51 -45.13 22.12 4.70
CA ILE F 51 -44.75 21.91 6.09
C ILE F 51 -45.74 22.68 6.97
N GLY F 52 -46.29 22.01 7.97
CA GLY F 52 -47.31 22.57 8.83
C GLY F 52 -46.80 23.55 9.85
N VAL F 53 -47.48 23.59 11.01
CA VAL F 53 -47.22 24.56 12.06
C VAL F 53 -46.53 23.87 13.22
N HIS F 54 -45.77 24.65 13.99
CA HIS F 54 -45.12 24.18 15.22
C HIS F 54 -44.18 23.00 14.98
N ASN F 55 -43.58 22.91 13.80
CA ASN F 55 -42.63 21.86 13.53
C ASN F 55 -41.22 22.28 13.94
N ASP F 56 -40.44 21.30 14.38
CA ASP F 56 -39.06 21.52 14.81
C ASP F 56 -38.18 20.56 14.02
N ILE F 57 -37.42 21.10 13.07
CA ILE F 57 -36.58 20.31 12.17
C ILE F 57 -35.12 20.64 12.49
N TYR F 58 -34.35 19.61 12.83
CA TYR F 58 -32.97 19.80 13.27
C TYR F 58 -32.02 19.81 12.07
N GLN F 59 -30.73 19.96 12.37
CA GLN F 59 -29.72 20.18 11.36
C GLN F 59 -29.46 18.93 10.52
N PHE F 60 -28.98 19.16 9.30
CA PHE F 60 -28.53 18.12 8.38
C PHE F 60 -29.67 17.21 7.94
N ALA F 61 -30.91 17.67 8.09
CA ALA F 61 -32.08 16.90 7.67
C ALA F 61 -32.46 17.29 6.25
N SER F 62 -32.72 16.29 5.41
CA SER F 62 -33.14 16.49 4.04
C SER F 62 -34.63 16.23 3.94
N ILE F 63 -35.42 17.29 3.84
CA ILE F 63 -36.88 17.22 3.84
C ILE F 63 -37.36 17.50 2.43
N GLY F 64 -37.88 16.46 1.76
CA GLY F 64 -38.45 16.62 0.44
C GLY F 64 -37.51 16.44 -0.72
N GLU F 65 -36.51 15.58 -0.59
CA GLU F 65 -35.58 15.36 -1.69
C GLU F 65 -36.18 14.34 -2.67
N ASN F 66 -35.61 14.30 -3.87
CA ASN F 66 -36.11 13.40 -4.90
C ASN F 66 -35.97 11.94 -4.47
N PRO F 67 -36.88 11.07 -4.91
CA PRO F 67 -36.82 9.66 -4.50
C PRO F 67 -35.55 8.95 -4.97
N GLN F 68 -35.30 7.80 -4.37
CA GLN F 68 -34.23 6.91 -4.77
C GLN F 68 -34.72 5.78 -5.65
N ASP F 69 -35.97 5.84 -6.11
CA ASP F 69 -36.50 4.81 -6.97
C ASP F 69 -35.78 4.85 -8.33
N LEU F 70 -35.34 3.69 -8.80
CA LEU F 70 -34.59 3.62 -10.05
C LEU F 70 -35.41 4.07 -11.25
N LYS F 71 -36.74 3.97 -11.18
CA LYS F 71 -37.59 4.36 -12.29
C LYS F 71 -38.01 5.82 -12.24
N TYR F 72 -37.88 6.48 -11.10
CA TYR F 72 -38.19 7.90 -11.01
C TYR F 72 -37.31 8.71 -11.96
N ALA F 73 -37.93 9.45 -12.87
CA ALA F 73 -37.22 10.19 -13.90
C ALA F 73 -37.36 11.70 -13.76
N GLY F 74 -37.51 12.19 -12.53
CA GLY F 74 -37.52 13.62 -12.29
C GLY F 74 -38.83 14.34 -12.58
N GLU F 75 -39.96 13.66 -12.44
CA GLU F 75 -41.25 14.29 -12.67
C GLU F 75 -41.64 15.14 -11.46
N GLN F 76 -42.90 15.56 -11.41
CA GLN F 76 -43.40 16.42 -10.34
C GLN F 76 -44.00 15.55 -9.24
N THR F 77 -43.41 15.61 -8.05
CA THR F 77 -43.91 14.86 -6.90
C THR F 77 -43.79 15.75 -5.66
N TYR F 78 -44.52 15.37 -4.61
CA TYR F 78 -44.78 16.28 -3.50
C TYR F 78 -44.60 15.56 -2.16
N LEU F 79 -44.40 16.37 -1.12
CA LEU F 79 -44.31 15.90 0.26
C LEU F 79 -45.16 16.79 1.16
N GLU F 80 -45.91 16.18 2.07
CA GLU F 80 -46.75 16.90 3.01
C GLU F 80 -46.36 16.53 4.44
N ILE F 81 -46.22 17.56 5.28
CA ILE F 81 -45.86 17.38 6.69
C ILE F 81 -46.89 18.12 7.54
N GLY F 82 -47.38 17.46 8.59
CA GLY F 82 -48.35 18.06 9.48
C GLY F 82 -47.78 19.01 10.50
N ASP F 83 -48.34 19.00 11.71
CA ASP F 83 -48.00 19.94 12.76
C ASP F 83 -47.32 19.26 13.93
N HIS F 84 -46.59 20.07 14.72
CA HIS F 84 -46.00 19.63 15.99
C HIS F 84 -45.13 18.38 15.82
N ASN F 85 -44.31 18.37 14.77
CA ASN F 85 -43.41 17.26 14.50
C ASN F 85 -42.00 17.66 14.86
N ARG F 86 -41.29 16.78 15.57
CA ARG F 86 -39.89 16.99 15.91
C ARG F 86 -39.07 16.05 15.05
N ILE F 87 -38.31 16.62 14.11
CA ILE F 87 -37.51 15.87 13.16
C ILE F 87 -36.04 16.11 13.52
N ARG F 88 -35.35 15.07 13.95
CA ARG F 88 -34.00 15.20 14.49
C ARG F 88 -32.96 15.21 13.37
N GLU F 89 -31.69 15.16 13.76
CA GLU F 89 -30.58 15.32 12.84
C GLU F 89 -30.55 14.20 11.80
N ALA F 90 -30.04 14.54 10.62
CA ALA F 90 -29.73 13.60 9.54
C ALA F 90 -30.95 12.88 8.98
N CYS F 91 -32.15 13.30 9.35
CA CYS F 91 -33.36 12.66 8.84
C CYS F 91 -33.52 12.91 7.35
N THR F 92 -33.93 11.87 6.63
CA THR F 92 -34.16 11.97 5.19
C THR F 92 -35.59 11.54 4.88
N ILE F 93 -36.38 12.47 4.35
CA ILE F 93 -37.73 12.19 3.89
C ILE F 93 -37.80 12.58 2.42
N HIS F 94 -38.19 11.63 1.57
CA HIS F 94 -38.18 11.83 0.13
C HIS F 94 -39.60 11.93 -0.39
N ARG F 95 -39.76 12.66 -1.49
CA ARG F 95 -41.06 12.84 -2.10
C ARG F 95 -41.52 11.56 -2.79
N GLY F 96 -42.79 11.52 -3.15
CA GLY F 96 -43.38 10.34 -3.76
C GLY F 96 -42.89 10.10 -5.17
N THR F 97 -43.43 9.05 -5.79
CA THR F 97 -43.24 8.76 -7.20
C THR F 97 -44.59 8.71 -7.89
N VAL F 98 -44.63 9.18 -9.14
CA VAL F 98 -45.90 9.27 -9.87
C VAL F 98 -46.54 7.90 -10.08
N GLN F 99 -45.77 6.82 -9.95
CA GLN F 99 -46.35 5.49 -10.10
C GLN F 99 -47.28 5.12 -8.94
N ASP F 100 -47.30 5.90 -7.85
CA ASP F 100 -48.16 5.64 -6.71
C ASP F 100 -48.62 6.99 -6.14
N ARG F 101 -49.56 7.62 -6.84
CA ARG F 101 -50.23 8.85 -6.41
C ARG F 101 -49.28 10.05 -6.31
N GLY F 102 -47.97 9.80 -6.29
CA GLY F 102 -47.00 10.89 -6.35
C GLY F 102 -46.90 11.78 -5.13
N ILE F 103 -47.06 11.22 -3.93
CA ILE F 103 -46.98 12.01 -2.71
C ILE F 103 -46.48 11.15 -1.56
N THR F 104 -45.76 11.80 -0.64
CA THR F 104 -45.41 11.25 0.65
C THR F 104 -46.04 12.11 1.73
N ARG F 105 -46.76 11.48 2.66
CA ARG F 105 -47.47 12.18 3.71
C ARG F 105 -47.00 11.74 5.08
N ILE F 106 -46.81 12.70 5.99
CA ILE F 106 -46.60 12.42 7.39
C ILE F 106 -47.53 13.31 8.20
N GLY F 107 -47.98 12.79 9.34
CA GLY F 107 -49.00 13.45 10.12
C GLY F 107 -48.51 14.45 11.15
N ASN F 108 -49.03 14.35 12.37
CA ASN F 108 -48.78 15.30 13.44
C ASN F 108 -48.20 14.60 14.67
N GLN F 109 -47.54 15.40 15.51
CA GLN F 109 -47.07 14.96 16.82
C GLN F 109 -46.10 13.77 16.70
N ASN F 110 -45.29 13.75 15.65
CA ASN F 110 -44.36 12.66 15.42
C ASN F 110 -42.97 13.03 15.95
N LEU F 111 -42.24 11.99 16.39
CA LEU F 111 -40.85 12.14 16.80
C LEU F 111 -39.99 11.26 15.89
N LEU F 112 -39.15 11.90 15.10
CA LEU F 112 -38.23 11.20 14.19
C LEU F 112 -36.81 11.44 14.69
N MET F 113 -36.20 10.41 15.27
CA MET F 113 -34.89 10.55 15.89
C MET F 113 -33.80 10.63 14.82
N VAL F 114 -32.54 10.56 15.25
CA VAL F 114 -31.42 10.78 14.34
C VAL F 114 -31.43 9.76 13.21
N ASN F 115 -31.27 10.26 11.98
CA ASN F 115 -31.12 9.41 10.79
C ASN F 115 -32.32 8.48 10.60
N VAL F 116 -33.51 9.07 10.61
CA VAL F 116 -34.74 8.35 10.28
C VAL F 116 -35.04 8.56 8.81
N HIS F 117 -35.05 7.47 8.04
CA HIS F 117 -35.30 7.52 6.61
C HIS F 117 -36.75 7.20 6.32
N ILE F 118 -37.42 8.07 5.57
CA ILE F 118 -38.79 7.87 5.13
C ILE F 118 -38.78 7.93 3.60
N ALA F 119 -38.86 6.77 2.96
CA ALA F 119 -38.68 6.68 1.53
C ALA F 119 -39.91 7.23 0.79
N HIS F 120 -39.81 7.23 -0.54
CA HIS F 120 -40.86 7.75 -1.40
C HIS F 120 -42.20 7.06 -1.15
N ASP F 121 -43.27 7.86 -1.24
CA ASP F 121 -44.65 7.40 -1.24
C ASP F 121 -45.11 6.81 0.08
N CYS F 122 -44.39 7.10 1.17
CA CYS F 122 -44.80 6.61 2.47
C CYS F 122 -45.95 7.45 3.02
N VAL F 123 -46.71 6.83 3.93
CA VAL F 123 -47.81 7.49 4.63
C VAL F 123 -47.62 7.24 6.12
N VAL F 124 -47.50 8.33 6.89
CA VAL F 124 -47.25 8.25 8.33
C VAL F 124 -48.36 8.99 9.04
N GLY F 125 -48.94 8.35 10.06
CA GLY F 125 -50.01 8.94 10.83
C GLY F 125 -49.54 9.91 11.89
N ASP F 126 -50.21 9.92 13.03
CA ASP F 126 -49.93 10.86 14.11
C ASP F 126 -49.36 10.14 15.33
N ASP F 127 -48.73 10.93 16.21
CA ASP F 127 -48.28 10.49 17.53
C ASP F 127 -47.33 9.29 17.44
N ASN F 128 -46.47 9.29 16.42
CA ASN F 128 -45.54 8.20 16.21
C ASN F 128 -44.14 8.56 16.72
N VAL F 129 -43.38 7.54 17.09
CA VAL F 129 -42.02 7.70 17.61
C VAL F 129 -41.13 6.72 16.87
N LEU F 130 -40.31 7.23 15.95
CA LEU F 130 -39.32 6.43 15.23
C LEU F 130 -37.94 6.70 15.83
N ALA F 131 -37.27 5.64 16.27
CA ALA F 131 -36.02 5.78 17.00
C ALA F 131 -34.85 6.00 16.04
N ASN F 132 -33.63 6.00 16.58
CA ASN F 132 -32.44 6.28 15.80
C ASN F 132 -32.28 5.27 14.66
N ASN F 133 -31.77 5.75 13.53
CA ASN F 133 -31.34 4.91 12.40
C ASN F 133 -32.47 4.01 11.89
N VAL F 134 -33.71 4.44 12.03
CA VAL F 134 -34.84 3.68 11.50
C VAL F 134 -34.99 3.98 10.02
N GLY F 135 -35.00 2.93 9.21
CA GLY F 135 -35.20 3.08 7.78
C GLY F 135 -36.51 2.48 7.33
N VAL F 136 -37.36 3.29 6.70
CA VAL F 136 -38.68 2.86 6.25
C VAL F 136 -38.68 2.93 4.72
N ALA F 137 -38.83 1.77 4.08
CA ALA F 137 -38.74 1.71 2.63
C ALA F 137 -40.01 2.29 2.00
N GLY F 138 -39.99 2.39 0.68
CA GLY F 138 -41.04 3.11 -0.02
C GLY F 138 -42.40 2.45 0.12
N HIS F 139 -43.45 3.27 0.01
CA HIS F 139 -44.85 2.87 -0.03
C HIS F 139 -45.34 2.29 1.29
N ALA F 140 -44.60 2.46 2.39
CA ALA F 140 -45.01 1.90 3.66
C ALA F 140 -46.09 2.75 4.31
N HIS F 141 -46.80 2.13 5.25
CA HIS F 141 -47.87 2.79 6.01
C HIS F 141 -47.56 2.69 7.49
N ILE F 142 -47.44 3.84 8.16
CA ILE F 142 -47.33 3.92 9.60
C ILE F 142 -48.64 4.48 10.15
N GLY F 143 -49.24 3.76 11.09
CA GLY F 143 -50.50 4.18 11.67
C GLY F 143 -50.34 5.30 12.68
N ASN F 144 -51.05 5.19 13.80
CA ASN F 144 -51.02 6.19 14.85
C ASN F 144 -50.54 5.56 16.16
N HIS F 145 -49.83 6.35 16.96
CA HIS F 145 -49.33 5.94 18.26
C HIS F 145 -48.43 4.70 18.14
N VAL F 146 -47.62 4.66 17.08
CA VAL F 146 -46.73 3.54 16.81
C VAL F 146 -45.34 3.88 17.33
N ILE F 147 -44.64 2.86 17.84
CA ILE F 147 -43.26 2.99 18.28
C ILE F 147 -42.44 1.95 17.52
N ILE F 148 -41.33 2.38 16.93
CA ILE F 148 -40.43 1.49 16.21
C ILE F 148 -39.03 1.67 16.79
N GLY F 149 -38.44 0.56 17.24
CA GLY F 149 -37.16 0.62 17.91
C GLY F 149 -36.03 1.01 16.98
N GLY F 150 -34.90 1.34 17.60
CA GLY F 150 -33.78 1.87 16.84
C GLY F 150 -33.21 0.86 15.86
N GLN F 151 -32.50 1.39 14.85
CA GLN F 151 -31.86 0.65 13.77
C GLN F 151 -32.73 -0.47 13.22
N SER F 152 -34.05 -0.23 13.15
CA SER F 152 -34.98 -1.20 12.59
C SER F 152 -35.28 -0.84 11.14
N GLY F 153 -35.62 -1.86 10.36
CA GLY F 153 -35.90 -1.67 8.94
C GLY F 153 -37.25 -2.20 8.50
N VAL F 154 -38.09 -1.33 7.95
CA VAL F 154 -39.39 -1.71 7.43
C VAL F 154 -39.27 -1.88 5.91
N HIS F 155 -39.67 -3.04 5.42
CA HIS F 155 -39.61 -3.29 3.98
C HIS F 155 -40.72 -2.53 3.27
N GLN F 156 -40.51 -2.32 1.97
CA GLN F 156 -41.48 -1.57 1.16
C GLN F 156 -42.86 -2.20 1.23
N PHE F 157 -43.88 -1.35 1.12
CA PHE F 157 -45.30 -1.70 1.07
C PHE F 157 -45.84 -2.25 2.38
N CYS F 158 -45.01 -2.37 3.42
CA CYS F 158 -45.45 -2.97 4.67
C CYS F 158 -46.35 -2.02 5.46
N ARG F 159 -47.35 -2.58 6.13
CA ARG F 159 -48.27 -1.82 6.95
C ARG F 159 -47.90 -1.98 8.43
N ILE F 160 -47.81 -0.85 9.12
CA ILE F 160 -47.56 -0.83 10.57
C ILE F 160 -48.75 -0.11 11.19
N ASP F 161 -49.77 -0.87 11.57
CA ASP F 161 -51.03 -0.29 12.01
C ASP F 161 -50.90 0.24 13.44
N ASP F 162 -51.99 0.84 13.93
CA ASP F 162 -51.94 1.68 15.12
C ASP F 162 -51.57 0.89 16.37
N TYR F 163 -50.97 1.60 17.33
CA TYR F 163 -50.67 1.10 18.67
C TYR F 163 -49.77 -0.13 18.67
N SER F 164 -49.04 -0.38 17.58
CA SER F 164 -48.07 -1.45 17.55
C SER F 164 -46.73 -0.96 18.10
N MET F 165 -45.80 -1.89 18.30
CA MET F 165 -44.47 -1.54 18.79
C MET F 165 -43.46 -2.51 18.20
N VAL F 166 -42.53 -1.97 17.42
CA VAL F 166 -41.47 -2.77 16.79
C VAL F 166 -40.22 -2.63 17.62
N GLY F 167 -39.61 -3.76 17.97
CA GLY F 167 -38.39 -3.75 18.76
C GLY F 167 -37.20 -3.23 17.97
N GLY F 168 -36.14 -2.90 18.70
CA GLY F 168 -34.94 -2.40 18.07
C GLY F 168 -34.26 -3.46 17.23
N ALA F 169 -33.60 -3.00 16.16
CA ALA F 169 -32.85 -3.86 15.25
C ALA F 169 -33.72 -4.98 14.70
N SER F 170 -34.96 -4.65 14.37
CA SER F 170 -35.91 -5.61 13.82
C SER F 170 -36.05 -5.41 12.32
N LEU F 171 -36.36 -6.50 11.62
CA LEU F 171 -36.56 -6.49 10.18
C LEU F 171 -38.02 -6.84 9.89
N ILE F 172 -38.78 -5.87 9.43
CA ILE F 172 -40.21 -6.04 9.15
C ILE F 172 -40.35 -6.34 7.67
N VAL F 173 -40.74 -7.58 7.36
CA VAL F 173 -40.91 -8.01 5.97
C VAL F 173 -42.40 -8.09 5.64
N LYS F 174 -43.23 -8.32 6.65
CA LYS F 174 -44.67 -8.46 6.48
C LYS F 174 -45.39 -7.30 7.17
N ASP F 175 -46.71 -7.36 7.17
CA ASP F 175 -47.54 -6.30 7.75
C ASP F 175 -47.74 -6.56 9.24
N VAL F 176 -47.55 -5.52 10.04
CA VAL F 176 -47.73 -5.60 11.48
C VAL F 176 -49.14 -5.13 11.80
N ALA F 177 -49.95 -6.02 12.38
CA ALA F 177 -51.31 -5.66 12.75
C ALA F 177 -51.31 -4.71 13.94
N ALA F 178 -52.48 -4.17 14.25
CA ALA F 178 -52.61 -3.23 15.35
C ALA F 178 -52.34 -3.92 16.68
N TYR F 179 -51.77 -3.16 17.62
CA TYR F 179 -51.47 -3.54 19.00
C TYR F 179 -50.42 -4.65 19.09
N VAL F 180 -49.81 -5.06 17.98
CA VAL F 180 -48.90 -6.20 18.00
C VAL F 180 -47.51 -5.73 18.42
N MET F 181 -46.80 -6.62 19.12
CA MET F 181 -45.41 -6.41 19.52
C MET F 181 -44.54 -7.36 18.69
N ALA F 182 -43.72 -6.78 17.82
CA ALA F 182 -42.85 -7.56 16.93
C ALA F 182 -41.40 -7.15 17.15
N SER F 183 -40.50 -8.12 17.04
CA SER F 183 -39.07 -7.88 17.20
C SER F 183 -38.31 -9.11 16.69
N GLY F 184 -37.07 -8.88 16.29
CA GLY F 184 -36.17 -9.93 15.88
C GLY F 184 -35.79 -9.81 14.42
N ASN F 185 -34.94 -10.75 14.00
CA ASN F 185 -34.50 -10.83 12.61
C ASN F 185 -34.43 -12.28 12.17
N PRO F 186 -35.44 -12.74 11.40
CA PRO F 186 -36.64 -11.98 11.01
C PRO F 186 -37.61 -11.77 12.17
N ALA F 187 -38.28 -10.62 12.17
CA ALA F 187 -39.16 -10.27 13.28
C ALA F 187 -40.33 -11.24 13.37
N LYS F 188 -40.74 -11.52 14.60
CA LYS F 188 -41.88 -12.39 14.87
C LYS F 188 -42.77 -11.74 15.92
N ALA F 189 -44.02 -12.21 15.98
CA ALA F 189 -44.97 -11.68 16.94
C ALA F 189 -44.65 -12.20 18.34
N HIS F 190 -44.68 -11.30 19.33
CA HIS F 190 -44.36 -11.65 20.71
C HIS F 190 -45.35 -10.98 21.65
N GLY F 191 -46.63 -11.32 21.51
CA GLY F 191 -47.64 -10.84 22.43
C GLY F 191 -48.25 -9.52 22.01
N LEU F 192 -48.88 -8.87 23.00
CA LEU F 192 -49.65 -7.65 22.78
C LEU F 192 -48.99 -6.49 23.53
N ASN F 193 -49.20 -5.28 23.00
CA ASN F 193 -48.64 -4.07 23.59
C ASN F 193 -49.48 -3.59 24.78
N LYS F 194 -49.50 -4.42 25.83
CA LYS F 194 -50.21 -4.05 27.04
C LYS F 194 -49.51 -2.90 27.76
N GLU F 195 -48.22 -2.70 27.50
CA GLU F 195 -47.47 -1.63 28.15
C GLU F 195 -48.01 -0.26 27.75
N GLY F 196 -48.39 -0.10 26.49
CA GLY F 196 -48.82 1.19 25.99
C GLY F 196 -50.22 1.59 26.40
N MET F 197 -51.22 0.73 26.17
CA MET F 197 -52.57 1.07 26.59
C MET F 197 -52.75 0.92 28.10
N ARG F 198 -51.87 0.16 28.76
CA ARG F 198 -51.85 0.17 30.21
C ARG F 198 -51.27 1.47 30.73
N ARG F 199 -50.21 1.96 30.08
CA ARG F 199 -49.66 3.27 30.41
C ARG F 199 -50.63 4.39 30.03
N LYS F 200 -51.37 4.23 28.94
CA LYS F 200 -52.33 5.25 28.52
C LYS F 200 -53.54 5.32 29.43
N GLY F 201 -53.85 4.23 30.14
CA GLY F 201 -54.98 4.24 31.05
C GLY F 201 -56.27 3.74 30.42
N TRP F 202 -56.26 2.47 30.00
CA TRP F 202 -57.44 1.82 29.44
C TRP F 202 -58.01 0.84 30.45
N SER F 203 -59.31 0.57 30.32
CA SER F 203 -59.98 -0.32 31.26
C SER F 203 -59.38 -1.72 31.22
N LYS F 204 -59.22 -2.32 32.39
CA LYS F 204 -58.63 -3.66 32.47
C LYS F 204 -59.49 -4.68 31.73
N ASP F 205 -60.80 -4.51 31.75
CA ASP F 205 -61.66 -5.35 30.92
C ASP F 205 -61.33 -5.18 29.45
N THR F 206 -61.11 -3.94 29.01
CA THR F 206 -60.76 -3.71 27.61
C THR F 206 -59.45 -4.38 27.23
N ILE F 207 -58.43 -4.28 28.09
CA ILE F 207 -57.14 -4.89 27.76
C ILE F 207 -57.24 -6.40 27.75
N LYS F 208 -58.00 -6.99 28.69
CA LYS F 208 -58.16 -8.44 28.67
C LYS F 208 -58.90 -8.89 27.41
N ALA F 209 -59.91 -8.11 26.98
CA ALA F 209 -60.65 -8.47 25.78
C ALA F 209 -59.77 -8.41 24.54
N LEU F 210 -59.02 -7.32 24.37
CA LEU F 210 -58.09 -7.23 23.24
C LEU F 210 -57.05 -8.32 23.27
N ASP F 211 -56.54 -8.67 24.46
CA ASP F 211 -55.60 -9.78 24.58
C ASP F 211 -56.23 -11.08 24.09
N GLU F 212 -57.48 -11.34 24.49
CA GLU F 212 -58.17 -12.53 24.02
C GLU F 212 -58.32 -12.50 22.50
N ALA F 213 -58.54 -11.32 21.93
CA ALA F 213 -58.56 -11.19 20.47
C ALA F 213 -57.21 -11.56 19.87
N TYR F 214 -56.12 -11.09 20.47
CA TYR F 214 -54.78 -11.45 19.99
C TYR F 214 -54.60 -12.96 19.98
N ARG F 215 -54.83 -13.63 21.12
CA ARG F 215 -54.66 -15.08 21.14
C ARG F 215 -55.65 -15.78 20.22
N LEU F 216 -56.76 -15.13 19.88
CA LEU F 216 -57.63 -15.64 18.83
C LEU F 216 -56.91 -15.63 17.49
N VAL F 217 -56.36 -14.48 17.10
CA VAL F 217 -55.77 -14.33 15.78
C VAL F 217 -54.48 -15.14 15.66
N PHE F 218 -53.55 -14.95 16.59
CA PHE F 218 -52.20 -15.49 16.44
C PHE F 218 -51.97 -16.79 17.20
N ARG F 219 -51.90 -16.72 18.52
CA ARG F 219 -51.41 -17.83 19.33
C ARG F 219 -52.23 -19.09 19.09
N SER F 220 -53.53 -19.05 19.39
CA SER F 220 -54.44 -20.15 19.09
C SER F 220 -55.07 -20.01 17.72
N GLY F 221 -54.55 -19.11 16.88
CA GLY F 221 -55.01 -18.86 15.53
C GLY F 221 -55.36 -20.12 14.77
N LEU F 222 -56.37 -20.01 13.91
CA LEU F 222 -56.69 -20.98 12.88
C LEU F 222 -56.49 -20.51 11.45
N LEU F 223 -57.43 -19.71 10.94
CA LEU F 223 -57.24 -19.03 9.67
C LEU F 223 -57.79 -17.61 9.55
N ARG F 224 -57.31 -16.88 8.52
CA ARG F 224 -57.64 -15.47 8.36
C ARG F 224 -59.14 -15.24 8.38
N ASP F 225 -59.86 -15.85 7.44
CA ASP F 225 -61.31 -15.73 7.40
C ASP F 225 -61.96 -16.31 8.65
N GLU F 226 -61.48 -17.49 9.08
CA GLU F 226 -62.07 -18.17 10.23
C GLU F 226 -61.91 -17.33 11.49
N ALA F 227 -60.72 -16.75 11.69
CA ALA F 227 -60.55 -15.81 12.79
C ALA F 227 -61.49 -14.61 12.64
N LEU F 228 -61.47 -13.97 11.47
CA LEU F 228 -62.27 -12.78 11.21
C LEU F 228 -63.73 -12.94 11.62
N ASP F 229 -64.38 -14.02 11.19
CA ASP F 229 -65.79 -14.18 11.53
C ASP F 229 -65.99 -14.32 13.03
N GLU F 230 -64.97 -14.79 13.75
CA GLU F 230 -65.06 -14.87 15.21
C GLU F 230 -64.79 -13.53 15.88
N LEU F 231 -63.98 -12.66 15.28
CA LEU F 231 -63.82 -11.34 15.89
C LEU F 231 -65.00 -10.42 15.60
N THR F 232 -65.76 -10.71 14.54
CA THR F 232 -66.93 -9.89 14.24
C THR F 232 -68.00 -10.02 15.30
N LYS F 233 -67.98 -11.10 16.09
CA LYS F 233 -68.88 -11.26 17.22
C LYS F 233 -68.36 -10.57 18.48
N LEU F 234 -67.03 -10.48 18.63
CA LEU F 234 -66.44 -9.72 19.72
C LEU F 234 -66.48 -8.22 19.49
N VAL F 235 -66.79 -7.78 18.27
CA VAL F 235 -66.78 -6.34 17.97
C VAL F 235 -67.79 -5.61 18.83
N GLU F 236 -69.04 -6.08 18.83
CA GLU F 236 -70.10 -5.37 19.51
C GLU F 236 -69.97 -5.44 21.03
N LYS F 237 -69.14 -6.35 21.55
CA LYS F 237 -68.90 -6.43 22.99
C LYS F 237 -67.76 -5.52 23.43
N GLU F 238 -66.80 -5.25 22.55
CA GLU F 238 -65.71 -4.31 22.82
C GLU F 238 -65.33 -3.70 21.48
N PRO F 239 -65.48 -2.39 21.31
CA PRO F 239 -65.38 -1.81 19.95
C PRO F 239 -63.97 -1.74 19.39
N LYS F 240 -62.95 -1.56 20.23
CA LYS F 240 -61.60 -1.32 19.72
C LYS F 240 -61.11 -2.46 18.82
N ILE F 241 -61.65 -3.67 19.01
CA ILE F 241 -61.31 -4.82 18.19
C ILE F 241 -61.42 -4.51 16.70
N GLN F 242 -62.29 -3.55 16.34
CA GLN F 242 -62.42 -3.14 14.94
C GLN F 242 -61.06 -2.83 14.31
N LEU F 243 -60.23 -2.04 15.01
CA LEU F 243 -58.93 -1.67 14.47
C LEU F 243 -58.11 -2.90 14.09
N LEU F 244 -58.27 -4.01 14.81
CA LEU F 244 -57.56 -5.23 14.46
C LEU F 244 -58.09 -5.83 13.17
N ILE F 245 -59.43 -5.89 13.03
CA ILE F 245 -60.04 -6.46 11.82
C ILE F 245 -59.58 -5.69 10.59
N ASP F 246 -59.56 -4.36 10.67
CA ASP F 246 -59.00 -3.56 9.58
C ASP F 246 -57.63 -4.07 9.18
N SER F 247 -56.76 -4.28 10.19
CA SER F 247 -55.43 -4.81 9.94
C SER F 247 -55.46 -6.09 9.10
N ILE F 248 -56.46 -6.95 9.36
CA ILE F 248 -56.54 -8.20 8.62
C ILE F 248 -56.98 -7.95 7.18
N ASN F 249 -57.96 -7.07 6.97
CA ASN F 249 -58.44 -6.85 5.61
C ASN F 249 -57.50 -5.96 4.81
N ASN F 250 -56.77 -5.08 5.49
CA ASN F 250 -55.82 -4.18 4.83
C ASN F 250 -54.47 -4.85 4.58
N SER F 251 -54.30 -6.10 4.99
CA SER F 251 -53.02 -6.78 4.86
C SER F 251 -52.91 -7.37 3.45
N LYS F 252 -51.97 -6.84 2.67
CA LYS F 252 -51.67 -7.35 1.34
C LYS F 252 -50.48 -8.30 1.32
N ARG F 253 -49.52 -8.11 2.21
CA ARG F 253 -48.27 -8.84 2.19
C ARG F 253 -48.23 -9.99 3.18
N GLY F 254 -49.33 -10.24 3.89
CA GLY F 254 -49.38 -11.23 4.94
C GLY F 254 -49.33 -10.62 6.32
N LEU F 255 -49.06 -11.44 7.33
CA LEU F 255 -48.99 -10.96 8.70
C LEU F 255 -47.81 -11.56 9.43
N VAL F 256 -47.47 -11.03 10.58
CA VAL F 256 -46.33 -11.53 11.33
C VAL F 256 -46.70 -12.23 12.64
C1 GOL G . 15.49 -10.82 -9.45
O1 GOL G . 14.68 -9.93 -10.18
C2 GOL G . 15.12 -12.25 -9.82
O2 GOL G . 14.59 -12.30 -11.11
C3 GOL G . 14.09 -12.78 -8.83
O3 GOL G . 13.56 -13.99 -9.29
CAC FLC H . 35.72 -15.06 12.29
CA FLC H . 35.32 -15.06 13.76
CB FLC H . 33.91 -14.52 13.93
CBC FLC H . 33.48 -14.64 15.38
CG FLC H . 33.88 -13.05 13.50
CGC FLC H . 34.95 -12.28 14.28
OA1 FLC H . 35.16 -15.84 11.48
OA2 FLC H . 36.59 -14.25 11.88
OB1 FLC H . 34.31 -14.44 16.30
OB2 FLC H . 32.28 -14.94 15.66
OG1 FLC H . 36.08 -12.10 13.77
OG2 FLC H . 34.69 -11.82 15.42
OHB FLC H . 33.03 -15.25 13.11
C1 GOL I . -10.23 -9.70 12.42
O1 GOL I . -11.03 -8.53 12.41
C2 GOL I . -11.13 -10.93 12.48
O2 GOL I . -12.46 -10.53 12.69
C3 GOL I . -10.68 -11.83 13.62
O3 GOL I . -11.48 -13.00 13.63
C1 GOL J . -13.92 -12.58 -8.43
O1 GOL J . -15.23 -13.04 -8.69
C2 GOL J . -13.44 -11.67 -9.56
O2 GOL J . -14.41 -11.67 -10.58
C3 GOL J . -12.13 -12.21 -10.13
O3 GOL J . -11.58 -11.25 -11.00
CAC FLC K . -13.44 1.59 9.12
CA FLC K . -13.49 0.51 10.20
CB FLC K . -12.55 -0.63 9.83
CBC FLC K . -11.11 -0.21 10.13
CG FLC K . -12.89 -1.87 10.64
CGC FLC K . -12.90 -1.51 12.13
OA1 FLC K . -14.50 1.99 8.57
OA2 FLC K . -12.32 2.09 8.79
OB1 FLC K . -10.88 0.78 10.87
OB2 FLC K . -10.14 -0.85 9.63
OG1 FLC K . -13.91 -1.76 12.83
OG2 FLC K . -11.89 -0.98 12.65
OHB FLC K . -12.67 -0.92 8.47
C1 GOL L . 29.19 7.48 0.92
O1 GOL L . 29.98 8.34 1.71
C2 GOL L . 30.05 6.31 0.46
O2 GOL L . 31.12 6.14 1.36
C3 GOL L . 30.61 6.60 -0.92
O3 GOL L . 29.54 6.81 -1.82
C1 GOL M . 51.53 -16.60 -1.31
O1 GOL M . 50.35 -16.06 -0.75
C2 GOL M . 51.96 -15.73 -2.50
O2 GOL M . 52.72 -14.64 -2.02
C3 GOL M . 50.72 -15.20 -3.21
O3 GOL M . 49.91 -16.29 -3.62
C1 GOL N . -33.61 5.96 24.68
O1 GOL N . -34.56 5.43 23.77
C2 GOL N . -33.23 7.36 24.22
O2 GOL N . -34.34 8.22 24.37
C3 GOL N . -32.84 7.32 22.74
O3 GOL N . -32.23 8.53 22.36
C1 GOL O . -0.84 21.11 24.76
O1 GOL O . -1.34 19.89 25.25
C2 GOL O . -1.19 22.24 25.72
O2 GOL O . -2.57 22.50 25.64
C3 GOL O . -0.41 23.49 25.34
O3 GOL O . 0.81 23.11 24.73
C1 GOL P . -5.48 13.79 17.46
O1 GOL P . -5.34 14.93 18.28
C2 GOL P . -5.57 12.55 18.35
O2 GOL P . -6.09 12.90 19.62
C3 GOL P . -4.17 11.97 18.53
O3 GOL P . -4.23 10.86 19.40
C1 GOL Q . 38.19 -5.45 -20.63
O1 GOL Q . 38.87 -6.56 -20.07
C2 GOL Q . 37.43 -5.91 -21.87
O2 GOL Q . 38.30 -5.89 -22.98
C3 GOL Q . 36.24 -4.99 -22.12
O3 GOL Q . 35.22 -5.23 -21.17
C1 GOL R . 4.35 -9.72 -39.87
O1 GOL R . 5.23 -8.68 -39.53
C2 GOL R . 4.81 -11.02 -39.22
O2 GOL R . 5.51 -11.80 -40.16
C3 GOL R . 3.61 -11.81 -38.71
O3 GOL R . 3.00 -11.09 -37.66
C1 GOL S . -36.21 2.90 -0.49
O1 GOL S . -35.29 3.95 -0.36
C2 GOL S . -36.10 2.27 -1.88
O2 GOL S . -36.60 3.19 -2.83
C3 GOL S . -36.94 0.99 -1.93
O3 GOL S . -36.50 0.11 -0.92
#